data_5M8R
#
_entry.id   5M8R
#
_cell.length_a   89.353
_cell.length_b   139.727
_cell.length_c   190.951
_cell.angle_alpha   90.000
_cell.angle_beta   90.000
_cell.angle_gamma   90.000
#
_symmetry.space_group_name_H-M   'P 21 21 21'
#
loop_
_entity.id
_entity.type
_entity.pdbx_description
1 polymer '5,6-dihydroxyindole-2-carboxylic acid oxidase'
2 branched 2-acetamido-2-deoxy-beta-D-glucopyranose-(1-4)-[alpha-L-fucopyranose-(1-6)]2-acetamido-2-deoxy-beta-D-glucopyranose
3 branched 2-acetamido-2-deoxy-beta-D-glucopyranose-(1-4)-2-acetamido-2-deoxy-beta-D-glucopyranose
4 branched alpha-D-mannopyranose-(1-3)-alpha-D-mannopyranose-(1-4)-2-acetamido-2-deoxy-beta-D-glucopyranose-(1-4)-2-acetamido-2-deoxy-beta-D-glucopyranose
5 branched alpha-L-fucopyranose-(1-6)-2-acetamido-2-deoxy-beta-D-glucopyranose
6 non-polymer 2-acetamido-2-deoxy-beta-D-glucopyranose
7 non-polymer 'ZINC ION'
8 non-polymer MIMOSINE
9 water water
#
_entity_poly.entity_id   1
_entity_poly.type   'polypeptide(L)'
_entity_poly.pdbx_seq_one_letter_code
;QFPRQCATVEALRSGMCCPDLSPVSGPGTDRCGSSSGRGRCEAVTADSRPHSPQYPHDGRDDREVWPLRFFNRTCHCNGN
FSGHNCGTCRPGWRGAACDQRVLIVRRNLLDLSKEEKNHFVRALDMAKRTTHPLFVIATRRSEEILGPDGNTPQFENISI
YNYFVWTHYYSVKKTFLGVGQESFGEVDFSHEGPAFLTWHRYHLLRLEKDMQEMLQEPSFSLPYWNFATGKNVCDICTDD
LMGSRSNFDSTLISPNSVFSQWRVVCDSLEDYDTLGTLCNSTEDGPIRRNPAGNVARPMVQRLPEPQDVAQCLEVGLFDT
PPFYSNSTNSFRNTVEGFSDPTGKYDPAVSSLHNLAHLFLNGTGGQVHLSPNDPIFVLLHTFTDAVFDEWLRRYNADIST
FPLENAPIGHNRQYNMVPFWPPVTNTEMFVTAPDNLGYTYEIQWPS
;
_entity_poly.pdbx_strand_id   A,B,C,D
#
loop_
_chem_comp.id
_chem_comp.type
_chem_comp.name
_chem_comp.formula
FUC L-saccharide, alpha linking alpha-L-fucopyranose 'C6 H12 O5'
MAN D-saccharide, alpha linking alpha-D-mannopyranose 'C6 H12 O6'
MMS non-polymer MIMOSINE 'C8 H10 N2 O4'
NAG D-saccharide, beta linking 2-acetamido-2-deoxy-beta-D-glucopyranose 'C8 H15 N O6'
ZN non-polymer 'ZINC ION' 'Zn 2'
#
# COMPACT_ATOMS: atom_id res chain seq x y z
N GLN A 1 9.00 24.63 -16.71
CA GLN A 1 9.11 23.94 -18.03
C GLN A 1 10.57 23.57 -18.21
N PHE A 2 11.14 23.47 -19.39
CA PHE A 2 12.38 22.72 -19.22
C PHE A 2 13.60 23.56 -19.56
N PRO A 3 14.72 23.32 -18.87
CA PRO A 3 15.99 23.95 -19.26
C PRO A 3 16.28 23.67 -20.72
N ARG A 4 16.78 24.70 -21.42
CA ARG A 4 17.02 24.57 -22.86
C ARG A 4 18.00 23.43 -23.17
N GLN A 5 18.94 23.14 -22.27
CA GLN A 5 19.85 22.05 -22.55
C GLN A 5 19.20 20.67 -22.38
N CYS A 6 18.06 20.59 -21.71
CA CYS A 6 17.28 19.37 -21.69
C CYS A 6 16.22 19.31 -22.79
N ALA A 7 15.91 20.42 -23.47
CA ALA A 7 14.95 20.41 -24.56
C ALA A 7 15.62 20.00 -25.86
N THR A 8 16.26 18.83 -25.83
CA THR A 8 17.02 18.30 -26.95
C THR A 8 16.58 16.88 -27.24
N VAL A 9 16.89 16.44 -28.47
CA VAL A 9 16.61 15.06 -28.85
C VAL A 9 17.26 14.09 -27.87
N GLU A 10 18.56 14.27 -27.60
CA GLU A 10 19.25 13.33 -26.73
C GLU A 10 18.62 13.27 -25.35
N ALA A 11 18.29 14.43 -24.78
CA ALA A 11 17.80 14.46 -23.41
C ALA A 11 16.41 13.85 -23.30
N LEU A 12 15.56 14.10 -24.28
CA LEU A 12 14.21 13.57 -24.21
C LEU A 12 14.18 12.08 -24.47
N ARG A 13 15.07 11.58 -25.34
CA ARG A 13 15.15 10.14 -25.57
C ARG A 13 15.70 9.43 -24.35
N SER A 14 16.70 10.02 -23.69
CA SER A 14 17.27 9.40 -22.50
C SER A 14 16.31 9.45 -21.32
N GLY A 15 15.32 10.33 -21.33
CA GLY A 15 14.52 10.57 -20.14
C GLY A 15 15.28 11.25 -19.01
N MET A 16 16.46 11.79 -19.27
CA MET A 16 17.28 12.40 -18.23
C MET A 16 17.42 13.90 -18.49
N CYS A 17 16.98 14.70 -17.52
CA CYS A 17 17.27 16.12 -17.49
C CYS A 17 18.23 16.39 -16.32
N CYS A 18 19.52 16.17 -16.57
CA CYS A 18 20.55 16.33 -15.55
C CYS A 18 21.74 17.06 -16.15
N PRO A 19 21.58 18.36 -16.42
CA PRO A 19 22.60 19.04 -17.23
C PRO A 19 23.87 19.29 -16.44
N ASP A 20 24.96 19.47 -17.19
CA ASP A 20 26.25 19.84 -16.64
C ASP A 20 26.18 21.19 -15.94
N LEU A 21 27.09 21.40 -14.99
CA LEU A 21 27.31 22.72 -14.41
C LEU A 21 28.57 23.37 -14.97
N SER A 22 29.75 22.88 -14.55
CA SER A 22 31.05 23.32 -15.06
C SER A 22 31.87 22.08 -15.41
N PRO A 23 31.66 21.50 -16.60
CA PRO A 23 32.35 20.27 -17.00
C PRO A 23 33.80 20.53 -17.44
N VAL A 24 34.75 20.01 -16.66
CA VAL A 24 36.16 20.18 -16.96
C VAL A 24 36.80 18.89 -17.46
N SER A 25 35.99 17.89 -17.80
CA SER A 25 36.51 16.66 -18.40
C SER A 25 35.74 16.27 -19.66
N GLY A 26 34.86 17.13 -20.16
CA GLY A 26 34.04 16.80 -21.31
C GLY A 26 32.56 16.78 -20.93
N PRO A 27 31.68 16.61 -21.93
CA PRO A 27 30.25 16.61 -21.64
C PRO A 27 29.89 15.51 -20.66
N GLY A 28 28.79 15.73 -19.92
CA GLY A 28 28.31 14.77 -18.95
C GLY A 28 29.21 14.52 -17.76
N THR A 29 30.21 15.37 -17.52
CA THR A 29 31.17 15.14 -16.44
C THR A 29 30.82 15.86 -15.15
N ASP A 30 30.01 16.91 -15.21
CA ASP A 30 29.60 17.65 -14.02
C ASP A 30 28.07 17.76 -13.95
N ARG A 31 27.38 16.62 -14.10
CA ARG A 31 25.92 16.64 -14.01
C ARG A 31 25.50 17.01 -12.59
N CYS A 32 24.62 18.01 -12.48
CA CYS A 32 24.11 18.48 -11.21
C CYS A 32 25.24 19.00 -10.32
N GLY A 33 26.34 19.40 -10.94
CA GLY A 33 27.50 19.85 -10.18
C GLY A 33 28.05 18.79 -9.25
N SER A 34 28.03 17.51 -9.68
CA SER A 34 28.51 16.43 -8.83
C SER A 34 30.02 16.41 -8.68
N SER A 35 30.79 17.17 -9.49
CA SER A 35 32.23 17.27 -9.28
C SER A 35 32.55 18.01 -7.98
N SER A 36 31.87 19.13 -7.73
CA SER A 36 31.89 19.76 -6.42
C SER A 36 30.87 19.06 -5.54
N GLY A 37 30.41 19.71 -4.49
CA GLY A 37 29.50 18.94 -3.66
C GLY A 37 28.05 19.22 -3.93
N ARG A 38 27.72 19.67 -5.12
CA ARG A 38 26.49 20.46 -5.25
C ARG A 38 25.26 19.59 -5.45
N GLY A 39 25.39 18.40 -6.03
CA GLY A 39 24.22 17.58 -6.23
C GLY A 39 24.54 16.40 -7.12
N ARG A 40 23.50 15.63 -7.42
CA ARG A 40 23.68 14.42 -8.21
C ARG A 40 22.41 14.12 -9.00
N CYS A 41 22.60 13.48 -10.15
CA CYS A 41 21.48 13.00 -10.94
C CYS A 41 20.87 11.79 -10.26
N GLU A 42 19.54 11.75 -10.18
CA GLU A 42 18.86 10.63 -9.56
C GLU A 42 17.47 10.47 -10.13
N ALA A 43 16.81 9.38 -9.72
CA ALA A 43 15.46 9.09 -10.17
C ALA A 43 14.48 10.12 -9.63
N VAL A 44 13.46 10.42 -10.43
CA VAL A 44 12.41 11.37 -10.06
C VAL A 44 11.50 10.77 -9.00
N THR A 45 11.26 11.52 -7.93
CA THR A 45 10.21 11.21 -6.96
C THR A 45 8.94 11.88 -7.48
N ALA A 46 7.95 11.10 -7.85
CA ALA A 46 6.66 11.65 -8.23
C ALA A 46 5.57 10.92 -7.47
N ASP A 47 4.44 11.60 -7.30
CA ASP A 47 3.32 11.09 -6.54
C ASP A 47 2.62 9.99 -7.32
N SER A 48 2.35 8.86 -6.67
CA SER A 48 1.59 7.77 -7.30
C SER A 48 0.28 7.49 -6.60
N ARG A 49 -0.17 8.36 -5.70
CA ARG A 49 -1.41 8.14 -4.99
C ARG A 49 -2.61 8.36 -5.92
N PRO A 50 -3.79 7.90 -5.53
CA PRO A 50 -4.99 8.15 -6.34
C PRO A 50 -5.49 9.58 -6.21
N HIS A 51 -6.20 10.01 -7.26
CA HIS A 51 -6.87 11.29 -7.32
C HIS A 51 -8.39 11.10 -7.36
N SER A 52 -9.11 12.22 -7.33
CA SER A 52 -10.56 12.17 -7.34
C SER A 52 -11.04 11.51 -8.64
N PRO A 53 -12.23 10.89 -8.61
CA PRO A 53 -12.80 10.30 -9.84
C PRO A 53 -13.17 11.32 -10.90
N GLN A 54 -13.01 12.62 -10.61
CA GLN A 54 -13.44 13.66 -11.52
C GLN A 54 -12.73 13.60 -12.86
N TYR A 55 -11.44 13.25 -12.84
CA TYR A 55 -10.67 13.10 -14.04
C TYR A 55 -10.70 11.64 -14.44
N PRO A 56 -11.33 11.28 -15.56
CA PRO A 56 -11.41 9.86 -15.97
C PRO A 56 -10.41 9.41 -17.02
N HIS A 57 -9.45 10.26 -17.44
CA HIS A 57 -8.65 9.98 -18.63
C HIS A 57 -7.19 9.65 -18.31
N ASP A 58 -6.97 8.96 -17.19
CA ASP A 58 -5.65 8.47 -16.84
C ASP A 58 -4.97 7.84 -18.05
N GLY A 59 -3.79 8.32 -18.37
CA GLY A 59 -3.02 7.84 -19.49
C GLY A 59 -3.08 8.72 -20.72
N ARG A 60 -3.90 9.76 -20.69
CA ARG A 60 -4.07 10.60 -21.87
C ARG A 60 -3.29 11.91 -21.84
N ASP A 61 -2.79 12.34 -20.68
CA ASP A 61 -2.40 13.74 -20.48
C ASP A 61 -0.99 13.84 -19.89
N ASP A 62 -0.10 14.56 -20.60
CA ASP A 62 1.30 14.70 -20.19
C ASP A 62 1.49 15.25 -18.78
N ARG A 63 0.47 15.86 -18.19
CA ARG A 63 0.61 16.45 -16.88
C ARG A 63 0.42 15.45 -15.73
N GLU A 64 -0.11 14.27 -16.01
CA GLU A 64 -0.27 13.25 -14.99
C GLU A 64 1.10 12.84 -14.48
N VAL A 65 1.19 12.54 -13.17
CA VAL A 65 2.42 12.13 -12.48
C VAL A 65 3.62 12.97 -12.96
N TRP A 66 3.43 14.28 -13.02
CA TRP A 66 4.47 15.24 -13.36
C TRP A 66 5.76 14.97 -12.60
N PRO A 67 6.91 14.88 -13.29
CA PRO A 67 7.19 15.01 -14.73
C PRO A 67 7.52 13.72 -15.49
N LEU A 68 6.98 12.57 -15.07
CA LEU A 68 7.48 11.31 -15.61
C LEU A 68 7.20 11.11 -17.11
N ARG A 69 6.23 11.81 -17.70
CA ARG A 69 6.03 11.63 -19.13
C ARG A 69 7.12 12.26 -19.96
N PHE A 70 8.01 13.02 -19.35
CA PHE A 70 9.14 13.61 -20.06
C PHE A 70 10.49 13.14 -19.52
N PHE A 71 10.65 13.06 -18.20
CA PHE A 71 11.93 12.73 -17.61
C PHE A 71 11.71 11.87 -16.37
N ASN A 72 12.57 10.86 -16.19
CA ASN A 72 12.57 10.08 -14.97
C ASN A 72 13.88 10.21 -14.20
N ARG A 73 14.76 11.13 -14.61
CA ARG A 73 15.98 11.46 -13.90
C ARG A 73 16.13 12.97 -13.79
N THR A 74 16.40 13.46 -12.58
CA THR A 74 16.58 14.87 -12.30
C THR A 74 17.78 15.09 -11.41
N CYS A 75 18.14 16.35 -11.29
CA CYS A 75 19.11 16.80 -10.31
C CYS A 75 18.46 16.88 -8.94
N HIS A 76 19.14 16.35 -7.93
CA HIS A 76 18.80 16.64 -6.54
C HIS A 76 20.00 17.35 -5.95
N CYS A 77 19.76 18.53 -5.41
CA CYS A 77 20.85 19.35 -4.96
C CYS A 77 21.11 19.11 -3.48
N ASN A 78 22.39 19.18 -3.14
CA ASN A 78 22.88 18.98 -1.78
C ASN A 78 22.64 20.24 -0.96
N GLY A 79 22.11 20.07 0.25
CA GLY A 79 22.09 21.19 1.20
C GLY A 79 21.21 22.34 0.76
N ASN A 80 21.79 23.55 0.72
CA ASN A 80 21.05 24.73 0.28
C ASN A 80 21.42 25.16 -1.12
N PHE A 81 22.12 24.32 -1.88
CA PHE A 81 22.18 24.54 -3.31
C PHE A 81 20.82 24.21 -3.93
N SER A 82 20.61 24.70 -5.14
CA SER A 82 19.34 24.52 -5.81
C SER A 82 19.54 24.81 -7.29
N GLY A 83 18.46 24.70 -8.05
CA GLY A 83 18.48 24.96 -9.48
C GLY A 83 18.52 23.67 -10.28
N HIS A 84 18.22 23.83 -11.57
CA HIS A 84 18.11 22.68 -12.45
C HIS A 84 19.41 21.91 -12.53
N ASN A 85 20.55 22.57 -12.33
CA ASN A 85 21.85 21.91 -12.37
C ASN A 85 22.62 22.19 -11.10
N CYS A 86 21.91 22.59 -10.04
CA CYS A 86 22.46 22.77 -8.70
C CYS A 86 23.48 23.90 -8.65
N GLY A 87 23.45 24.77 -9.65
CA GLY A 87 24.32 25.93 -9.78
C GLY A 87 23.84 27.17 -9.09
N THR A 88 22.71 27.10 -8.37
CA THR A 88 22.28 28.29 -7.63
C THR A 88 21.88 27.88 -6.22
N CYS A 89 21.18 28.73 -5.48
CA CYS A 89 20.87 28.46 -4.08
C CYS A 89 19.37 28.35 -3.86
N ARG A 90 19.02 27.64 -2.80
CA ARG A 90 17.64 27.62 -2.31
C ARG A 90 17.19 29.03 -1.94
N PRO A 91 15.88 29.29 -2.05
CA PRO A 91 15.32 30.58 -1.61
C PRO A 91 15.77 30.97 -0.22
N GLY A 92 16.22 32.23 -0.07
CA GLY A 92 16.71 32.74 1.19
C GLY A 92 18.22 32.66 1.37
N TRP A 93 18.95 32.18 0.37
CA TRP A 93 20.38 31.91 0.50
C TRP A 93 21.10 32.39 -0.75
N ARG A 94 22.32 32.88 -0.55
CA ARG A 94 23.15 33.37 -1.63
C ARG A 94 24.62 33.06 -1.33
N GLY A 95 25.47 33.33 -2.32
CA GLY A 95 26.89 33.08 -2.23
C GLY A 95 27.28 31.77 -2.92
N ALA A 96 28.56 31.69 -3.29
CA ALA A 96 29.06 30.49 -3.96
C ALA A 96 28.79 29.22 -3.15
N ALA A 97 28.79 29.29 -1.82
CA ALA A 97 28.48 28.16 -0.98
C ALA A 97 27.05 28.19 -0.42
N CYS A 98 26.23 29.14 -0.84
CA CYS A 98 24.83 29.20 -0.43
C CYS A 98 24.70 29.23 1.10
N ASP A 99 25.53 30.06 1.72
CA ASP A 99 25.64 30.14 3.18
C ASP A 99 25.41 31.53 3.74
N GLN A 100 25.05 32.51 2.91
CA GLN A 100 24.70 33.85 3.36
C GLN A 100 23.18 34.03 3.22
N ARG A 101 22.51 34.18 4.36
CA ARG A 101 21.05 34.33 4.37
C ARG A 101 20.63 35.71 3.88
N VAL A 102 19.57 35.74 3.08
CA VAL A 102 18.91 36.97 2.69
C VAL A 102 17.46 36.89 3.17
N LEU A 103 16.85 38.07 3.30
CA LEU A 103 15.43 38.18 3.63
C LEU A 103 14.92 39.39 2.90
N ILE A 104 14.15 39.20 1.83
CA ILE A 104 13.61 40.35 1.12
C ILE A 104 12.21 40.61 1.63
N VAL A 105 11.79 41.87 1.55
CA VAL A 105 10.52 42.32 2.09
C VAL A 105 9.61 42.68 0.92
N ARG A 106 8.42 42.12 0.91
CA ARG A 106 7.42 42.44 -0.08
C ARG A 106 6.48 43.46 0.54
N ARG A 107 6.31 44.58 -0.16
CA ARG A 107 5.67 45.76 0.41
C ARG A 107 4.41 46.09 -0.36
N ASN A 108 3.52 46.82 0.30
CA ASN A 108 2.35 47.37 -0.40
C ASN A 108 2.81 48.30 -1.51
N LEU A 109 2.34 48.03 -2.74
CA LEU A 109 2.75 48.83 -3.90
C LEU A 109 2.52 50.31 -3.68
N LEU A 110 1.47 50.66 -2.93
CA LEU A 110 1.13 52.05 -2.73
C LEU A 110 2.10 52.76 -1.79
N ASP A 111 2.82 52.02 -0.93
CA ASP A 111 3.79 52.56 0.01
C ASP A 111 5.19 52.78 -0.57
N LEU A 112 5.43 52.41 -1.82
CA LEU A 112 6.75 52.57 -2.41
C LEU A 112 7.01 54.03 -2.77
N SER A 113 8.28 54.42 -2.70
CA SER A 113 8.68 55.75 -3.17
C SER A 113 8.40 55.89 -4.67
N LYS A 114 8.32 57.15 -5.13
CA LYS A 114 8.07 57.42 -6.53
C LYS A 114 9.08 56.71 -7.43
N GLU A 115 10.35 56.68 -6.99
CA GLU A 115 11.38 56.02 -7.76
C GLU A 115 11.24 54.50 -7.71
N GLU A 116 10.71 53.96 -6.60
CA GLU A 116 10.48 52.51 -6.52
C GLU A 116 9.28 52.07 -7.35
N LYS A 117 8.20 52.87 -7.34
CA LYS A 117 7.10 52.60 -8.26
C LYS A 117 7.59 52.56 -9.71
N ASN A 118 8.43 53.53 -10.10
CA ASN A 118 8.88 53.56 -11.48
C ASN A 118 9.90 52.46 -11.76
N HIS A 119 10.66 52.06 -10.74
CA HIS A 119 11.59 50.96 -10.95
C HIS A 119 10.86 49.63 -11.14
N PHE A 120 9.74 49.44 -10.45
CA PHE A 120 9.01 48.20 -10.55
C PHE A 120 8.31 48.08 -11.90
N VAL A 121 7.64 49.16 -12.34
CA VAL A 121 6.96 49.16 -13.63
C VAL A 121 7.94 48.86 -14.76
N ARG A 122 9.11 49.50 -14.74
CA ARG A 122 10.10 49.26 -15.78
C ARG A 122 10.69 47.85 -15.71
N ALA A 123 10.94 47.33 -14.51
CA ALA A 123 11.42 45.95 -14.38
C ALA A 123 10.42 44.97 -15.01
N LEU A 124 9.13 45.16 -14.74
CA LEU A 124 8.13 44.27 -15.32
C LEU A 124 8.17 44.36 -16.83
N ASP A 125 8.24 45.58 -17.35
CA ASP A 125 8.29 45.79 -18.78
C ASP A 125 9.52 45.11 -19.37
N MET A 126 10.65 45.23 -18.67
CA MET A 126 11.86 44.56 -19.11
C MET A 126 11.70 43.04 -19.13
N ALA A 127 10.94 42.46 -18.18
CA ALA A 127 10.72 41.02 -18.18
C ALA A 127 9.83 40.59 -19.33
N LYS A 128 8.88 41.45 -19.73
CA LYS A 128 8.03 41.15 -20.88
C LYS A 128 8.83 40.99 -22.17
N ARG A 129 9.98 41.68 -22.29
CA ARG A 129 10.72 41.77 -23.54
C ARG A 129 12.01 40.96 -23.55
N THR A 130 12.45 40.44 -22.39
CA THR A 130 13.75 39.79 -22.23
C THR A 130 13.57 38.28 -22.25
N THR A 131 14.35 37.61 -23.09
CA THR A 131 14.25 36.16 -23.24
C THR A 131 14.67 35.46 -21.93
N HIS A 132 13.91 34.45 -21.54
CA HIS A 132 14.27 33.69 -20.36
C HIS A 132 15.59 32.99 -20.64
N PRO A 133 16.63 33.22 -19.84
CA PRO A 133 17.93 32.58 -20.12
C PRO A 133 17.92 31.06 -19.89
N LEU A 134 17.04 30.54 -19.04
CA LEU A 134 17.06 29.11 -18.74
C LEU A 134 15.98 28.30 -19.47
N PHE A 135 14.73 28.74 -19.42
CA PHE A 135 13.61 27.88 -19.83
C PHE A 135 13.11 28.21 -21.23
N VAL A 136 12.72 27.16 -21.96
CA VAL A 136 11.99 27.21 -23.22
C VAL A 136 10.69 26.45 -23.04
N ILE A 137 9.69 26.74 -23.87
CA ILE A 137 8.36 26.18 -23.70
C ILE A 137 8.00 25.27 -24.87
N ALA A 138 7.33 24.17 -24.57
CA ALA A 138 6.79 23.28 -25.59
C ALA A 138 5.61 23.91 -26.33
N THR A 139 5.57 23.73 -27.65
CA THR A 139 4.42 24.13 -28.45
C THR A 139 3.57 22.95 -28.88
N ARG A 140 3.98 21.73 -28.53
CA ARG A 140 3.26 20.50 -28.86
C ARG A 140 3.37 19.57 -27.67
N ARG A 141 2.45 18.60 -27.61
CA ARG A 141 2.43 17.62 -26.55
C ARG A 141 3.53 16.57 -26.77
N SER A 142 3.68 15.67 -25.80
CA SER A 142 4.84 14.78 -25.78
C SER A 142 4.94 13.94 -27.05
N GLU A 143 3.81 13.47 -27.57
CA GLU A 143 3.84 12.60 -28.76
C GLU A 143 4.44 13.30 -29.97
N GLU A 144 4.30 14.63 -30.06
CA GLU A 144 4.83 15.40 -31.19
C GLU A 144 6.04 16.24 -30.81
N ILE A 145 6.56 16.09 -29.60
CA ILE A 145 7.53 17.06 -29.08
C ILE A 145 8.81 17.08 -29.92
N LEU A 146 9.13 16.00 -30.62
CA LEU A 146 10.38 15.95 -31.37
C LEU A 146 10.21 16.41 -32.81
N GLY A 147 9.05 16.93 -33.16
CA GLY A 147 8.87 17.58 -34.45
C GLY A 147 8.53 16.64 -35.57
N PRO A 148 8.09 17.20 -36.71
CA PRO A 148 7.72 16.35 -37.84
C PRO A 148 8.80 15.33 -38.20
N ASP A 149 10.04 15.76 -38.43
CA ASP A 149 11.06 14.79 -38.83
C ASP A 149 11.63 14.01 -37.66
N GLY A 150 11.00 14.06 -36.48
CA GLY A 150 11.47 13.35 -35.31
C GLY A 150 12.77 13.87 -34.73
N ASN A 151 13.29 14.98 -35.25
CA ASN A 151 14.63 15.45 -34.91
C ASN A 151 14.65 16.96 -34.63
N THR A 152 13.50 17.56 -34.36
CA THR A 152 13.35 19.00 -34.26
C THR A 152 12.50 19.31 -33.03
N PRO A 153 13.14 19.45 -31.86
CA PRO A 153 12.37 19.66 -30.63
C PRO A 153 11.46 20.88 -30.75
N GLN A 154 10.21 20.70 -30.36
CA GLN A 154 9.16 21.70 -30.61
C GLN A 154 9.07 22.69 -29.44
N PHE A 155 10.18 23.40 -29.22
CA PHE A 155 10.28 24.36 -28.13
C PHE A 155 10.59 25.73 -28.71
N GLU A 156 10.12 26.76 -28.03
CA GLU A 156 10.48 28.12 -28.39
C GLU A 156 11.08 28.84 -27.20
N ASN A 157 12.04 29.73 -27.47
CA ASN A 157 12.37 30.71 -26.44
C ASN A 157 11.11 31.52 -26.09
N ILE A 158 11.18 32.25 -24.97
CA ILE A 158 10.04 33.02 -24.49
C ILE A 158 10.54 34.03 -23.45
N SER A 159 9.91 35.20 -23.39
CA SER A 159 10.38 36.18 -22.44
C SER A 159 10.19 35.69 -21.00
N ILE A 160 10.85 36.38 -20.06
CA ILE A 160 10.71 36.05 -18.64
C ILE A 160 9.24 36.11 -18.22
N TYR A 161 8.55 37.19 -18.58
CA TYR A 161 7.17 37.34 -18.11
C TYR A 161 6.21 36.42 -18.86
N ASN A 162 6.42 36.23 -20.16
CA ASN A 162 5.54 35.31 -20.89
C ASN A 162 5.69 33.85 -20.41
N TYR A 163 6.89 33.46 -19.98
CA TYR A 163 7.05 32.15 -19.34
C TYR A 163 6.14 32.02 -18.13
N PHE A 164 6.09 33.08 -17.31
CA PHE A 164 5.16 33.14 -16.18
C PHE A 164 3.70 32.97 -16.63
N VAL A 165 3.33 33.57 -17.76
CA VAL A 165 1.97 33.39 -18.31
C VAL A 165 1.78 31.96 -18.78
N TRP A 166 2.77 31.44 -19.50
CA TRP A 166 2.66 30.13 -20.13
C TRP A 166 2.47 29.00 -19.09
N THR A 167 3.24 29.01 -18.00
CA THR A 167 3.12 27.90 -17.05
C THR A 167 1.74 27.89 -16.40
N HIS A 168 1.19 29.07 -16.09
CA HIS A 168 -0.18 29.15 -15.60
C HIS A 168 -1.16 28.59 -16.64
N TYR A 169 -0.93 28.90 -17.92
CA TYR A 169 -1.83 28.41 -18.96
C TYR A 169 -1.78 26.90 -19.04
N TYR A 170 -0.55 26.37 -19.08
CA TYR A 170 -0.33 24.93 -19.16
C TYR A 170 -0.97 24.21 -17.99
N SER A 171 -0.93 24.81 -16.79
CA SER A 171 -1.52 24.14 -15.63
C SER A 171 -3.04 24.08 -15.69
N VAL A 172 -3.70 24.98 -16.44
CA VAL A 172 -5.16 24.99 -16.47
C VAL A 172 -5.74 24.50 -17.79
N LYS A 173 -4.92 24.23 -18.80
CA LYS A 173 -5.47 23.91 -20.13
C LYS A 173 -6.27 22.60 -20.06
N LYS A 174 -7.06 22.37 -21.12
CA LYS A 174 -7.90 21.17 -21.21
C LYS A 174 -7.10 19.96 -21.69
N THR A 175 -7.56 18.77 -21.29
CA THR A 175 -6.95 17.54 -21.80
C THR A 175 -7.40 17.31 -23.23
N PHE A 176 -6.46 17.26 -24.14
CA PHE A 176 -6.78 17.00 -25.53
C PHE A 176 -7.10 15.51 -25.71
N LEU A 177 -8.27 15.22 -26.29
CA LEU A 177 -8.70 13.83 -26.47
C LEU A 177 -8.57 13.35 -27.91
N GLY A 178 -8.30 14.25 -28.86
CA GLY A 178 -8.12 13.85 -30.25
C GLY A 178 -8.94 14.72 -31.17
N VAL A 179 -8.46 14.90 -32.41
CA VAL A 179 -9.21 15.66 -33.40
C VAL A 179 -10.59 15.03 -33.58
N GLY A 180 -11.60 15.87 -33.73
CA GLY A 180 -12.96 15.40 -33.73
C GLY A 180 -13.54 15.29 -32.33
N GLN A 181 -12.69 15.03 -31.35
CA GLN A 181 -13.14 14.87 -29.98
C GLN A 181 -13.19 16.22 -29.27
N GLU A 182 -14.10 16.35 -28.32
CA GLU A 182 -14.16 17.55 -27.50
C GLU A 182 -13.23 17.42 -26.30
N SER A 183 -12.38 18.43 -26.09
CA SER A 183 -11.38 18.38 -25.03
C SER A 183 -12.06 18.37 -23.66
N PHE A 184 -11.41 17.71 -22.71
CA PHE A 184 -11.95 17.54 -21.37
C PHE A 184 -11.48 18.70 -20.49
N GLY A 185 -12.43 19.32 -19.78
CA GLY A 185 -12.17 20.54 -19.07
C GLY A 185 -12.41 20.50 -17.56
N GLU A 186 -12.81 19.34 -17.03
CA GLU A 186 -12.98 19.20 -15.58
C GLU A 186 -11.66 18.79 -14.93
N VAL A 187 -10.69 19.68 -15.05
CA VAL A 187 -9.33 19.43 -14.62
C VAL A 187 -8.62 20.77 -14.53
N ASP A 188 -7.81 20.95 -13.48
CA ASP A 188 -7.12 22.22 -13.26
C ASP A 188 -6.03 21.97 -12.23
N PHE A 189 -4.78 21.96 -12.67
CA PHE A 189 -3.69 21.54 -11.79
C PHE A 189 -3.27 22.62 -10.80
N SER A 190 -3.86 23.83 -10.86
CA SER A 190 -3.46 24.94 -10.01
C SER A 190 -4.62 25.70 -9.37
N HIS A 191 -5.87 25.30 -9.62
CA HIS A 191 -7.04 25.94 -9.03
C HIS A 191 -8.04 24.89 -8.64
N GLU A 192 -9.03 25.29 -7.86
CA GLU A 192 -10.15 24.43 -7.50
C GLU A 192 -9.64 23.18 -6.78
N GLY A 193 -8.71 23.39 -5.85
CA GLY A 193 -8.15 22.32 -5.06
C GLY A 193 -7.05 22.82 -4.15
N PRO A 194 -6.62 21.96 -3.22
CA PRO A 194 -5.61 22.37 -2.22
C PRO A 194 -4.33 22.96 -2.79
N ALA A 195 -3.91 22.55 -3.99
CA ALA A 195 -2.61 23.05 -4.47
C ALA A 195 -2.65 24.52 -4.89
N PHE A 196 -3.82 25.16 -4.85
CA PHE A 196 -4.01 26.51 -5.38
C PHE A 196 -2.99 27.49 -4.79
N LEU A 197 -2.87 27.47 -3.46
CA LEU A 197 -2.03 28.45 -2.75
C LEU A 197 -0.55 28.10 -2.84
N THR A 198 -0.18 26.83 -2.70
CA THR A 198 1.24 26.48 -2.89
C THR A 198 1.66 26.64 -4.35
N TRP A 199 0.81 26.24 -5.32
CA TRP A 199 1.16 26.43 -6.73
C TRP A 199 1.48 27.90 -7.01
N HIS A 200 0.56 28.81 -6.68
CA HIS A 200 0.74 30.23 -7.01
C HIS A 200 1.88 30.84 -6.22
N ARG A 201 2.19 30.28 -5.04
CA ARG A 201 3.35 30.73 -4.27
C ARG A 201 4.65 30.52 -5.07
N TYR A 202 4.89 29.29 -5.52
CA TYR A 202 6.08 28.99 -6.32
C TYR A 202 6.12 29.84 -7.58
N HIS A 203 4.96 29.94 -8.27
CA HIS A 203 4.81 30.79 -9.44
C HIS A 203 5.40 32.18 -9.20
N LEU A 204 5.00 32.82 -8.09
CA LEU A 204 5.55 34.14 -7.75
C LEU A 204 7.04 34.06 -7.44
N LEU A 205 7.44 33.04 -6.68
CA LEU A 205 8.83 32.90 -6.29
C LEU A 205 9.73 32.78 -7.52
N ARG A 206 9.26 32.07 -8.54
CA ARG A 206 10.02 31.86 -9.76
C ARG A 206 10.14 33.16 -10.58
N LEU A 207 9.06 33.91 -10.71
CA LEU A 207 9.14 35.21 -11.38
C LEU A 207 10.05 36.15 -10.60
N GLU A 208 9.94 36.15 -9.26
CA GLU A 208 10.74 37.05 -8.44
C GLU A 208 12.23 36.77 -8.62
N LYS A 209 12.61 35.50 -8.50
CA LYS A 209 13.99 35.10 -8.71
C LYS A 209 14.49 35.47 -10.10
N ASP A 210 13.67 35.22 -11.13
CA ASP A 210 14.06 35.53 -12.51
C ASP A 210 14.30 37.03 -12.68
N MET A 211 13.49 37.87 -12.05
CA MET A 211 13.69 39.31 -12.19
C MET A 211 14.91 39.77 -11.39
N GLN A 212 15.22 39.13 -10.27
CA GLN A 212 16.45 39.47 -9.55
C GLN A 212 17.69 39.25 -10.43
N GLU A 213 17.75 38.10 -11.12
CA GLU A 213 18.88 37.84 -12.01
C GLU A 213 18.83 38.70 -13.26
N MET A 214 17.64 39.03 -13.74
CA MET A 214 17.55 39.92 -14.89
C MET A 214 18.04 41.32 -14.55
N LEU A 215 17.73 41.81 -13.35
CA LEU A 215 18.16 43.10 -12.87
C LEU A 215 19.52 43.09 -12.18
N GLN A 216 20.09 41.92 -11.88
CA GLN A 216 21.26 41.84 -11.00
C GLN A 216 21.01 42.60 -9.70
N GLU A 217 19.82 42.42 -9.14
CA GLU A 217 19.44 43.01 -7.87
C GLU A 217 18.94 41.89 -6.95
N PRO A 218 19.83 41.31 -6.14
CA PRO A 218 19.40 40.25 -5.22
C PRO A 218 18.20 40.61 -4.38
N SER A 219 18.06 41.87 -4.02
CA SER A 219 17.04 42.23 -3.04
C SER A 219 15.73 42.66 -3.67
N PHE A 220 15.64 42.73 -5.00
CA PHE A 220 14.38 43.10 -5.67
C PHE A 220 13.25 42.17 -5.23
N SER A 221 12.10 42.76 -4.90
CA SER A 221 10.97 42.01 -4.39
C SER A 221 9.70 42.40 -5.11
N LEU A 222 8.73 41.50 -5.13
CA LEU A 222 7.47 41.83 -5.78
C LEU A 222 6.54 42.50 -4.78
N PRO A 223 5.96 43.66 -5.12
CA PRO A 223 5.02 44.29 -4.20
C PRO A 223 3.69 43.56 -4.20
N TYR A 224 2.71 44.09 -3.48
CA TYR A 224 1.39 43.51 -3.51
C TYR A 224 0.36 44.61 -3.63
N TRP A 225 -0.84 44.20 -3.96
CA TRP A 225 -2.01 45.04 -4.06
C TRP A 225 -2.99 44.59 -3.01
N ASN A 226 -3.26 45.43 -2.02
CA ASN A 226 -4.34 45.17 -1.06
C ASN A 226 -5.68 45.40 -1.75
N PHE A 227 -6.22 44.36 -2.39
CA PHE A 227 -7.50 44.50 -3.07
C PHE A 227 -8.69 44.42 -2.12
N ALA A 228 -8.47 44.21 -0.82
CA ALA A 228 -9.58 44.08 0.14
C ALA A 228 -9.88 45.43 0.79
N THR A 229 -10.30 46.37 -0.05
CA THR A 229 -10.60 47.74 0.36
C THR A 229 -12.07 48.07 0.18
N GLY A 230 -12.86 47.17 -0.39
CA GLY A 230 -14.24 47.46 -0.67
C GLY A 230 -14.48 48.54 -1.71
N LYS A 231 -13.50 48.84 -2.55
CA LYS A 231 -13.62 49.98 -3.43
C LYS A 231 -14.39 49.63 -4.72
N ASN A 232 -14.98 50.70 -5.29
CA ASN A 232 -15.62 50.77 -6.59
C ASN A 232 -14.60 50.77 -7.73
N VAL A 233 -13.35 51.10 -7.44
CA VAL A 233 -12.31 51.41 -8.41
C VAL A 233 -11.09 50.53 -8.10
N CYS A 234 -10.19 50.45 -9.07
CA CYS A 234 -8.88 49.83 -8.89
C CYS A 234 -7.89 50.94 -8.56
N ASP A 235 -7.46 51.03 -7.31
CA ASP A 235 -6.58 52.15 -6.96
C ASP A 235 -5.14 51.97 -7.40
N ILE A 236 -4.75 50.87 -8.03
CA ILE A 236 -3.43 50.77 -8.64
C ILE A 236 -3.52 50.94 -10.15
N CYS A 237 -4.67 51.31 -10.68
CA CYS A 237 -4.80 51.57 -12.10
C CYS A 237 -4.55 53.05 -12.41
N THR A 238 -3.35 53.50 -12.06
CA THR A 238 -2.87 54.82 -12.44
C THR A 238 -1.70 54.69 -13.40
N ASP A 239 -1.39 55.77 -14.12
CA ASP A 239 -0.37 55.68 -15.16
C ASP A 239 1.05 55.61 -14.63
N ASP A 240 1.28 55.89 -13.35
CA ASP A 240 2.57 55.57 -12.76
C ASP A 240 2.65 54.15 -12.22
N LEU A 241 1.53 53.38 -12.24
CA LEU A 241 1.46 51.99 -11.75
C LEU A 241 0.45 51.20 -12.54
N MET A 242 0.85 50.28 -13.39
CA MET A 242 -0.14 49.29 -13.88
C MET A 242 -1.11 49.83 -14.93
N GLY A 243 -1.32 51.15 -14.97
CA GLY A 243 -2.02 51.82 -16.05
C GLY A 243 -3.47 52.18 -15.77
N SER A 244 -3.90 53.37 -16.19
CA SER A 244 -5.31 53.74 -16.03
C SER A 244 -6.11 53.40 -17.28
N ARG A 245 -7.41 53.64 -17.20
CA ARG A 245 -8.29 53.34 -18.31
C ARG A 245 -8.00 54.25 -19.50
N SER A 246 -7.89 53.68 -20.69
CA SER A 246 -7.74 54.48 -21.90
C SER A 246 -9.00 55.33 -22.13
N ASN A 247 -8.79 56.60 -22.48
CA ASN A 247 -9.90 57.50 -22.78
C ASN A 247 -10.48 57.29 -24.17
N PHE A 248 -9.84 56.47 -25.00
CA PHE A 248 -10.28 56.19 -26.37
C PHE A 248 -10.99 54.85 -26.49
N ASP A 249 -10.96 54.03 -25.44
CA ASP A 249 -11.57 52.70 -25.43
C ASP A 249 -11.64 52.30 -23.96
N SER A 250 -12.85 52.21 -23.42
CA SER A 250 -13.04 51.92 -22.00
C SER A 250 -12.44 50.59 -21.55
N THR A 251 -12.09 49.69 -22.47
CA THR A 251 -11.60 48.37 -22.11
C THR A 251 -10.12 48.18 -22.39
N LEU A 252 -9.41 49.25 -22.77
CA LEU A 252 -7.96 49.21 -22.99
C LEU A 252 -7.24 50.03 -21.93
N ILE A 253 -5.93 49.87 -21.88
CA ILE A 253 -5.09 50.56 -20.91
C ILE A 253 -4.61 51.87 -21.51
N SER A 254 -4.51 52.89 -20.66
CA SER A 254 -4.13 54.24 -21.09
C SER A 254 -2.85 54.18 -21.92
N PRO A 255 -2.81 54.84 -23.07
CA PRO A 255 -1.56 54.91 -23.84
C PRO A 255 -0.43 55.62 -23.10
N ASN A 256 -0.69 56.23 -21.95
CA ASN A 256 0.40 56.82 -21.18
C ASN A 256 1.11 55.81 -20.28
N SER A 257 0.67 54.56 -20.24
CA SER A 257 1.31 53.50 -19.48
C SER A 257 1.97 52.52 -20.44
N VAL A 258 3.09 51.94 -20.02
CA VAL A 258 3.80 50.99 -20.88
C VAL A 258 2.99 49.72 -21.07
N PHE A 259 2.04 49.44 -20.18
CA PHE A 259 1.27 48.21 -20.30
C PHE A 259 0.28 48.25 -21.45
N SER A 260 -0.06 49.43 -21.97
CA SER A 260 -0.90 49.47 -23.17
C SER A 260 -0.16 48.95 -24.38
N GLN A 261 1.16 48.79 -24.30
CA GLN A 261 1.96 48.22 -25.37
C GLN A 261 2.10 46.71 -25.27
N TRP A 262 1.62 46.10 -24.19
CA TRP A 262 1.80 44.66 -24.03
C TRP A 262 0.88 43.88 -24.97
N ARG A 263 1.40 42.82 -25.57
CA ARG A 263 0.58 41.91 -26.36
C ARG A 263 0.57 40.52 -25.72
N VAL A 264 -0.63 39.93 -25.57
CA VAL A 264 -0.83 38.73 -24.76
C VAL A 264 -0.41 37.46 -25.51
N VAL A 265 -0.04 36.43 -24.72
CA VAL A 265 0.18 35.07 -25.20
C VAL A 265 -0.94 34.17 -24.69
N CYS A 266 -1.15 33.06 -25.41
CA CYS A 266 -2.06 31.98 -25.01
C CYS A 266 -3.53 32.33 -25.16
N ASP A 267 -3.88 33.17 -26.14
CA ASP A 267 -5.28 33.54 -26.32
C ASP A 267 -5.93 32.82 -27.48
N SER A 268 -5.38 31.68 -27.91
CA SER A 268 -6.01 30.91 -28.98
C SER A 268 -6.52 29.54 -28.50
N LEU A 269 -7.37 29.51 -27.47
CA LEU A 269 -7.85 28.24 -26.92
C LEU A 269 -8.46 27.36 -28.02
N GLU A 270 -9.19 27.96 -28.96
CA GLU A 270 -9.86 27.18 -29.99
C GLU A 270 -8.86 26.45 -30.89
N ASP A 271 -7.67 26.99 -31.09
CA ASP A 271 -6.64 26.25 -31.80
C ASP A 271 -6.06 25.12 -30.94
N TYR A 272 -5.74 25.41 -29.66
CA TYR A 272 -5.10 24.39 -28.83
C TYR A 272 -6.05 23.21 -28.60
N ASP A 273 -7.31 23.49 -28.29
CA ASP A 273 -8.26 22.47 -27.90
C ASP A 273 -8.90 21.72 -29.08
N THR A 274 -8.67 22.15 -30.33
CA THR A 274 -9.13 21.39 -31.49
C THR A 274 -8.00 20.77 -32.30
N LEU A 275 -6.80 21.36 -32.31
CA LEU A 275 -5.64 20.81 -33.00
C LEU A 275 -4.64 20.13 -32.05
N GLY A 276 -4.88 20.15 -30.75
CA GLY A 276 -4.00 19.51 -29.79
C GLY A 276 -2.60 20.09 -29.67
N THR A 277 -2.42 21.38 -30.03
CA THR A 277 -1.17 22.10 -29.83
C THR A 277 -1.17 22.84 -28.49
N LEU A 278 -0.08 23.55 -28.22
CA LEU A 278 0.08 24.31 -27.00
C LEU A 278 0.35 25.76 -27.33
N CYS A 279 -0.04 26.64 -26.39
CA CYS A 279 0.35 28.05 -26.43
C CYS A 279 1.84 28.17 -26.76
N ASN A 280 2.17 29.00 -27.75
CA ASN A 280 3.56 29.27 -28.10
C ASN A 280 3.91 30.72 -27.70
N SER A 281 5.02 31.23 -28.22
CA SER A 281 5.53 32.53 -27.79
C SER A 281 5.13 33.70 -28.69
N THR A 282 4.25 33.48 -29.66
CA THR A 282 3.78 34.55 -30.54
C THR A 282 2.69 35.34 -29.83
N GLU A 283 2.85 36.65 -29.74
CA GLU A 283 1.89 37.50 -29.05
C GLU A 283 0.78 37.96 -29.98
N ASP A 284 -0.34 38.40 -29.39
CA ASP A 284 -1.57 38.70 -30.12
C ASP A 284 -2.19 40.03 -29.73
N GLY A 285 -3.33 40.00 -29.08
CA GLY A 285 -4.07 41.21 -28.79
C GLY A 285 -3.48 41.96 -27.61
N PRO A 286 -4.13 43.05 -27.24
CA PRO A 286 -3.73 43.81 -26.06
C PRO A 286 -4.44 43.37 -24.79
N ILE A 287 -3.88 43.76 -23.66
CA ILE A 287 -4.58 43.59 -22.40
C ILE A 287 -5.91 44.31 -22.44
N ARG A 288 -6.97 43.59 -22.08
CA ARG A 288 -8.30 44.14 -21.89
C ARG A 288 -8.53 44.27 -20.40
N ARG A 289 -9.03 45.42 -19.96
CA ARG A 289 -9.25 45.66 -18.55
C ARG A 289 -10.31 46.75 -18.41
N ASN A 290 -11.19 46.59 -17.45
CA ASN A 290 -12.37 47.45 -17.34
C ASN A 290 -12.89 47.34 -15.91
N PRO A 291 -12.16 47.87 -14.94
CA PRO A 291 -12.50 47.63 -13.53
C PRO A 291 -13.93 48.07 -13.24
N ALA A 292 -14.64 47.20 -12.52
CA ALA A 292 -16.04 47.38 -12.15
C ALA A 292 -16.96 47.35 -13.38
N GLY A 293 -16.45 47.09 -14.59
CA GLY A 293 -17.21 47.20 -15.82
C GLY A 293 -18.16 46.07 -16.17
N ASN A 294 -18.47 45.16 -15.26
CA ASN A 294 -19.36 44.04 -15.58
C ASN A 294 -20.77 44.36 -15.09
N VAL A 295 -21.44 45.25 -15.83
CA VAL A 295 -22.82 45.62 -15.53
C VAL A 295 -23.72 44.38 -15.45
N ALA A 296 -23.42 43.37 -16.27
CA ALA A 296 -24.21 42.14 -16.27
C ALA A 296 -24.15 41.41 -14.95
N ARG A 297 -23.25 41.78 -14.05
CA ARG A 297 -23.01 40.98 -12.85
C ARG A 297 -22.59 41.88 -11.69
N PRO A 298 -23.56 42.56 -11.07
CA PRO A 298 -23.23 43.53 -9.99
C PRO A 298 -22.46 42.95 -8.81
N MET A 299 -22.43 41.63 -8.63
CA MET A 299 -21.67 41.09 -7.51
C MET A 299 -20.17 41.31 -7.69
N VAL A 300 -19.69 41.36 -8.92
CA VAL A 300 -18.26 41.52 -9.16
C VAL A 300 -17.94 42.95 -9.58
N GLN A 301 -18.74 43.92 -9.15
CA GLN A 301 -18.45 45.32 -9.44
C GLN A 301 -17.87 46.07 -8.24
N ARG A 302 -17.67 45.37 -7.11
CA ARG A 302 -16.99 45.90 -5.95
C ARG A 302 -15.95 44.89 -5.48
N LEU A 303 -14.87 45.38 -4.89
CA LEU A 303 -13.80 44.52 -4.40
C LEU A 303 -14.13 44.01 -2.99
N PRO A 304 -13.47 42.94 -2.55
CA PRO A 304 -13.72 42.43 -1.20
C PRO A 304 -13.59 43.52 -0.15
N GLU A 305 -14.28 43.32 0.97
CA GLU A 305 -14.19 44.27 2.07
C GLU A 305 -13.06 43.87 3.02
N PRO A 306 -12.48 44.86 3.71
CA PRO A 306 -11.45 44.54 4.72
C PRO A 306 -11.89 43.47 5.70
N GLN A 307 -13.18 43.36 5.99
CA GLN A 307 -13.64 42.33 6.91
C GLN A 307 -13.64 40.94 6.27
N ASP A 308 -13.60 40.85 4.95
CA ASP A 308 -13.51 39.55 4.29
C ASP A 308 -12.18 38.87 4.61
N VAL A 309 -11.10 39.65 4.70
CA VAL A 309 -9.80 39.10 5.01
C VAL A 309 -9.75 38.60 6.43
N ALA A 310 -10.29 39.40 7.37
CA ALA A 310 -10.25 39.02 8.77
C ALA A 310 -11.05 37.74 8.99
N GLN A 311 -12.18 37.62 8.32
CA GLN A 311 -13.01 36.44 8.48
C GLN A 311 -12.31 35.20 7.97
N CYS A 312 -11.69 35.28 6.78
CA CYS A 312 -11.14 34.05 6.22
C CYS A 312 -9.93 33.57 7.02
N LEU A 313 -9.18 34.48 7.62
CA LEU A 313 -8.08 34.08 8.50
C LEU A 313 -8.55 33.42 9.80
N GLU A 314 -9.86 33.36 10.05
CA GLU A 314 -10.37 32.61 11.18
C GLU A 314 -10.69 31.16 10.83
N VAL A 315 -10.71 30.80 9.55
CA VAL A 315 -10.88 29.40 9.15
C VAL A 315 -9.57 28.67 9.41
N GLY A 316 -9.61 27.68 10.32
CA GLY A 316 -8.42 27.03 10.84
C GLY A 316 -7.98 25.75 10.18
N LEU A 317 -8.83 25.14 9.36
CA LEU A 317 -8.44 23.95 8.60
C LEU A 317 -8.03 24.39 7.20
N PHE A 318 -6.81 24.03 6.80
CA PHE A 318 -6.34 24.47 5.48
C PHE A 318 -7.33 24.06 4.38
N ASP A 319 -7.78 22.81 4.39
CA ASP A 319 -8.73 22.36 3.38
C ASP A 319 -9.58 21.24 3.96
N THR A 320 -10.76 21.05 3.37
CA THR A 320 -11.74 20.06 3.75
C THR A 320 -12.25 19.32 2.53
N PRO A 321 -12.67 18.06 2.69
CA PRO A 321 -13.32 17.29 1.61
C PRO A 321 -14.52 18.01 1.01
N PRO A 322 -14.80 17.80 -0.29
CA PRO A 322 -14.07 16.99 -1.26
C PRO A 322 -12.81 17.66 -1.86
N PHE A 323 -12.30 18.70 -1.18
CA PHE A 323 -11.08 19.38 -1.58
C PHE A 323 -11.23 20.01 -2.97
N TYR A 324 -12.35 20.67 -3.20
CA TYR A 324 -12.71 21.16 -4.53
C TYR A 324 -13.28 22.57 -4.37
N SER A 325 -13.80 23.13 -5.46
CA SER A 325 -14.37 24.47 -5.38
C SER A 325 -15.68 24.52 -4.59
N ASN A 326 -16.23 23.37 -4.19
CA ASN A 326 -17.44 23.38 -3.37
C ASN A 326 -17.19 22.98 -1.92
N SER A 327 -15.94 23.03 -1.46
CA SER A 327 -15.64 22.76 -0.05
C SER A 327 -16.15 23.88 0.86
N THR A 328 -16.59 23.49 2.05
CA THR A 328 -17.07 24.38 3.08
C THR A 328 -16.06 24.42 4.22
N ASN A 329 -15.92 25.60 4.84
CA ASN A 329 -14.99 25.81 5.98
C ASN A 329 -13.56 25.43 5.64
N SER A 330 -13.16 25.65 4.39
CA SER A 330 -11.81 25.40 3.93
C SER A 330 -11.13 26.75 3.75
N PHE A 331 -10.01 26.96 4.46
CA PHE A 331 -9.29 28.22 4.30
C PHE A 331 -8.83 28.39 2.86
N ARG A 332 -8.28 27.32 2.29
CA ARG A 332 -7.88 27.35 0.89
C ARG A 332 -9.05 27.83 0.01
N ASN A 333 -10.21 27.17 0.12
CA ASN A 333 -11.33 27.51 -0.75
C ASN A 333 -11.92 28.88 -0.41
N THR A 334 -11.82 29.29 0.85
CA THR A 334 -12.32 30.60 1.23
C THR A 334 -11.47 31.69 0.59
N VAL A 335 -10.15 31.64 0.77
CA VAL A 335 -9.30 32.70 0.24
C VAL A 335 -9.26 32.61 -1.29
N GLU A 336 -9.32 31.40 -1.85
CA GLU A 336 -9.40 31.28 -3.29
C GLU A 336 -10.65 31.97 -3.82
N GLY A 337 -11.76 31.85 -3.11
CA GLY A 337 -12.91 32.70 -3.35
C GLY A 337 -14.21 32.02 -3.74
N PHE A 338 -14.27 30.67 -3.68
CA PHE A 338 -15.49 29.96 -4.03
C PHE A 338 -16.47 29.84 -2.87
N SER A 339 -16.02 30.03 -1.63
CA SER A 339 -16.92 30.20 -0.50
C SER A 339 -16.85 31.65 -0.06
N ASP A 340 -17.81 32.05 0.76
CA ASP A 340 -17.80 33.38 1.34
C ASP A 340 -16.74 33.45 2.43
N PRO A 341 -16.38 34.66 2.88
CA PRO A 341 -15.25 34.78 3.82
C PRO A 341 -15.43 34.03 5.13
N THR A 342 -16.61 33.50 5.42
CA THR A 342 -16.78 32.72 6.64
C THR A 342 -16.67 31.22 6.40
N GLY A 343 -16.63 30.79 5.14
CA GLY A 343 -16.46 29.40 4.77
C GLY A 343 -17.69 28.78 4.14
N LYS A 344 -18.80 29.50 4.11
CA LYS A 344 -20.05 28.98 3.57
C LYS A 344 -19.99 28.94 2.05
N TYR A 345 -20.16 27.76 1.50
CA TYR A 345 -20.11 27.61 0.06
C TYR A 345 -21.46 27.98 -0.55
N ASP A 346 -21.40 28.70 -1.67
CA ASP A 346 -22.57 29.14 -2.40
C ASP A 346 -22.21 29.21 -3.88
N PRO A 347 -22.83 28.40 -4.73
CA PRO A 347 -22.52 28.43 -6.17
C PRO A 347 -22.57 29.83 -6.78
N ALA A 348 -23.31 30.76 -6.18
CA ALA A 348 -23.48 32.07 -6.78
C ALA A 348 -22.56 33.14 -6.20
N VAL A 349 -21.61 32.77 -5.30
CA VAL A 349 -20.73 33.77 -4.70
C VAL A 349 -19.34 33.68 -5.31
N SER A 350 -18.74 34.85 -5.53
CA SER A 350 -17.33 35.00 -5.77
C SER A 350 -16.84 36.03 -4.77
N SER A 351 -15.78 35.71 -4.04
CA SER A 351 -15.21 36.63 -3.08
C SER A 351 -13.69 36.57 -3.15
N LEU A 352 -13.05 37.37 -2.30
CA LEU A 352 -11.59 37.45 -2.16
C LEU A 352 -10.85 37.30 -3.49
N HIS A 353 -10.00 36.28 -3.62
CA HIS A 353 -9.11 36.20 -4.80
C HIS A 353 -9.89 36.07 -6.10
N ASN A 354 -10.94 35.23 -6.13
CA ASN A 354 -11.76 35.14 -7.33
C ASN A 354 -12.41 36.48 -7.65
N LEU A 355 -12.93 37.18 -6.62
CA LEU A 355 -13.62 38.44 -6.83
C LEU A 355 -12.68 39.50 -7.41
N ALA A 356 -11.46 39.58 -6.89
CA ALA A 356 -10.52 40.54 -7.44
C ALA A 356 -10.27 40.28 -8.92
N HIS A 357 -10.27 39.00 -9.33
CA HIS A 357 -10.08 38.68 -10.74
C HIS A 357 -11.25 39.16 -11.57
N LEU A 358 -12.46 38.80 -11.14
CA LEU A 358 -13.67 39.16 -11.87
C LEU A 358 -13.89 40.67 -11.89
N PHE A 359 -13.49 41.36 -10.82
CA PHE A 359 -13.60 42.81 -10.78
C PHE A 359 -12.88 43.48 -11.93
N LEU A 360 -11.88 42.81 -12.52
CA LEU A 360 -11.16 43.42 -13.64
C LEU A 360 -11.97 43.38 -14.93
N ASN A 361 -12.94 42.45 -15.06
CA ASN A 361 -13.79 42.32 -16.25
C ASN A 361 -12.94 42.48 -17.50
N GLY A 362 -12.11 41.48 -17.78
CA GLY A 362 -11.15 41.60 -18.86
C GLY A 362 -10.18 40.44 -18.87
N THR A 363 -9.02 40.68 -19.48
CA THR A 363 -7.98 39.65 -19.56
C THR A 363 -7.67 39.03 -18.20
N GLY A 364 -7.61 39.85 -17.15
CA GLY A 364 -7.34 39.34 -15.81
C GLY A 364 -8.45 38.51 -15.19
N GLY A 365 -9.62 38.47 -15.81
CA GLY A 365 -10.71 37.67 -15.29
C GLY A 365 -10.85 36.31 -15.90
N GLN A 366 -9.98 35.92 -16.83
CA GLN A 366 -10.06 34.64 -17.50
C GLN A 366 -8.85 33.79 -17.10
N VAL A 367 -9.12 32.60 -16.56
CA VAL A 367 -8.08 31.85 -15.83
C VAL A 367 -6.94 31.42 -16.77
N HIS A 368 -7.23 31.12 -18.04
CA HIS A 368 -6.16 30.76 -18.95
C HIS A 368 -5.35 31.96 -19.46
N LEU A 369 -5.79 33.18 -19.17
CA LEU A 369 -5.11 34.36 -19.68
C LEU A 369 -4.63 35.30 -18.59
N SER A 370 -5.16 35.17 -17.37
CA SER A 370 -5.12 36.29 -16.45
C SER A 370 -3.71 36.78 -16.09
N PRO A 371 -2.63 35.97 -16.09
CA PRO A 371 -1.30 36.57 -15.85
C PRO A 371 -0.87 37.57 -16.91
N ASN A 372 -1.51 37.59 -18.10
CA ASN A 372 -1.16 38.60 -19.11
C ASN A 372 -1.36 40.02 -18.56
N ASP A 373 -2.34 40.22 -17.70
CA ASP A 373 -2.51 41.50 -17.05
C ASP A 373 -1.59 41.55 -15.83
N PRO A 374 -0.64 42.49 -15.76
CA PRO A 374 0.36 42.46 -14.69
C PRO A 374 -0.23 42.72 -13.30
N ILE A 375 -1.47 43.14 -13.19
CA ILE A 375 -2.15 43.15 -11.90
C ILE A 375 -2.11 41.77 -11.24
N PHE A 376 -2.06 40.69 -12.04
CA PHE A 376 -2.03 39.33 -11.53
C PHE A 376 -0.94 39.16 -10.47
N VAL A 377 0.27 39.66 -10.77
CA VAL A 377 1.41 39.59 -9.85
C VAL A 377 1.03 40.13 -8.48
N LEU A 378 0.50 41.36 -8.45
CA LEU A 378 0.17 42.06 -7.22
C LEU A 378 -1.03 41.43 -6.51
N LEU A 379 -2.02 41.01 -7.30
CA LEU A 379 -3.18 40.31 -6.77
C LEU A 379 -2.77 39.01 -6.06
N HIS A 380 -1.77 38.31 -6.61
CA HIS A 380 -1.34 37.05 -6.00
C HIS A 380 -0.27 37.19 -4.93
N THR A 381 0.61 38.21 -4.97
CA THR A 381 1.43 38.38 -3.77
C THR A 381 0.56 38.74 -2.58
N PHE A 382 -0.56 39.43 -2.80
CA PHE A 382 -1.46 39.68 -1.68
C PHE A 382 -2.08 38.39 -1.19
N THR A 383 -2.62 37.57 -2.10
CA THR A 383 -3.16 36.27 -1.72
C THR A 383 -2.11 35.43 -1.01
N ASP A 384 -0.85 35.52 -1.44
CA ASP A 384 0.21 34.79 -0.76
C ASP A 384 0.45 35.36 0.64
N ALA A 385 0.37 36.70 0.78
CA ALA A 385 0.50 37.32 2.09
C ALA A 385 -0.58 36.80 3.04
N VAL A 386 -1.82 36.72 2.58
CA VAL A 386 -2.88 36.10 3.38
C VAL A 386 -2.50 34.67 3.75
N PHE A 387 -2.11 33.87 2.74
CA PHE A 387 -1.64 32.51 2.95
C PHE A 387 -0.54 32.48 4.00
N ASP A 388 0.43 33.40 3.91
CA ASP A 388 1.55 33.37 4.85
C ASP A 388 1.07 33.63 6.27
N GLU A 389 0.15 34.60 6.45
CA GLU A 389 -0.36 34.88 7.78
C GLU A 389 -1.09 33.66 8.35
N TRP A 390 -1.84 32.95 7.50
CA TRP A 390 -2.42 31.68 7.91
C TRP A 390 -1.36 30.71 8.42
N LEU A 391 -0.28 30.54 7.64
CA LEU A 391 0.82 29.66 8.06
C LEU A 391 1.33 30.03 9.44
N ARG A 392 1.54 31.32 9.68
CA ARG A 392 1.96 31.78 11.00
C ARG A 392 0.96 31.37 12.07
N ARG A 393 -0.32 31.63 11.83
CA ARG A 393 -1.30 31.58 12.91
C ARG A 393 -1.69 30.18 13.30
N TYR A 394 -1.70 29.26 12.35
CA TYR A 394 -2.08 27.88 12.57
C TYR A 394 -0.88 26.95 12.41
N ASN A 395 0.31 27.52 12.63
CA ASN A 395 1.56 26.76 12.78
C ASN A 395 1.76 25.80 11.60
N ALA A 396 1.43 26.29 10.40
CA ALA A 396 1.71 25.57 9.17
C ALA A 396 1.13 24.16 9.23
N ASP A 397 -0.10 24.08 9.71
CA ASP A 397 -0.75 22.79 9.91
C ASP A 397 -1.13 22.13 8.59
N ILE A 398 -0.20 21.37 8.02
CA ILE A 398 -0.37 20.73 6.72
C ILE A 398 -1.26 19.48 6.79
N SER A 399 -1.86 19.20 7.97
CA SER A 399 -2.50 17.91 8.18
C SER A 399 -3.77 17.72 7.34
N THR A 400 -4.52 18.77 7.05
CA THR A 400 -5.73 18.62 6.23
C THR A 400 -5.46 18.74 4.73
N PHE A 401 -4.21 18.96 4.33
CA PHE A 401 -3.82 18.98 2.92
C PHE A 401 -3.71 17.52 2.49
N PRO A 402 -4.67 17.01 1.72
CA PRO A 402 -4.82 15.55 1.58
C PRO A 402 -3.67 14.94 0.83
N LEU A 403 -3.27 13.74 1.27
CA LEU A 403 -2.25 13.00 0.54
C LEU A 403 -2.80 12.31 -0.68
N GLU A 404 -4.11 12.09 -0.73
CA GLU A 404 -4.70 11.35 -1.84
C GLU A 404 -6.17 11.73 -1.95
N ASN A 405 -6.74 11.37 -3.11
CA ASN A 405 -8.13 11.60 -3.51
C ASN A 405 -8.46 13.08 -3.74
N ALA A 406 -7.46 13.95 -3.85
CA ALA A 406 -7.69 15.32 -4.29
C ALA A 406 -7.97 15.32 -5.80
N PRO A 407 -8.49 16.43 -6.33
CA PRO A 407 -8.51 16.59 -7.79
C PRO A 407 -7.10 16.44 -8.32
N ILE A 408 -6.98 15.89 -9.53
CA ILE A 408 -5.66 15.51 -10.01
C ILE A 408 -4.76 16.74 -10.07
N GLY A 409 -3.50 16.56 -9.66
CA GLY A 409 -2.60 17.64 -9.48
C GLY A 409 -2.53 18.19 -8.08
N HIS A 410 -3.53 17.90 -7.24
CA HIS A 410 -3.64 18.53 -5.93
C HIS A 410 -3.31 17.61 -4.74
N ASN A 411 -2.82 16.38 -4.97
CA ASN A 411 -2.35 15.58 -3.84
C ASN A 411 -1.13 16.24 -3.23
N ARG A 412 -0.94 16.05 -1.93
CA ARG A 412 0.06 16.84 -1.22
C ARG A 412 1.44 16.72 -1.87
N GLN A 413 1.80 15.53 -2.32
CA GLN A 413 3.13 15.24 -2.86
C GLN A 413 3.18 15.29 -4.38
N TYR A 414 2.10 15.72 -5.03
CA TYR A 414 2.16 15.99 -6.45
C TYR A 414 3.20 17.05 -6.76
N ASN A 415 4.01 16.82 -7.79
CA ASN A 415 4.92 17.83 -8.29
C ASN A 415 4.10 18.89 -9.02
N MET A 416 4.22 20.14 -8.59
CA MET A 416 3.34 21.18 -9.10
C MET A 416 3.62 21.41 -10.59
N VAL A 417 2.61 21.19 -11.41
CA VAL A 417 2.76 21.26 -12.86
C VAL A 417 2.70 22.71 -13.35
N PRO A 418 3.64 23.11 -14.25
CA PRO A 418 4.75 22.33 -14.78
C PRO A 418 6.14 22.74 -14.31
N PHE A 419 6.34 22.95 -13.00
CA PHE A 419 7.55 23.62 -12.56
C PHE A 419 8.76 22.69 -12.61
N TRP A 420 9.93 23.28 -12.90
CA TRP A 420 11.16 22.52 -12.98
C TRP A 420 12.31 23.20 -12.26
N PRO A 421 13.09 22.44 -11.48
CA PRO A 421 12.93 20.99 -11.19
C PRO A 421 11.66 20.63 -10.41
N PRO A 422 11.35 19.34 -10.29
CA PRO A 422 10.13 18.94 -9.59
C PRO A 422 10.08 19.50 -8.19
N VAL A 423 8.96 20.15 -7.86
CA VAL A 423 8.76 20.78 -6.56
C VAL A 423 7.36 20.44 -6.07
N THR A 424 7.28 19.83 -4.88
CA THR A 424 6.01 19.43 -4.27
C THR A 424 5.33 20.62 -3.58
N ASN A 425 4.00 20.51 -3.41
CA ASN A 425 3.27 21.48 -2.59
C ASN A 425 3.87 21.58 -1.18
N THR A 426 4.27 20.43 -0.60
CA THR A 426 4.89 20.39 0.73
C THR A 426 6.04 21.39 0.85
N GLU A 427 6.91 21.45 -0.16
CA GLU A 427 8.08 22.33 -0.08
C GLU A 427 7.68 23.80 0.00
N MET A 428 6.47 24.14 -0.43
CA MET A 428 5.94 25.50 -0.33
C MET A 428 5.14 25.75 0.94
N PHE A 429 4.81 24.70 1.69
CA PHE A 429 3.87 24.82 2.80
C PHE A 429 4.66 25.09 4.09
N VAL A 430 5.27 26.27 4.13
CA VAL A 430 6.16 26.70 5.21
C VAL A 430 6.04 28.22 5.35
N THR A 431 6.26 28.74 6.55
CA THR A 431 6.26 30.20 6.69
C THR A 431 7.42 30.78 5.92
N ALA A 432 7.13 31.78 5.09
CA ALA A 432 8.16 32.33 4.20
C ALA A 432 9.35 32.97 4.95
N PRO A 433 9.17 33.80 5.99
CA PRO A 433 10.36 34.50 6.54
C PRO A 433 11.47 33.59 7.03
N ASP A 434 11.15 32.43 7.63
CA ASP A 434 12.20 31.50 8.07
C ASP A 434 12.66 30.54 6.98
N ASN A 435 11.88 30.33 5.93
CA ASN A 435 12.11 29.21 5.01
C ASN A 435 12.30 29.58 3.55
N LEU A 436 11.83 30.76 3.10
CA LEU A 436 11.87 31.09 1.67
C LEU A 436 12.50 32.45 1.42
N GLY A 437 13.05 33.08 2.45
CA GLY A 437 13.81 34.31 2.27
C GLY A 437 13.00 35.52 1.89
N TYR A 438 11.73 35.59 2.30
CA TYR A 438 10.94 36.79 2.09
C TYR A 438 9.87 36.90 3.16
N THR A 439 9.34 38.12 3.30
CA THR A 439 8.33 38.41 4.30
C THR A 439 7.49 39.58 3.80
N TYR A 440 6.30 39.73 4.36
CA TYR A 440 5.41 40.82 3.96
C TYR A 440 5.37 41.90 5.02
N GLU A 441 5.58 43.14 4.58
CA GLU A 441 5.34 44.33 5.38
C GLU A 441 3.86 44.68 5.26
N ILE A 442 3.07 44.18 6.21
CA ILE A 442 1.62 44.28 6.12
C ILE A 442 1.04 44.12 7.52
N GLN A 443 -0.12 44.73 7.75
CA GLN A 443 -0.85 44.49 8.98
C GLN A 443 -2.30 44.17 8.66
N TRP A 444 -2.86 43.34 9.45
CA TRP A 444 -4.16 42.74 9.22
C TRP A 444 -5.26 43.45 10.00
N PRO A 445 -6.49 43.43 9.47
CA PRO A 445 -7.61 44.05 10.20
C PRO A 445 -7.97 43.28 11.46
N SER A 446 -8.35 44.01 12.51
CA SER A 446 -8.84 43.44 13.76
C SER A 446 -9.28 44.57 14.72
N GLN B 1 21.46 -5.18 4.09
CA GLN B 1 20.12 -5.78 4.31
C GLN B 1 19.30 -4.81 5.16
N PHE B 2 18.13 -5.23 5.71
CA PHE B 2 17.32 -4.04 5.97
C PHE B 2 17.33 -3.65 7.44
N PRO B 3 17.20 -2.34 7.69
CA PRO B 3 17.03 -1.88 9.08
C PRO B 3 15.83 -2.54 9.73
N ARG B 4 15.97 -2.84 11.03
CA ARG B 4 14.91 -3.57 11.72
C ARG B 4 13.59 -2.80 11.69
N GLN B 5 13.63 -1.46 11.66
CA GLN B 5 12.36 -0.75 11.58
C GLN B 5 11.77 -0.74 10.18
N CYS B 6 12.55 -1.08 9.16
CA CYS B 6 11.99 -1.36 7.85
C CYS B 6 11.53 -2.80 7.67
N ALA B 7 11.80 -3.67 8.64
CA ALA B 7 11.46 -5.10 8.55
C ALA B 7 10.06 -5.37 9.07
N THR B 8 9.14 -4.46 8.83
CA THR B 8 7.78 -4.50 9.33
C THR B 8 6.81 -4.79 8.19
N VAL B 9 5.57 -5.11 8.55
CA VAL B 9 4.54 -5.32 7.52
C VAL B 9 4.23 -4.03 6.81
N GLU B 10 4.20 -2.92 7.58
CA GLU B 10 3.90 -1.58 7.06
C GLU B 10 4.93 -1.13 6.05
N ALA B 11 6.19 -1.15 6.47
CA ALA B 11 7.28 -0.67 5.64
C ALA B 11 7.33 -1.46 4.35
N LEU B 12 7.10 -2.78 4.43
CA LEU B 12 7.13 -3.57 3.20
C LEU B 12 5.93 -3.26 2.32
N ARG B 13 4.76 -2.97 2.92
CA ARG B 13 3.63 -2.60 2.07
C ARG B 13 3.82 -1.23 1.45
N SER B 14 4.38 -0.28 2.20
CA SER B 14 4.58 1.06 1.64
C SER B 14 5.67 1.09 0.57
N GLY B 15 6.60 0.13 0.60
CA GLY B 15 7.76 0.17 -0.25
C GLY B 15 8.77 1.21 0.16
N MET B 16 8.68 1.68 1.40
CA MET B 16 9.45 2.82 1.86
C MET B 16 10.32 2.37 3.03
N CYS B 17 11.61 2.68 2.96
CA CYS B 17 12.54 2.41 4.04
C CYS B 17 13.23 3.73 4.33
N CYS B 18 12.62 4.52 5.21
CA CYS B 18 13.08 5.87 5.54
C CYS B 18 12.86 6.08 7.02
N PRO B 19 13.62 5.38 7.87
CA PRO B 19 13.33 5.44 9.31
C PRO B 19 13.55 6.82 9.92
N ASP B 20 12.86 7.04 11.04
CA ASP B 20 13.07 8.27 11.79
C ASP B 20 14.45 8.26 12.44
N LEU B 21 15.02 9.45 12.58
CA LEU B 21 16.21 9.63 13.39
C LEU B 21 15.81 9.93 14.83
N SER B 22 15.27 11.13 15.09
CA SER B 22 14.90 11.56 16.44
C SER B 22 13.56 12.28 16.42
N PRO B 23 12.45 11.55 16.49
CA PRO B 23 11.11 12.15 16.28
C PRO B 23 10.57 12.87 17.52
N VAL B 24 10.45 14.19 17.41
CA VAL B 24 9.94 15.06 18.47
C VAL B 24 8.52 15.52 18.19
N SER B 25 7.84 14.90 17.23
CA SER B 25 6.41 15.11 17.05
C SER B 25 5.69 13.80 16.76
N GLY B 26 6.37 12.67 16.96
CA GLY B 26 5.78 11.37 16.74
C GLY B 26 6.42 10.59 15.61
N PRO B 27 5.95 9.37 15.39
CA PRO B 27 6.41 8.57 14.24
C PRO B 27 6.13 9.27 12.92
N GLY B 28 7.02 9.06 11.96
CA GLY B 28 6.92 9.63 10.62
C GLY B 28 7.39 11.06 10.49
N THR B 29 7.88 11.69 11.55
CA THR B 29 8.18 13.11 11.55
C THR B 29 9.64 13.45 11.28
N ASP B 30 10.57 12.57 11.63
CA ASP B 30 11.99 12.82 11.37
C ASP B 30 12.58 11.72 10.52
N ARG B 31 11.86 11.31 9.48
CA ARG B 31 12.41 10.34 8.55
C ARG B 31 13.69 10.90 7.93
N CYS B 32 14.75 10.08 7.95
CA CYS B 32 16.05 10.40 7.36
C CYS B 32 16.71 11.60 8.00
N GLY B 33 16.27 11.97 9.20
CA GLY B 33 16.77 13.17 9.84
C GLY B 33 16.43 14.44 9.10
N SER B 34 15.27 14.48 8.44
CA SER B 34 14.88 15.66 7.68
C SER B 34 14.58 16.88 8.54
N SER B 35 14.36 16.70 9.87
CA SER B 35 14.14 17.85 10.74
C SER B 35 15.41 18.64 11.01
N SER B 36 16.56 17.97 11.05
CA SER B 36 17.82 18.67 10.94
C SER B 36 18.14 18.80 9.45
N GLY B 37 19.33 19.23 9.11
CA GLY B 37 19.60 19.32 7.69
C GLY B 37 20.14 18.03 7.11
N ARG B 38 19.80 16.89 7.71
CA ARG B 38 20.63 15.71 7.54
C ARG B 38 20.26 14.86 6.34
N GLY B 39 19.00 14.81 5.92
CA GLY B 39 18.69 14.09 4.71
C GLY B 39 17.22 14.06 4.44
N ARG B 40 16.86 13.41 3.33
CA ARG B 40 15.49 13.35 2.84
C ARG B 40 15.16 11.95 2.35
N CYS B 41 13.88 11.58 2.50
CA CYS B 41 13.34 10.40 1.87
C CYS B 41 13.06 10.70 0.39
N GLU B 42 13.41 9.77 -0.48
CA GLU B 42 13.30 10.00 -1.92
C GLU B 42 13.23 8.66 -2.63
N ALA B 43 13.03 8.73 -3.93
CA ALA B 43 13.00 7.54 -4.77
C ALA B 43 14.38 6.88 -4.82
N VAL B 44 14.35 5.55 -4.91
CA VAL B 44 15.55 4.78 -5.14
C VAL B 44 15.96 4.93 -6.60
N THR B 45 17.25 5.11 -6.83
CA THR B 45 17.85 5.00 -8.16
C THR B 45 18.49 3.62 -8.27
N ALA B 46 18.12 2.89 -9.30
CA ALA B 46 18.69 1.59 -9.56
C ALA B 46 19.08 1.52 -11.03
N ASP B 47 20.09 0.70 -11.32
CA ASP B 47 20.53 0.50 -12.68
C ASP B 47 19.44 -0.16 -13.51
N SER B 48 19.15 0.39 -14.67
CA SER B 48 18.21 -0.24 -15.58
C SER B 48 18.88 -0.69 -16.88
N ARG B 49 20.19 -0.53 -16.98
CA ARG B 49 20.95 -0.97 -18.16
C ARG B 49 20.95 -2.50 -18.28
N PRO B 50 21.10 -3.01 -19.49
CA PRO B 50 21.09 -4.47 -19.67
C PRO B 50 22.32 -5.15 -19.08
N HIS B 51 22.18 -6.43 -18.78
CA HIS B 51 23.28 -7.26 -18.35
C HIS B 51 23.58 -8.29 -19.43
N SER B 52 24.63 -9.09 -19.20
CA SER B 52 25.02 -10.15 -20.11
C SER B 52 23.91 -11.19 -20.27
N PRO B 53 23.90 -11.91 -21.41
CA PRO B 53 22.94 -13.01 -21.58
C PRO B 53 23.19 -14.22 -20.70
N GLN B 54 24.19 -14.18 -19.81
CA GLN B 54 24.47 -15.35 -18.99
C GLN B 54 23.31 -15.68 -18.05
N TYR B 55 22.64 -14.66 -17.54
CA TYR B 55 21.49 -14.79 -16.67
C TYR B 55 20.19 -14.70 -17.48
N PRO B 56 19.42 -15.78 -17.60
CA PRO B 56 18.20 -15.76 -18.43
C PRO B 56 16.89 -15.67 -17.64
N HIS B 57 16.96 -15.43 -16.34
CA HIS B 57 15.79 -15.56 -15.47
C HIS B 57 15.29 -14.23 -14.92
N ASP B 58 15.45 -13.14 -15.66
CA ASP B 58 14.83 -11.86 -15.33
C ASP B 58 13.39 -12.04 -14.87
N GLY B 59 13.07 -11.41 -13.75
CA GLY B 59 11.76 -11.52 -13.18
C GLY B 59 11.63 -12.59 -12.12
N ARG B 60 12.65 -13.41 -11.92
CA ARG B 60 12.55 -14.52 -10.98
C ARG B 60 13.30 -14.30 -9.66
N ASP B 61 14.17 -13.29 -9.54
CA ASP B 61 15.07 -13.18 -8.38
C ASP B 61 15.00 -11.80 -7.72
N ASP B 62 14.81 -11.79 -6.40
CA ASP B 62 14.72 -10.53 -5.63
C ASP B 62 15.95 -9.66 -5.73
N ARG B 63 17.06 -10.18 -6.26
CA ARG B 63 18.27 -9.38 -6.34
C ARG B 63 18.33 -8.52 -7.58
N GLU B 64 17.49 -8.79 -8.58
CA GLU B 64 17.44 -7.99 -9.79
C GLU B 64 17.06 -6.56 -9.43
N VAL B 65 17.70 -5.59 -10.10
CA VAL B 65 17.36 -4.18 -9.97
C VAL B 65 17.36 -3.79 -8.50
N TRP B 66 18.34 -4.31 -7.76
CA TRP B 66 18.45 -4.03 -6.35
C TRP B 66 18.41 -2.52 -6.08
N PRO B 67 17.60 -2.10 -5.09
CA PRO B 67 16.76 -2.89 -4.19
C PRO B 67 15.25 -2.90 -4.49
N LEU B 68 14.85 -2.60 -5.72
CA LEU B 68 13.47 -2.27 -6.02
C LEU B 68 12.47 -3.42 -5.78
N ARG B 69 12.93 -4.68 -5.65
CA ARG B 69 11.94 -5.70 -5.26
C ARG B 69 11.48 -5.56 -3.82
N PHE B 70 12.12 -4.73 -3.01
CA PHE B 70 11.72 -4.59 -1.61
C PHE B 70 11.32 -3.17 -1.23
N PHE B 71 12.04 -2.16 -1.71
CA PHE B 71 11.71 -0.78 -1.42
C PHE B 71 12.01 0.07 -2.65
N ASN B 72 11.14 1.06 -2.91
CA ASN B 72 11.40 2.05 -3.94
C ASN B 72 11.64 3.45 -3.38
N ARG B 73 11.62 3.62 -2.04
CA ARG B 73 11.98 4.87 -1.37
C ARG B 73 13.09 4.62 -0.37
N THR B 74 14.08 5.51 -0.36
CA THR B 74 15.22 5.37 0.54
C THR B 74 15.60 6.72 1.09
N CYS B 75 16.38 6.68 2.17
CA CYS B 75 17.03 7.87 2.72
C CYS B 75 18.26 8.22 1.88
N HIS B 76 18.39 9.48 1.52
CA HIS B 76 19.60 10.02 0.92
C HIS B 76 20.08 11.16 1.80
N CYS B 77 21.26 11.01 2.39
CA CYS B 77 21.75 11.95 3.38
C CYS B 77 22.44 13.14 2.72
N ASN B 78 22.51 14.24 3.47
CA ASN B 78 23.06 15.52 3.04
C ASN B 78 24.51 15.69 3.50
N GLY B 79 25.30 16.44 2.74
CA GLY B 79 26.53 17.00 3.28
C GLY B 79 27.68 16.03 3.57
N ASN B 80 28.02 15.75 4.84
CA ASN B 80 28.98 14.68 5.13
C ASN B 80 28.46 13.75 6.25
N PHE B 81 27.12 13.61 6.38
CA PHE B 81 26.28 12.63 7.10
C PHE B 81 25.99 11.38 6.28
N SER B 82 25.68 10.26 6.95
CA SER B 82 25.43 8.97 6.30
C SER B 82 24.60 8.07 7.24
N GLY B 83 24.33 6.85 6.80
CA GLY B 83 23.54 5.92 7.59
C GLY B 83 22.13 5.76 7.03
N HIS B 84 21.51 4.62 7.38
CA HIS B 84 20.20 4.28 6.84
C HIS B 84 19.16 5.34 7.15
N ASN B 85 19.34 6.06 8.27
CA ASN B 85 18.47 7.19 8.60
C ASN B 85 19.29 8.46 8.80
N CYS B 86 20.50 8.48 8.27
CA CYS B 86 21.35 9.68 8.20
C CYS B 86 21.92 10.08 9.56
N GLY B 87 21.90 9.18 10.54
CA GLY B 87 22.34 9.48 11.90
C GLY B 87 23.80 9.19 12.24
N THR B 88 24.66 9.09 11.25
CA THR B 88 26.09 8.88 11.43
C THR B 88 26.79 9.64 10.32
N CYS B 89 28.09 9.41 10.14
CA CYS B 89 28.85 10.17 9.16
C CYS B 89 29.37 9.28 8.03
N ARG B 90 29.56 9.87 6.85
CA ARG B 90 30.24 9.17 5.76
C ARG B 90 31.61 8.68 6.20
N PRO B 91 32.14 7.70 5.49
CA PRO B 91 33.49 7.23 5.81
C PRO B 91 34.47 8.38 5.73
N GLY B 92 35.28 8.52 6.76
CA GLY B 92 36.29 9.55 6.79
C GLY B 92 35.88 10.84 7.45
N TRP B 93 34.70 10.88 8.08
CA TRP B 93 34.21 12.08 8.74
C TRP B 93 33.60 11.72 10.09
N ARG B 94 33.30 12.75 10.88
CA ARG B 94 33.23 12.55 12.31
C ARG B 94 32.65 13.79 12.98
N GLY B 95 31.96 13.60 14.10
CA GLY B 95 31.45 14.68 14.91
C GLY B 95 29.94 14.84 14.75
N ALA B 96 29.37 15.65 15.62
CA ALA B 96 27.94 15.95 15.51
C ALA B 96 27.61 16.56 14.16
N ALA B 97 28.53 17.36 13.61
CA ALA B 97 28.34 18.00 12.32
C ALA B 97 28.97 17.25 11.17
N CYS B 98 29.68 16.15 11.46
CA CYS B 98 30.40 15.39 10.44
C CYS B 98 31.34 16.29 9.65
N ASP B 99 31.99 17.20 10.38
CA ASP B 99 32.96 18.14 9.82
C ASP B 99 34.39 17.89 10.30
N GLN B 100 34.57 16.90 11.18
CA GLN B 100 35.89 16.50 11.65
C GLN B 100 36.43 15.41 10.74
N ARG B 101 37.59 15.64 10.13
CA ARG B 101 38.21 14.59 9.33
C ARG B 101 38.81 13.51 10.23
N VAL B 102 38.90 12.31 9.67
CA VAL B 102 39.50 11.16 10.34
C VAL B 102 40.17 10.32 9.27
N LEU B 103 41.28 9.68 9.64
CA LEU B 103 42.00 8.84 8.69
C LEU B 103 42.60 7.72 9.52
N ILE B 104 42.03 6.53 9.37
CA ILE B 104 42.50 5.37 10.07
C ILE B 104 43.41 4.58 9.15
N VAL B 105 44.29 3.77 9.73
CA VAL B 105 45.33 3.08 8.98
C VAL B 105 45.17 1.58 9.20
N ARG B 106 45.10 0.84 8.10
CA ARG B 106 44.98 -0.61 8.13
C ARG B 106 46.38 -1.19 7.99
N ARG B 107 46.79 -1.96 8.98
CA ARG B 107 48.18 -2.39 9.07
C ARG B 107 48.29 -3.90 8.90
N ASN B 108 49.49 -4.34 8.57
CA ASN B 108 49.80 -5.76 8.57
C ASN B 108 49.53 -6.35 9.96
N LEU B 109 48.74 -7.42 10.01
CA LEU B 109 48.41 -8.02 11.30
C LEU B 109 49.66 -8.47 12.04
N LEU B 110 50.67 -8.92 11.31
CA LEU B 110 51.92 -9.36 11.92
C LEU B 110 52.75 -8.22 12.52
N ASP B 111 52.58 -6.98 12.03
CA ASP B 111 53.30 -5.83 12.55
C ASP B 111 52.65 -5.23 13.80
N LEU B 112 51.50 -5.74 14.20
CA LEU B 112 50.79 -5.18 15.34
C LEU B 112 51.51 -5.55 16.65
N SER B 113 51.25 -4.77 17.69
CA SER B 113 51.82 -5.08 18.98
C SER B 113 51.03 -6.21 19.63
N LYS B 114 51.56 -6.72 20.75
CA LYS B 114 50.94 -7.87 21.39
C LYS B 114 49.57 -7.52 21.95
N GLU B 115 49.43 -6.33 22.53
CA GLU B 115 48.13 -5.91 23.03
C GLU B 115 47.19 -5.57 21.88
N GLU B 116 47.74 -5.05 20.79
CA GLU B 116 46.93 -4.77 19.60
C GLU B 116 46.42 -6.06 18.99
N LYS B 117 47.27 -7.10 18.97
CA LYS B 117 46.87 -8.40 18.43
C LYS B 117 45.74 -9.00 19.24
N ASN B 118 45.86 -8.96 20.56
CA ASN B 118 44.81 -9.50 21.40
C ASN B 118 43.53 -8.68 21.32
N HIS B 119 43.65 -7.39 21.04
CA HIS B 119 42.46 -6.54 20.94
C HIS B 119 41.65 -6.88 19.68
N PHE B 120 42.33 -7.08 18.55
CA PHE B 120 41.64 -7.43 17.31
C PHE B 120 40.95 -8.79 17.42
N VAL B 121 41.65 -9.79 17.96
CA VAL B 121 41.05 -11.12 18.09
C VAL B 121 39.82 -11.05 18.99
N ARG B 122 39.91 -10.32 20.10
CA ARG B 122 38.76 -10.21 20.99
C ARG B 122 37.63 -9.40 20.35
N ALA B 123 37.98 -8.34 19.61
CA ALA B 123 36.93 -7.57 18.92
C ALA B 123 36.18 -8.45 17.92
N LEU B 124 36.90 -9.29 17.17
CA LEU B 124 36.25 -10.21 16.22
C LEU B 124 35.28 -11.14 16.96
N ASP B 125 35.76 -11.76 18.04
CA ASP B 125 34.92 -12.68 18.79
C ASP B 125 33.70 -11.96 19.36
N MET B 126 33.90 -10.73 19.84
CA MET B 126 32.76 -9.95 20.33
C MET B 126 31.76 -9.67 19.19
N ALA B 127 32.25 -9.39 17.97
CA ALA B 127 31.32 -9.22 16.86
C ALA B 127 30.60 -10.51 16.52
N LYS B 128 31.23 -11.67 16.76
CA LYS B 128 30.58 -12.95 16.52
C LYS B 128 29.39 -13.16 17.45
N ARG B 129 29.44 -12.62 18.66
CA ARG B 129 28.44 -12.89 19.68
C ARG B 129 27.46 -11.74 19.92
N THR B 130 27.69 -10.58 19.32
CA THR B 130 26.87 -9.39 19.61
C THR B 130 25.85 -9.14 18.51
N THR B 131 24.59 -8.97 18.90
CA THR B 131 23.51 -8.78 17.95
C THR B 131 23.68 -7.46 17.20
N HIS B 132 23.53 -7.50 15.88
CA HIS B 132 23.69 -6.30 15.08
C HIS B 132 22.58 -5.31 15.43
N PRO B 133 22.90 -4.11 15.87
CA PRO B 133 21.82 -3.19 16.28
C PRO B 133 20.89 -2.78 15.13
N LEU B 134 21.43 -2.56 13.93
CA LEU B 134 20.67 -1.95 12.83
C LEU B 134 19.93 -2.95 11.93
N PHE B 135 20.60 -4.00 11.46
CA PHE B 135 20.07 -4.83 10.39
C PHE B 135 19.56 -6.16 10.92
N VAL B 136 18.50 -6.64 10.30
CA VAL B 136 18.00 -7.99 10.46
C VAL B 136 18.02 -8.64 9.08
N ILE B 137 17.98 -9.98 9.04
CA ILE B 137 18.18 -10.73 7.79
C ILE B 137 16.92 -11.50 7.43
N ALA B 138 16.65 -11.60 6.14
CA ALA B 138 15.49 -12.34 5.66
C ALA B 138 15.81 -13.84 5.63
N THR B 139 14.87 -14.66 6.10
CA THR B 139 15.01 -16.11 6.01
C THR B 139 14.17 -16.70 4.88
N ARG B 140 13.37 -15.89 4.21
CA ARG B 140 12.52 -16.33 3.11
C ARG B 140 12.61 -15.30 2.01
N ARG B 141 12.30 -15.72 0.77
CA ARG B 141 12.30 -14.82 -0.37
C ARG B 141 11.04 -13.94 -0.35
N SER B 142 10.99 -12.95 -1.25
CA SER B 142 9.96 -11.91 -1.15
C SER B 142 8.56 -12.51 -1.11
N GLU B 143 8.29 -13.47 -1.99
CA GLU B 143 6.97 -14.12 -2.03
C GLU B 143 6.52 -14.65 -0.67
N GLU B 144 7.43 -15.06 0.20
CA GLU B 144 7.01 -15.54 1.51
C GLU B 144 7.49 -14.63 2.63
N ILE B 145 7.82 -13.37 2.33
CA ILE B 145 8.52 -12.55 3.31
C ILE B 145 7.64 -12.20 4.50
N LEU B 146 6.31 -12.28 4.33
CA LEU B 146 5.37 -11.87 5.39
C LEU B 146 4.76 -13.05 6.10
N GLY B 147 5.25 -14.25 5.88
CA GLY B 147 4.90 -15.37 6.70
C GLY B 147 3.69 -16.12 6.21
N PRO B 148 3.33 -17.19 6.91
CA PRO B 148 2.16 -17.96 6.48
C PRO B 148 0.88 -17.15 6.56
N ASP B 149 0.71 -16.40 7.64
CA ASP B 149 -0.50 -15.62 7.86
C ASP B 149 -0.49 -14.27 7.14
N GLY B 150 0.59 -13.92 6.44
CA GLY B 150 0.66 -12.63 5.81
C GLY B 150 0.96 -11.48 6.74
N ASN B 151 1.13 -11.73 8.04
CA ASN B 151 1.38 -10.66 8.98
C ASN B 151 2.61 -10.90 9.86
N THR B 152 3.46 -11.87 9.53
CA THR B 152 4.62 -12.20 10.34
C THR B 152 5.87 -12.02 9.49
N PRO B 153 6.56 -10.89 9.58
CA PRO B 153 7.78 -10.71 8.77
C PRO B 153 8.81 -11.79 9.09
N GLN B 154 9.42 -12.32 8.04
CA GLN B 154 10.25 -13.51 8.17
C GLN B 154 11.73 -13.12 8.27
N PHE B 155 12.01 -12.26 9.27
CA PHE B 155 13.36 -11.75 9.52
C PHE B 155 13.85 -12.22 10.89
N GLU B 156 15.17 -12.39 11.00
CA GLU B 156 15.79 -12.74 12.27
C GLU B 156 16.89 -11.74 12.62
N ASN B 157 17.07 -11.51 13.92
CA ASN B 157 18.30 -10.91 14.39
C ASN B 157 19.49 -11.80 14.05
N ILE B 158 20.68 -11.21 14.15
CA ILE B 158 21.91 -11.89 13.76
C ILE B 158 23.09 -11.08 14.25
N SER B 159 24.20 -11.75 14.56
CA SER B 159 25.33 -11.03 15.13
C SER B 159 25.97 -10.12 14.07
N ILE B 160 26.82 -9.21 14.58
CA ILE B 160 27.56 -8.32 13.70
C ILE B 160 28.39 -9.13 12.71
N TYR B 161 29.07 -10.17 13.19
CA TYR B 161 29.91 -10.92 12.27
C TYR B 161 29.09 -11.81 11.35
N ASN B 162 28.06 -12.49 11.87
CA ASN B 162 27.28 -13.36 11.00
C ASN B 162 26.55 -12.57 9.91
N TYR B 163 26.19 -11.31 10.17
CA TYR B 163 25.66 -10.45 9.13
C TYR B 163 26.66 -10.25 8.00
N PHE B 164 27.92 -10.02 8.35
CA PHE B 164 29.01 -9.95 7.36
C PHE B 164 29.10 -11.24 6.53
N VAL B 165 28.83 -12.39 7.15
CA VAL B 165 28.77 -13.66 6.42
C VAL B 165 27.54 -13.72 5.54
N TRP B 166 26.39 -13.24 6.06
CA TRP B 166 25.11 -13.43 5.38
C TRP B 166 25.04 -12.62 4.09
N THR B 167 25.48 -11.37 4.10
CA THR B 167 25.44 -10.54 2.89
C THR B 167 26.27 -11.16 1.78
N HIS B 168 27.43 -11.72 2.14
CA HIS B 168 28.26 -12.42 1.16
C HIS B 168 27.51 -13.63 0.59
N TYR B 169 26.89 -14.44 1.46
CA TYR B 169 26.12 -15.58 0.99
C TYR B 169 24.97 -15.17 0.06
N TYR B 170 24.21 -14.12 0.44
CA TYR B 170 23.08 -13.71 -0.38
C TYR B 170 23.53 -13.23 -1.75
N SER B 171 24.73 -12.64 -1.84
CA SER B 171 25.19 -12.12 -3.12
C SER B 171 25.61 -13.23 -4.08
N VAL B 172 25.94 -14.41 -3.55
CA VAL B 172 26.43 -15.51 -4.38
C VAL B 172 25.42 -16.64 -4.52
N LYS B 173 24.36 -16.68 -3.72
CA LYS B 173 23.43 -17.80 -3.71
C LYS B 173 22.71 -17.95 -5.06
N LYS B 174 22.23 -19.18 -5.30
CA LYS B 174 21.59 -19.51 -6.56
C LYS B 174 20.18 -18.91 -6.66
N THR B 175 19.76 -18.62 -7.88
CA THR B 175 18.39 -18.21 -8.11
C THR B 175 17.46 -19.41 -7.98
N PHE B 176 16.55 -19.35 -7.03
CA PHE B 176 15.51 -20.36 -6.87
C PHE B 176 14.51 -20.22 -8.01
N LEU B 177 14.30 -21.31 -8.74
CA LEU B 177 13.33 -21.34 -9.83
C LEU B 177 12.06 -22.09 -9.46
N GLY B 178 12.01 -22.67 -8.27
CA GLY B 178 10.79 -23.26 -7.77
C GLY B 178 11.03 -24.68 -7.32
N VAL B 179 10.20 -25.12 -6.36
CA VAL B 179 10.19 -26.53 -5.98
C VAL B 179 10.11 -27.39 -7.22
N GLY B 180 10.90 -28.46 -7.23
CA GLY B 180 10.98 -29.34 -8.36
C GLY B 180 11.92 -28.92 -9.45
N GLN B 181 12.38 -27.66 -9.44
CA GLN B 181 13.28 -27.17 -10.48
C GLN B 181 14.72 -27.21 -9.98
N GLU B 182 15.67 -27.08 -10.90
CA GLU B 182 17.07 -27.02 -10.54
C GLU B 182 17.47 -25.56 -10.40
N SER B 183 17.93 -25.18 -9.21
CA SER B 183 18.33 -23.79 -8.99
C SER B 183 19.44 -23.39 -9.95
N PHE B 184 19.44 -22.12 -10.33
CA PHE B 184 20.32 -21.60 -11.37
C PHE B 184 21.56 -21.00 -10.72
N GLY B 185 22.73 -21.46 -11.14
CA GLY B 185 23.97 -21.10 -10.43
C GLY B 185 24.95 -20.28 -11.23
N GLU B 186 24.63 -19.94 -12.48
CA GLU B 186 25.52 -19.10 -13.28
C GLU B 186 25.22 -17.62 -13.08
N VAL B 187 25.23 -17.26 -11.79
CA VAL B 187 25.00 -15.89 -11.35
C VAL B 187 25.82 -15.72 -10.08
N ASP B 188 26.29 -14.51 -9.85
CA ASP B 188 27.09 -14.20 -8.68
C ASP B 188 27.24 -12.68 -8.64
N PHE B 189 26.59 -12.03 -7.68
CA PHE B 189 26.55 -10.58 -7.66
C PHE B 189 27.84 -9.94 -7.15
N SER B 190 28.81 -10.74 -6.72
CA SER B 190 30.00 -10.20 -6.08
C SER B 190 31.29 -10.80 -6.59
N HIS B 191 31.25 -11.74 -7.54
CA HIS B 191 32.44 -12.39 -8.03
C HIS B 191 32.34 -12.57 -9.53
N GLU B 192 33.49 -12.84 -10.14
CA GLU B 192 33.54 -13.23 -11.54
C GLU B 192 33.01 -12.11 -12.43
N GLY B 193 33.39 -10.89 -12.08
CA GLY B 193 33.01 -9.72 -12.83
C GLY B 193 33.53 -8.45 -12.19
N PRO B 194 33.34 -7.34 -12.90
CA PRO B 194 33.92 -6.04 -12.48
C PRO B 194 33.60 -5.63 -11.07
N ALA B 195 32.46 -6.06 -10.50
CA ALA B 195 32.08 -5.59 -9.18
C ALA B 195 32.81 -6.31 -8.06
N PHE B 196 33.68 -7.27 -8.37
CA PHE B 196 34.36 -8.04 -7.34
C PHE B 196 35.08 -7.12 -6.33
N LEU B 197 35.81 -6.12 -6.83
CA LEU B 197 36.67 -5.35 -5.93
C LEU B 197 35.90 -4.28 -5.19
N THR B 198 34.94 -3.64 -5.87
CA THR B 198 34.14 -2.62 -5.21
C THR B 198 33.17 -3.24 -4.22
N TRP B 199 32.61 -4.41 -4.57
CA TRP B 199 31.69 -5.09 -3.66
C TRP B 199 32.39 -5.47 -2.36
N HIS B 200 33.56 -6.09 -2.46
CA HIS B 200 34.25 -6.52 -1.24
C HIS B 200 34.79 -5.32 -0.46
N ARG B 201 35.10 -4.21 -1.14
CA ARG B 201 35.57 -3.03 -0.41
C ARG B 201 34.50 -2.49 0.52
N TYR B 202 33.25 -2.40 0.03
CA TYR B 202 32.18 -1.92 0.90
C TYR B 202 31.86 -2.96 1.99
N HIS B 203 31.88 -4.24 1.63
CA HIS B 203 31.77 -5.31 2.62
C HIS B 203 32.68 -5.05 3.82
N LEU B 204 33.96 -4.73 3.54
CA LEU B 204 34.89 -4.45 4.63
C LEU B 204 34.56 -3.13 5.33
N LEU B 205 34.24 -2.10 4.55
CA LEU B 205 33.83 -0.83 5.14
C LEU B 205 32.67 -1.03 6.10
N ARG B 206 31.71 -1.86 5.72
CA ARG B 206 30.55 -2.15 6.57
C ARG B 206 30.95 -2.87 7.86
N LEU B 207 31.83 -3.86 7.76
CA LEU B 207 32.22 -4.58 8.97
C LEU B 207 33.03 -3.67 9.89
N GLU B 208 34.00 -2.94 9.31
CA GLU B 208 34.87 -2.04 10.06
C GLU B 208 34.06 -0.99 10.80
N LYS B 209 33.11 -0.37 10.11
CA LYS B 209 32.25 0.62 10.74
C LYS B 209 31.50 0.00 11.91
N ASP B 210 30.92 -1.20 11.70
CA ASP B 210 30.11 -1.82 12.74
C ASP B 210 30.95 -2.19 13.96
N MET B 211 32.22 -2.48 13.77
CA MET B 211 33.06 -2.81 14.91
C MET B 211 33.52 -1.56 15.65
N GLN B 212 33.74 -0.45 14.94
CA GLN B 212 34.00 0.81 15.60
C GLN B 212 32.85 1.18 16.53
N GLU B 213 31.61 1.05 16.05
CA GLU B 213 30.44 1.34 16.86
C GLU B 213 30.31 0.37 18.03
N MET B 214 30.55 -0.92 17.78
CA MET B 214 30.45 -1.94 18.83
C MET B 214 31.41 -1.63 20.00
N LEU B 215 32.68 -1.36 19.68
CA LEU B 215 33.75 -1.03 20.63
C LEU B 215 33.75 0.42 21.07
N GLN B 216 32.95 1.31 20.45
CA GLN B 216 33.06 2.74 20.68
C GLN B 216 34.51 3.20 20.53
N GLU B 217 35.17 2.71 19.48
CA GLU B 217 36.51 3.12 19.10
C GLU B 217 36.48 3.64 17.67
N PRO B 218 36.27 4.93 17.48
CA PRO B 218 36.25 5.48 16.12
C PRO B 218 37.48 5.14 15.31
N SER B 219 38.61 4.96 15.95
CA SER B 219 39.90 4.74 15.31
C SER B 219 40.15 3.29 14.90
N PHE B 220 39.31 2.34 15.30
CA PHE B 220 39.59 0.92 15.06
C PHE B 220 39.58 0.63 13.57
N SER B 221 40.50 -0.23 13.14
CA SER B 221 40.64 -0.56 11.74
C SER B 221 40.89 -2.05 11.57
N LEU B 222 40.52 -2.56 10.39
CA LEU B 222 40.79 -3.95 10.05
C LEU B 222 42.24 -4.11 9.55
N PRO B 223 43.03 -5.01 10.12
CA PRO B 223 44.36 -5.30 9.57
C PRO B 223 44.24 -6.16 8.32
N TYR B 224 45.39 -6.42 7.69
CA TYR B 224 45.44 -7.23 6.49
C TYR B 224 46.45 -8.36 6.65
N TRP B 225 46.28 -9.37 5.80
CA TRP B 225 47.18 -10.52 5.77
C TRP B 225 47.94 -10.48 4.46
N ASN B 226 49.23 -10.17 4.51
CA ASN B 226 50.05 -10.31 3.31
C ASN B 226 50.21 -11.79 3.01
N PHE B 227 49.34 -12.32 2.14
CA PHE B 227 49.39 -13.71 1.72
C PHE B 227 50.28 -13.92 0.51
N ALA B 228 50.83 -12.84 -0.05
CA ALA B 228 51.71 -12.96 -1.20
C ALA B 228 53.17 -13.18 -0.79
N THR B 229 53.40 -14.18 0.08
CA THR B 229 54.73 -14.51 0.57
C THR B 229 55.33 -15.77 -0.05
N GLY B 230 54.59 -16.47 -0.92
CA GLY B 230 55.08 -17.71 -1.49
C GLY B 230 55.30 -18.84 -0.52
N LYS B 231 54.80 -18.72 0.70
CA LYS B 231 55.02 -19.70 1.74
C LYS B 231 54.17 -20.96 1.56
N ASN B 232 54.58 -22.00 2.28
CA ASN B 232 54.00 -23.32 2.45
C ASN B 232 52.99 -23.38 3.58
N VAL B 233 52.92 -22.34 4.40
CA VAL B 233 52.16 -22.36 5.64
C VAL B 233 51.39 -21.06 5.75
N CYS B 234 50.42 -21.05 6.66
CA CYS B 234 49.61 -19.89 6.97
C CYS B 234 50.31 -19.17 8.12
N ASP B 235 51.05 -18.11 7.81
CA ASP B 235 51.85 -17.50 8.86
C ASP B 235 51.00 -16.74 9.87
N ILE B 236 49.70 -16.58 9.63
CA ILE B 236 48.82 -16.01 10.63
C ILE B 236 47.99 -17.08 11.32
N CYS B 237 48.31 -18.36 11.13
CA CYS B 237 47.58 -19.42 11.84
C CYS B 237 48.36 -19.78 13.11
N THR B 238 48.24 -18.90 14.10
CA THR B 238 48.83 -19.11 15.41
C THR B 238 47.79 -18.68 16.43
N ASP B 239 47.95 -19.16 17.66
CA ASP B 239 46.90 -19.03 18.65
C ASP B 239 46.80 -17.63 19.26
N ASP B 240 47.81 -16.79 19.08
CA ASP B 240 47.61 -15.39 19.40
C ASP B 240 46.96 -14.62 18.24
N LEU B 241 46.68 -15.28 17.10
CA LEU B 241 46.19 -14.58 15.90
C LEU B 241 45.53 -15.59 14.97
N MET B 242 44.22 -15.76 15.02
CA MET B 242 43.45 -16.51 14.01
C MET B 242 43.49 -18.03 14.18
N GLY B 243 44.34 -18.58 15.07
CA GLY B 243 44.27 -19.98 15.44
C GLY B 243 45.21 -20.91 14.69
N SER B 244 45.97 -21.72 15.41
CA SER B 244 46.75 -22.74 14.72
C SER B 244 45.94 -24.03 14.61
N ARG B 245 46.52 -25.00 13.90
CA ARG B 245 45.90 -26.29 13.66
C ARG B 245 45.67 -27.05 14.97
N SER B 246 44.51 -27.69 15.08
CA SER B 246 44.19 -28.49 16.26
C SER B 246 45.02 -29.76 16.29
N ASN B 247 45.60 -30.05 17.46
CA ASN B 247 46.35 -31.30 17.62
C ASN B 247 45.46 -32.54 17.65
N PHE B 248 44.15 -32.38 17.78
CA PHE B 248 43.24 -33.52 17.83
C PHE B 248 42.52 -33.81 16.50
N ASP B 249 42.37 -32.80 15.64
CA ASP B 249 41.80 -33.00 14.31
C ASP B 249 42.51 -32.00 13.41
N SER B 250 43.29 -32.52 12.45
CA SER B 250 44.07 -31.69 11.53
C SER B 250 43.24 -30.65 10.78
N THR B 251 41.92 -30.81 10.71
CA THR B 251 41.11 -29.91 9.90
C THR B 251 40.30 -28.92 10.73
N LEU B 252 40.50 -28.89 12.04
CA LEU B 252 39.89 -27.95 12.97
C LEU B 252 40.92 -26.95 13.47
N ILE B 253 40.43 -25.92 14.13
CA ILE B 253 41.28 -24.87 14.69
C ILE B 253 41.57 -25.25 16.13
N SER B 254 42.76 -24.86 16.60
CA SER B 254 43.23 -25.23 17.93
C SER B 254 42.20 -24.86 18.98
N PRO B 255 41.90 -25.75 19.93
CA PRO B 255 40.99 -25.39 21.03
C PRO B 255 41.50 -24.24 21.89
N ASN B 256 42.77 -23.88 21.78
CA ASN B 256 43.30 -22.71 22.50
C ASN B 256 43.11 -21.42 21.72
N SER B 257 42.34 -21.47 20.64
CA SER B 257 41.98 -20.29 19.88
C SER B 257 40.48 -20.08 20.01
N VAL B 258 40.07 -18.84 20.26
CA VAL B 258 38.66 -18.57 20.42
C VAL B 258 37.88 -18.88 19.15
N PHE B 259 38.55 -18.89 17.99
CA PHE B 259 37.89 -19.21 16.73
C PHE B 259 37.49 -20.67 16.62
N SER B 260 38.02 -21.55 17.48
CA SER B 260 37.58 -22.95 17.51
C SER B 260 36.19 -23.08 18.12
N GLN B 261 35.72 -22.08 18.86
CA GLN B 261 34.37 -22.09 19.39
C GLN B 261 33.32 -21.57 18.41
N TRP B 262 33.73 -20.90 17.32
CA TRP B 262 32.78 -20.36 16.35
C TRP B 262 32.00 -21.46 15.66
N ARG B 263 30.73 -21.19 15.41
CA ARG B 263 29.87 -22.09 14.65
C ARG B 263 29.29 -21.32 13.48
N VAL B 264 29.25 -21.96 12.31
CA VAL B 264 29.08 -21.26 11.06
C VAL B 264 27.61 -21.17 10.67
N VAL B 265 27.30 -20.13 9.88
CA VAL B 265 25.99 -19.93 9.30
C VAL B 265 26.07 -20.12 7.79
N CYS B 266 24.92 -20.46 7.20
CA CYS B 266 24.70 -20.52 5.76
C CYS B 266 25.31 -21.76 5.11
N ASP B 267 25.40 -22.85 5.86
CA ASP B 267 26.01 -24.08 5.35
C ASP B 267 24.99 -25.11 4.90
N SER B 268 23.72 -24.72 4.72
CA SER B 268 22.73 -25.69 4.31
C SER B 268 22.24 -25.39 2.90
N LEU B 269 23.16 -25.33 1.94
CA LEU B 269 22.79 -25.00 0.56
C LEU B 269 21.68 -25.90 0.04
N GLU B 270 21.64 -27.16 0.47
CA GLU B 270 20.67 -28.04 -0.13
C GLU B 270 19.28 -27.83 0.42
N ASP B 271 19.16 -27.23 1.62
CA ASP B 271 17.86 -26.73 2.06
C ASP B 271 17.47 -25.46 1.30
N TYR B 272 18.38 -24.49 1.22
CA TYR B 272 18.04 -23.24 0.56
C TYR B 272 17.65 -23.47 -0.90
N ASP B 273 18.44 -24.28 -1.60
CA ASP B 273 18.30 -24.41 -3.05
C ASP B 273 17.23 -25.39 -3.49
N THR B 274 16.62 -26.14 -2.59
CA THR B 274 15.48 -26.98 -2.94
C THR B 274 14.17 -26.50 -2.32
N LEU B 275 14.21 -25.89 -1.14
CA LEU B 275 13.00 -25.37 -0.52
C LEU B 275 12.73 -23.92 -0.84
N GLY B 276 13.70 -23.19 -1.38
CA GLY B 276 13.51 -21.77 -1.64
C GLY B 276 13.66 -20.88 -0.43
N THR B 277 14.20 -21.41 0.66
CA THR B 277 14.51 -20.65 1.86
C THR B 277 15.84 -19.90 1.69
N LEU B 278 16.22 -19.15 2.73
CA LEU B 278 17.48 -18.43 2.77
C LEU B 278 18.21 -18.73 4.06
N CYS B 279 19.53 -18.69 4.01
CA CYS B 279 20.34 -18.81 5.22
C CYS B 279 19.73 -18.01 6.37
N ASN B 280 19.58 -18.66 7.52
CA ASN B 280 19.09 -17.98 8.71
C ASN B 280 20.20 -17.87 9.76
N SER B 281 19.84 -17.41 10.95
CA SER B 281 20.83 -17.06 11.97
C SER B 281 21.25 -18.24 12.84
N THR B 282 20.85 -19.46 12.52
CA THR B 282 21.16 -20.60 13.36
C THR B 282 22.49 -21.21 12.95
N GLU B 283 23.40 -21.33 13.91
CA GLU B 283 24.73 -21.81 13.63
C GLU B 283 24.76 -23.35 13.62
N ASP B 284 25.77 -23.88 12.94
CA ASP B 284 25.84 -25.32 12.70
C ASP B 284 27.20 -25.92 13.08
N GLY B 285 27.98 -26.31 12.10
CA GLY B 285 29.26 -26.90 12.37
C GLY B 285 30.32 -25.89 12.75
N PRO B 286 31.53 -26.38 12.96
CA PRO B 286 32.67 -25.51 13.22
C PRO B 286 33.38 -25.09 11.93
N ILE B 287 34.34 -24.18 12.08
CA ILE B 287 35.20 -23.83 10.97
C ILE B 287 36.10 -25.01 10.62
N ARG B 288 36.21 -25.32 9.34
CA ARG B 288 37.18 -26.28 8.84
C ARG B 288 38.33 -25.51 8.17
N ARG B 289 39.55 -25.77 8.62
CA ARG B 289 40.73 -25.16 8.03
C ARG B 289 41.86 -26.16 8.03
N ASN B 290 42.56 -26.23 6.91
CA ASN B 290 43.63 -27.21 6.71
C ASN B 290 44.63 -26.62 5.73
N PRO B 291 45.38 -25.59 6.15
CA PRO B 291 46.24 -24.87 5.21
C PRO B 291 47.25 -25.82 4.58
N ALA B 292 47.43 -25.67 3.26
CA ALA B 292 48.27 -26.54 2.43
C ALA B 292 47.80 -28.00 2.40
N GLY B 293 46.63 -28.31 2.98
CA GLY B 293 46.17 -29.68 3.02
C GLY B 293 45.55 -30.27 1.77
N ASN B 294 45.39 -29.52 0.67
CA ASN B 294 44.74 -30.06 -0.53
C ASN B 294 45.76 -30.88 -1.33
N VAL B 295 45.97 -32.12 -0.86
CA VAL B 295 47.00 -32.98 -1.45
C VAL B 295 46.64 -33.36 -2.88
N ALA B 296 45.34 -33.47 -3.19
CA ALA B 296 44.88 -33.81 -4.52
C ALA B 296 45.10 -32.70 -5.53
N ARG B 297 45.58 -31.54 -5.09
CA ARG B 297 45.72 -30.37 -5.96
C ARG B 297 46.94 -29.58 -5.53
N PRO B 298 48.13 -30.08 -5.87
CA PRO B 298 49.37 -29.43 -5.40
C PRO B 298 49.47 -27.94 -5.74
N MET B 299 48.84 -27.49 -6.82
CA MET B 299 48.90 -26.08 -7.20
C MET B 299 48.35 -25.15 -6.12
N VAL B 300 47.49 -25.61 -5.23
CA VAL B 300 46.94 -24.73 -4.20
C VAL B 300 47.50 -25.12 -2.84
N GLN B 301 48.70 -25.68 -2.82
CA GLN B 301 49.40 -25.96 -1.58
C GLN B 301 50.51 -24.95 -1.29
N ARG B 302 50.63 -23.92 -2.11
CA ARG B 302 51.56 -22.82 -1.88
C ARG B 302 50.84 -21.50 -2.18
N LEU B 303 51.21 -20.44 -1.45
CA LEU B 303 50.56 -19.13 -1.57
C LEU B 303 51.15 -18.36 -2.75
N PRO B 304 50.52 -17.25 -3.14
CA PRO B 304 51.09 -16.43 -4.23
C PRO B 304 52.50 -15.96 -3.89
N GLU B 305 53.36 -15.95 -4.90
CA GLU B 305 54.68 -15.36 -4.80
C GLU B 305 54.59 -13.83 -4.81
N PRO B 306 55.51 -13.15 -4.10
CA PRO B 306 55.48 -11.68 -4.09
C PRO B 306 55.55 -11.04 -5.47
N GLN B 307 56.24 -11.67 -6.44
CA GLN B 307 56.26 -11.16 -7.80
C GLN B 307 54.89 -11.22 -8.46
N ASP B 308 53.98 -12.05 -7.96
CA ASP B 308 52.63 -12.07 -8.48
C ASP B 308 51.92 -10.73 -8.25
N VAL B 309 52.05 -10.17 -7.03
CA VAL B 309 51.48 -8.85 -6.76
C VAL B 309 52.09 -7.81 -7.67
N ALA B 310 53.42 -7.82 -7.79
CA ALA B 310 54.09 -6.85 -8.64
C ALA B 310 53.63 -6.97 -10.08
N GLN B 311 53.48 -8.20 -10.58
CA GLN B 311 53.07 -8.38 -11.97
C GLN B 311 51.63 -7.92 -12.21
N CYS B 312 50.73 -8.23 -11.29
CA CYS B 312 49.33 -7.89 -11.52
C CYS B 312 49.11 -6.38 -11.51
N LEU B 313 49.89 -5.64 -10.71
CA LEU B 313 49.77 -4.19 -10.75
C LEU B 313 50.29 -3.58 -12.06
N GLU B 314 50.78 -4.39 -12.99
CA GLU B 314 51.21 -3.91 -14.30
C GLU B 314 50.13 -4.07 -15.36
N VAL B 315 49.00 -4.67 -15.00
CA VAL B 315 47.86 -4.77 -15.91
C VAL B 315 47.07 -3.47 -15.79
N GLY B 316 47.07 -2.67 -16.87
CA GLY B 316 46.58 -1.32 -16.83
C GLY B 316 45.11 -1.12 -17.14
N LEU B 317 44.45 -2.10 -17.71
CA LEU B 317 43.00 -2.04 -17.86
C LEU B 317 42.35 -2.61 -16.61
N PHE B 318 41.40 -1.87 -16.03
CA PHE B 318 40.72 -2.40 -14.85
C PHE B 318 39.98 -3.69 -15.18
N ASP B 319 39.30 -3.74 -16.32
CA ASP B 319 38.60 -4.95 -16.73
C ASP B 319 38.46 -4.94 -18.25
N THR B 320 38.12 -6.10 -18.80
CA THR B 320 38.01 -6.30 -20.24
C THR B 320 36.80 -7.19 -20.52
N PRO B 321 36.19 -7.05 -21.71
CA PRO B 321 35.10 -7.94 -22.14
C PRO B 321 35.57 -9.40 -22.15
N PRO B 322 34.71 -10.33 -21.74
CA PRO B 322 33.30 -10.13 -21.40
C PRO B 322 33.04 -9.76 -19.92
N PHE B 323 34.03 -9.21 -19.22
CA PHE B 323 33.88 -8.83 -17.82
C PHE B 323 33.46 -10.03 -16.95
N TYR B 324 34.26 -11.08 -17.03
CA TYR B 324 33.86 -12.33 -16.41
C TYR B 324 35.12 -13.01 -15.90
N SER B 325 34.95 -14.20 -15.30
CA SER B 325 36.08 -14.99 -14.82
C SER B 325 36.96 -15.55 -15.95
N ASN B 326 36.66 -15.33 -17.22
CA ASN B 326 37.61 -15.68 -18.27
C ASN B 326 38.09 -14.46 -19.04
N SER B 327 37.99 -13.27 -18.45
CA SER B 327 38.59 -12.10 -19.07
C SER B 327 40.10 -12.27 -19.14
N THR B 328 40.70 -11.58 -20.11
CA THR B 328 42.13 -11.61 -20.32
C THR B 328 42.64 -10.18 -20.36
N ASN B 329 43.85 -9.98 -19.84
CA ASN B 329 44.43 -8.65 -19.69
C ASN B 329 43.55 -7.75 -18.84
N SER B 330 42.81 -8.33 -17.90
CA SER B 330 41.94 -7.60 -16.98
C SER B 330 42.61 -7.53 -15.62
N PHE B 331 42.78 -6.32 -15.07
CA PHE B 331 43.35 -6.25 -13.73
C PHE B 331 42.43 -6.91 -12.71
N ARG B 332 41.12 -6.68 -12.84
CA ARG B 332 40.15 -7.25 -11.91
C ARG B 332 40.22 -8.77 -11.95
N ASN B 333 40.28 -9.36 -13.15
CA ASN B 333 40.32 -10.83 -13.20
C ASN B 333 41.66 -11.35 -12.70
N THR B 334 42.73 -10.58 -12.87
CA THR B 334 44.05 -11.02 -12.40
C THR B 334 44.09 -11.07 -10.88
N VAL B 335 43.71 -9.96 -10.21
CA VAL B 335 43.79 -9.95 -8.76
C VAL B 335 42.73 -10.85 -8.15
N GLU B 336 41.56 -10.98 -8.79
CA GLU B 336 40.56 -11.90 -8.26
C GLU B 336 41.11 -13.32 -8.29
N GLY B 337 41.85 -13.65 -9.34
CA GLY B 337 42.69 -14.83 -9.34
C GLY B 337 42.44 -15.79 -10.48
N PHE B 338 41.58 -15.42 -11.43
CA PHE B 338 41.21 -16.36 -12.49
C PHE B 338 42.20 -16.37 -13.66
N SER B 339 42.94 -15.29 -13.87
CA SER B 339 44.05 -15.30 -14.81
C SER B 339 45.36 -15.30 -14.03
N ASP B 340 46.45 -15.59 -14.73
CA ASP B 340 47.75 -15.63 -14.08
C ASP B 340 48.22 -14.21 -13.81
N PRO B 341 49.23 -14.02 -12.95
CA PRO B 341 49.56 -12.65 -12.51
C PRO B 341 49.89 -11.69 -13.63
N THR B 342 50.26 -12.17 -14.81
CA THR B 342 50.56 -11.29 -15.92
C THR B 342 49.32 -10.93 -16.75
N GLY B 343 48.14 -11.45 -16.39
CA GLY B 343 46.91 -11.16 -17.10
C GLY B 343 46.45 -12.21 -18.10
N LYS B 344 47.15 -13.34 -18.22
CA LYS B 344 46.78 -14.38 -19.17
C LYS B 344 45.73 -15.27 -18.51
N TYR B 345 44.57 -15.40 -19.14
CA TYR B 345 43.59 -16.35 -18.64
C TYR B 345 44.08 -17.77 -18.92
N ASP B 346 43.93 -18.63 -17.94
CA ASP B 346 44.26 -20.04 -18.07
C ASP B 346 43.26 -20.79 -17.21
N PRO B 347 42.39 -21.62 -17.81
CA PRO B 347 41.33 -22.30 -17.03
C PRO B 347 41.87 -23.14 -15.91
N ALA B 348 43.14 -23.53 -15.99
CA ALA B 348 43.72 -24.46 -15.04
C ALA B 348 44.42 -23.77 -13.87
N VAL B 349 44.77 -22.49 -13.97
CA VAL B 349 45.51 -21.86 -12.90
C VAL B 349 44.57 -21.14 -11.96
N SER B 350 44.98 -21.05 -10.70
CA SER B 350 44.32 -20.30 -9.66
C SER B 350 45.39 -19.43 -9.01
N SER B 351 45.24 -18.11 -9.04
CA SER B 351 46.30 -17.25 -8.48
C SER B 351 45.70 -16.23 -7.50
N LEU B 352 46.60 -15.44 -6.90
CA LEU B 352 46.33 -14.36 -5.95
C LEU B 352 45.15 -14.61 -5.01
N HIS B 353 44.11 -13.75 -5.06
CA HIS B 353 43.01 -13.84 -4.10
C HIS B 353 42.33 -15.21 -4.10
N ASN B 354 42.07 -15.79 -5.29
CA ASN B 354 41.46 -17.12 -5.33
C ASN B 354 42.40 -18.16 -4.73
N LEU B 355 43.69 -18.06 -5.07
CA LEU B 355 44.69 -18.98 -4.53
C LEU B 355 44.75 -18.90 -3.01
N ALA B 356 44.70 -17.70 -2.44
CA ALA B 356 44.75 -17.60 -0.99
C ALA B 356 43.56 -18.30 -0.36
N HIS B 357 42.37 -18.17 -0.98
CA HIS B 357 41.18 -18.89 -0.50
C HIS B 357 41.39 -20.39 -0.52
N LEU B 358 41.82 -20.94 -1.66
CA LEU B 358 41.86 -22.40 -1.83
C LEU B 358 42.96 -23.04 -0.99
N PHE B 359 44.01 -22.27 -0.69
CA PHE B 359 45.11 -22.73 0.14
C PHE B 359 44.61 -23.16 1.52
N LEU B 360 43.54 -22.54 2.01
CA LEU B 360 43.03 -22.88 3.32
C LEU B 360 42.37 -24.26 3.35
N ASN B 361 42.02 -24.81 2.18
CA ASN B 361 41.46 -26.16 2.04
C ASN B 361 40.47 -26.48 3.18
N GLY B 362 39.44 -25.63 3.25
CA GLY B 362 38.38 -25.75 4.24
C GLY B 362 37.27 -24.73 4.02
N THR B 363 36.63 -24.31 5.11
CA THR B 363 35.54 -23.33 5.03
C THR B 363 35.90 -22.10 4.19
N GLY B 364 37.12 -21.58 4.36
CA GLY B 364 37.59 -20.40 3.65
C GLY B 364 37.67 -20.57 2.14
N GLY B 365 37.63 -21.80 1.65
CA GLY B 365 37.74 -22.07 0.23
C GLY B 365 36.45 -22.20 -0.55
N GLN B 366 35.30 -21.97 0.07
CA GLN B 366 34.00 -22.12 -0.59
C GLN B 366 33.28 -20.78 -0.60
N VAL B 367 32.92 -20.32 -1.80
CA VAL B 367 32.53 -18.91 -1.93
C VAL B 367 31.30 -18.58 -1.09
N HIS B 368 30.40 -19.55 -0.89
CA HIS B 368 29.20 -19.24 -0.12
C HIS B 368 29.43 -19.30 1.37
N LEU B 369 30.55 -19.86 1.83
CA LEU B 369 30.84 -20.01 3.26
C LEU B 369 32.02 -19.17 3.73
N SER B 370 32.89 -18.74 2.81
CA SER B 370 34.24 -18.37 3.19
C SER B 370 34.32 -17.28 4.26
N PRO B 371 33.43 -16.29 4.34
CA PRO B 371 33.54 -15.32 5.45
C PRO B 371 33.40 -15.93 6.85
N ASN B 372 32.93 -17.18 7.00
CA ASN B 372 32.84 -17.78 8.35
C ASN B 372 34.21 -17.97 8.98
N ASP B 373 35.24 -18.19 8.17
CA ASP B 373 36.60 -18.21 8.68
C ASP B 373 37.07 -16.78 8.72
N PRO B 374 37.39 -16.23 9.90
CA PRO B 374 37.75 -14.81 9.98
C PRO B 374 39.02 -14.46 9.19
N ILE B 375 39.78 -15.43 8.71
CA ILE B 375 40.91 -15.10 7.85
C ILE B 375 40.43 -14.34 6.62
N PHE B 376 39.17 -14.58 6.22
CA PHE B 376 38.53 -13.87 5.10
C PHE B 376 38.73 -12.36 5.22
N VAL B 377 38.37 -11.78 6.38
CA VAL B 377 38.58 -10.34 6.60
C VAL B 377 39.97 -9.92 6.13
N LEU B 378 41.00 -10.60 6.65
CA LEU B 378 42.39 -10.19 6.43
C LEU B 378 42.84 -10.51 5.04
N LEU B 379 42.34 -11.60 4.48
CA LEU B 379 42.54 -11.91 3.07
C LEU B 379 42.02 -10.79 2.18
N HIS B 380 40.89 -10.18 2.55
CA HIS B 380 40.26 -9.18 1.69
C HIS B 380 40.73 -7.75 1.92
N THR B 381 41.12 -7.39 3.15
CA THR B 381 41.78 -6.09 3.31
C THR B 381 43.06 -6.05 2.50
N PHE B 382 43.82 -7.14 2.49
CA PHE B 382 44.99 -7.15 1.63
C PHE B 382 44.59 -7.02 0.16
N THR B 383 43.52 -7.73 -0.25
CA THR B 383 43.03 -7.63 -1.63
C THR B 383 42.55 -6.21 -1.94
N ASP B 384 41.95 -5.54 -0.96
CA ASP B 384 41.58 -4.15 -1.13
C ASP B 384 42.80 -3.23 -1.27
N ALA B 385 43.91 -3.57 -0.61
CA ALA B 385 45.13 -2.77 -0.69
C ALA B 385 45.71 -2.79 -2.10
N VAL B 386 45.82 -3.97 -2.71
CA VAL B 386 46.20 -4.05 -4.12
C VAL B 386 45.25 -3.21 -4.97
N PHE B 387 43.94 -3.35 -4.73
CA PHE B 387 42.95 -2.55 -5.44
C PHE B 387 43.24 -1.06 -5.28
N ASP B 388 43.44 -0.63 -4.03
CA ASP B 388 43.72 0.79 -3.82
C ASP B 388 45.05 1.20 -4.45
N GLU B 389 46.07 0.34 -4.37
CA GLU B 389 47.32 0.65 -5.04
C GLU B 389 47.10 0.82 -6.55
N TRP B 390 46.27 -0.04 -7.15
CA TRP B 390 45.97 0.10 -8.57
C TRP B 390 45.27 1.42 -8.85
N LEU B 391 44.32 1.79 -8.00
CA LEU B 391 43.61 3.06 -8.18
C LEU B 391 44.59 4.24 -8.17
N ARG B 392 45.50 4.27 -7.20
CA ARG B 392 46.50 5.35 -7.15
C ARG B 392 47.33 5.39 -8.43
N ARG B 393 47.75 4.23 -8.91
CA ARG B 393 48.72 4.13 -9.98
C ARG B 393 48.14 4.39 -11.37
N TYR B 394 46.84 4.20 -11.57
CA TYR B 394 46.18 4.50 -12.84
C TYR B 394 45.09 5.55 -12.68
N ASN B 395 45.23 6.41 -11.68
CA ASN B 395 44.37 7.58 -11.43
C ASN B 395 42.90 7.25 -11.52
N ALA B 396 42.52 6.14 -10.89
CA ALA B 396 41.10 5.80 -10.73
C ALA B 396 40.38 5.83 -12.07
N ASP B 397 41.06 5.33 -13.12
CA ASP B 397 40.49 5.25 -14.46
C ASP B 397 39.36 4.22 -14.46
N ILE B 398 38.12 4.72 -14.46
CA ILE B 398 36.95 3.85 -14.45
C ILE B 398 36.45 3.51 -15.86
N SER B 399 37.14 3.95 -16.90
CA SER B 399 36.53 3.92 -18.25
C SER B 399 36.24 2.51 -18.73
N THR B 400 36.96 1.50 -18.23
CA THR B 400 36.73 0.12 -18.66
C THR B 400 35.80 -0.65 -17.74
N PHE B 401 35.36 -0.07 -16.64
CA PHE B 401 34.32 -0.66 -15.82
C PHE B 401 33.00 -0.50 -16.57
N PRO B 402 32.41 -1.57 -17.12
CA PRO B 402 31.32 -1.39 -18.09
C PRO B 402 30.05 -0.84 -17.46
N LEU B 403 29.39 0.07 -18.19
CA LEU B 403 28.08 0.57 -17.80
C LEU B 403 26.96 -0.41 -18.10
N GLU B 404 27.18 -1.35 -19.02
CA GLU B 404 26.16 -2.30 -19.41
C GLU B 404 26.83 -3.57 -19.93
N ASN B 405 26.02 -4.63 -20.04
CA ASN B 405 26.35 -5.93 -20.61
C ASN B 405 27.34 -6.74 -19.74
N ALA B 406 27.65 -6.27 -18.53
CA ALA B 406 28.36 -7.06 -17.55
C ALA B 406 27.42 -8.11 -16.96
N PRO B 407 27.95 -9.16 -16.31
CA PRO B 407 27.08 -10.10 -15.59
C PRO B 407 26.19 -9.37 -14.59
N ILE B 408 24.98 -9.88 -14.40
CA ILE B 408 24.04 -9.17 -13.55
C ILE B 408 24.67 -8.88 -12.20
N GLY B 409 24.49 -7.66 -11.71
CA GLY B 409 25.09 -7.16 -10.49
C GLY B 409 26.33 -6.30 -10.69
N HIS B 410 26.99 -6.44 -11.84
CA HIS B 410 28.32 -5.90 -12.09
C HIS B 410 28.34 -4.70 -13.01
N ASN B 411 27.20 -4.24 -13.47
CA ASN B 411 27.17 -2.95 -14.15
C ASN B 411 27.64 -1.86 -13.19
N ARG B 412 28.22 -0.79 -13.76
CA ARG B 412 28.89 0.20 -12.93
C ARG B 412 27.92 0.81 -11.91
N GLN B 413 26.69 1.07 -12.32
CA GLN B 413 25.70 1.74 -11.49
C GLN B 413 24.73 0.77 -10.81
N TYR B 414 24.96 -0.53 -10.94
CA TYR B 414 24.21 -1.47 -10.12
C TYR B 414 24.42 -1.17 -8.65
N ASN B 415 23.34 -1.20 -7.87
CA ASN B 415 23.44 -1.10 -6.42
C ASN B 415 23.99 -2.42 -5.90
N MET B 416 25.09 -2.36 -5.14
CA MET B 416 25.80 -3.57 -4.75
C MET B 416 24.96 -4.39 -3.79
N VAL B 417 24.68 -5.63 -4.17
CA VAL B 417 23.69 -6.46 -3.53
C VAL B 417 24.29 -7.23 -2.35
N PRO B 418 23.65 -7.18 -1.17
CA PRO B 418 22.38 -6.56 -0.82
C PRO B 418 22.54 -5.39 0.14
N PHE B 419 23.42 -4.45 -0.16
CA PHE B 419 23.75 -3.43 0.83
C PHE B 419 22.66 -2.37 0.90
N TRP B 420 22.42 -1.88 2.12
CA TRP B 420 21.43 -0.86 2.39
C TRP B 420 22.02 0.27 3.23
N PRO B 421 21.74 1.55 2.86
CA PRO B 421 21.04 2.04 1.67
C PRO B 421 21.78 1.75 0.36
N PRO B 422 21.13 1.92 -0.79
CA PRO B 422 21.78 1.58 -2.06
C PRO B 422 23.14 2.26 -2.19
N VAL B 423 24.11 1.53 -2.72
CA VAL B 423 25.46 2.05 -2.94
C VAL B 423 25.99 1.42 -4.22
N THR B 424 26.41 2.25 -5.17
CA THR B 424 26.83 1.75 -6.48
C THR B 424 28.30 1.36 -6.45
N ASN B 425 28.68 0.53 -7.42
CA ASN B 425 30.10 0.23 -7.59
C ASN B 425 30.92 1.50 -7.79
N THR B 426 30.37 2.49 -8.52
CA THR B 426 31.01 3.78 -8.71
C THR B 426 31.43 4.43 -7.40
N GLU B 427 30.56 4.42 -6.38
CA GLU B 427 30.93 5.09 -5.13
C GLU B 427 32.15 4.46 -4.46
N MET B 428 32.52 3.21 -4.81
CA MET B 428 33.69 2.58 -4.24
C MET B 428 34.91 2.67 -5.13
N PHE B 429 34.73 3.10 -6.37
CA PHE B 429 35.85 3.24 -7.31
C PHE B 429 36.57 4.59 -7.10
N VAL B 430 37.13 4.74 -5.91
CA VAL B 430 37.81 5.96 -5.48
C VAL B 430 39.00 5.58 -4.60
N THR B 431 40.12 6.29 -4.77
CA THR B 431 41.25 6.13 -3.87
C THR B 431 40.77 6.27 -2.43
N ALA B 432 41.07 5.27 -1.60
CA ALA B 432 40.54 5.28 -0.23
C ALA B 432 41.03 6.44 0.65
N PRO B 433 42.31 6.84 0.66
CA PRO B 433 42.76 7.82 1.66
C PRO B 433 42.01 9.15 1.62
N ASP B 434 41.80 9.72 0.42
CA ASP B 434 41.09 10.98 0.28
C ASP B 434 39.58 10.82 0.42
N ASN B 435 39.05 9.68 0.01
CA ASN B 435 37.62 9.55 -0.20
C ASN B 435 36.92 8.70 0.84
N LEU B 436 37.59 7.69 1.39
CA LEU B 436 36.92 6.73 2.24
C LEU B 436 37.46 6.73 3.66
N GLY B 437 38.50 7.52 3.94
CA GLY B 437 38.95 7.72 5.30
C GLY B 437 39.83 6.63 5.86
N TYR B 438 40.51 5.88 5.01
CA TYR B 438 41.43 4.86 5.47
C TYR B 438 42.54 4.71 4.46
N THR B 439 43.67 4.17 4.93
CA THR B 439 44.79 3.86 4.06
C THR B 439 45.54 2.65 4.62
N TYR B 440 46.48 2.16 3.81
CA TYR B 440 47.23 0.95 4.07
C TYR B 440 48.68 1.30 4.39
N GLU B 441 49.17 0.83 5.53
CA GLU B 441 50.60 0.84 5.82
C GLU B 441 51.22 -0.35 5.12
N ILE B 442 51.86 -0.13 3.98
CA ILE B 442 52.25 -1.22 3.09
C ILE B 442 53.28 -0.70 2.10
N GLN B 443 54.21 -1.56 1.72
CA GLN B 443 55.13 -1.29 0.63
C GLN B 443 54.99 -2.38 -0.44
N TRP B 444 55.30 -2.02 -1.68
CA TRP B 444 55.02 -2.95 -2.79
C TRP B 444 56.31 -3.41 -3.46
N PRO B 445 56.36 -4.67 -3.90
CA PRO B 445 57.60 -5.23 -4.45
C PRO B 445 58.04 -4.53 -5.73
N SER B 446 59.37 -4.38 -5.87
CA SER B 446 60.01 -3.78 -7.04
C SER B 446 61.53 -3.74 -6.84
N GLN C 1 -13.83 -15.98 -14.88
CA GLN C 1 -14.63 -14.80 -14.38
C GLN C 1 -13.72 -13.58 -14.41
N PHE C 2 -13.93 -12.55 -13.60
CA PHE C 2 -13.22 -11.36 -14.09
C PHE C 2 -12.06 -10.99 -13.19
N PRO C 3 -10.98 -10.46 -13.77
CA PRO C 3 -9.87 -9.94 -12.95
C PRO C 3 -10.37 -8.83 -12.03
N ARG C 4 -9.86 -8.83 -10.79
CA ARG C 4 -10.42 -7.94 -9.77
C ARG C 4 -10.35 -6.47 -10.19
N GLN C 5 -9.31 -6.07 -10.94
CA GLN C 5 -9.26 -4.67 -11.36
C GLN C 5 -10.26 -4.34 -12.47
N CYS C 6 -10.87 -5.33 -13.09
CA CYS C 6 -12.00 -5.08 -13.97
C CYS C 6 -13.34 -5.17 -13.26
N ALA C 7 -13.39 -5.65 -12.03
CA ALA C 7 -14.67 -5.73 -11.33
C ALA C 7 -15.07 -4.41 -10.66
N THR C 8 -14.93 -3.30 -11.35
CA THR C 8 -15.13 -1.98 -10.76
C THR C 8 -16.25 -1.26 -11.50
N VAL C 9 -16.79 -0.22 -10.85
CA VAL C 9 -17.78 0.64 -11.52
C VAL C 9 -17.22 1.17 -12.83
N GLU C 10 -15.97 1.65 -12.81
CA GLU C 10 -15.40 2.32 -13.98
C GLU C 10 -15.20 1.33 -15.13
N ALA C 11 -14.60 0.17 -14.85
CA ALA C 11 -14.36 -0.81 -15.91
C ALA C 11 -15.65 -1.29 -16.52
N LEU C 12 -16.65 -1.59 -15.68
CA LEU C 12 -17.93 -2.08 -16.19
C LEU C 12 -18.68 -1.01 -16.97
N ARG C 13 -18.52 0.27 -16.60
CA ARG C 13 -19.17 1.31 -17.39
C ARG C 13 -18.45 1.58 -18.71
N SER C 14 -17.13 1.46 -18.74
CA SER C 14 -16.44 1.57 -20.02
C SER C 14 -16.64 0.35 -20.89
N GLY C 15 -16.98 -0.80 -20.31
CA GLY C 15 -17.02 -2.02 -21.07
C GLY C 15 -15.66 -2.49 -21.51
N MET C 16 -14.61 -1.95 -20.90
CA MET C 16 -13.23 -2.29 -21.22
C MET C 16 -12.61 -3.02 -20.04
N CYS C 17 -11.99 -4.17 -20.30
CA CYS C 17 -11.25 -4.93 -19.30
C CYS C 17 -9.85 -5.12 -19.85
N CYS C 18 -9.00 -4.13 -19.58
CA CYS C 18 -7.67 -4.01 -20.16
C CYS C 18 -6.75 -3.47 -19.08
N PRO C 19 -6.43 -4.27 -18.07
CA PRO C 19 -5.65 -3.75 -16.94
C PRO C 19 -4.21 -3.46 -17.35
N ASP C 20 -3.59 -2.58 -16.56
CA ASP C 20 -2.16 -2.32 -16.68
C ASP C 20 -1.36 -3.55 -16.27
N LEU C 21 -0.15 -3.62 -16.79
CA LEU C 21 0.81 -4.67 -16.44
C LEU C 21 1.95 -4.10 -15.61
N SER C 22 2.72 -3.16 -16.16
CA SER C 22 3.75 -2.44 -15.41
C SER C 22 3.72 -0.96 -15.78
N PRO C 23 2.80 -0.22 -15.20
CA PRO C 23 2.67 1.20 -15.58
C PRO C 23 3.68 2.09 -14.88
N VAL C 24 4.73 2.48 -15.59
CA VAL C 24 5.79 3.30 -15.01
C VAL C 24 5.55 4.79 -15.22
N SER C 25 4.42 5.18 -15.79
CA SER C 25 4.06 6.59 -15.92
C SER C 25 2.65 6.82 -15.40
N GLY C 26 2.25 6.08 -14.37
CA GLY C 26 0.92 6.20 -13.80
C GLY C 26 -0.11 5.28 -14.46
N PRO C 27 -1.29 5.23 -13.86
CA PRO C 27 -2.36 4.36 -14.39
C PRO C 27 -2.65 4.63 -15.86
N GLY C 28 -2.89 3.55 -16.60
CA GLY C 28 -3.26 3.66 -17.99
C GLY C 28 -2.11 3.69 -18.95
N THR C 29 -0.87 3.51 -18.49
CA THR C 29 0.27 3.65 -19.38
C THR C 29 0.86 2.32 -19.82
N ASP C 30 0.41 1.20 -19.27
CA ASP C 30 0.87 -0.11 -19.75
C ASP C 30 -0.31 -1.08 -19.85
N ARG C 31 -1.41 -0.63 -20.46
CA ARG C 31 -2.56 -1.51 -20.67
C ARG C 31 -2.15 -2.70 -21.54
N CYS C 32 -2.38 -3.91 -21.05
CA CYS C 32 -2.10 -5.15 -21.79
C CYS C 32 -0.62 -5.35 -22.07
N GLY C 33 0.24 -4.66 -21.32
CA GLY C 33 1.67 -4.73 -21.56
C GLY C 33 2.08 -4.10 -22.86
N SER C 34 1.35 -3.09 -23.32
CA SER C 34 1.67 -2.47 -24.61
C SER C 34 3.04 -1.79 -24.61
N SER C 35 3.56 -1.37 -23.45
CA SER C 35 4.85 -0.71 -23.42
C SER C 35 5.99 -1.66 -23.74
N SER C 36 5.89 -2.91 -23.30
CA SER C 36 6.74 -3.96 -23.83
C SER C 36 6.12 -4.43 -25.14
N GLY C 37 6.58 -5.53 -25.69
CA GLY C 37 5.93 -5.96 -26.94
C GLY C 37 4.72 -6.84 -26.74
N ARG C 38 4.14 -6.85 -25.53
CA ARG C 38 3.38 -8.01 -25.05
C ARG C 38 1.93 -8.06 -25.54
N GLY C 39 1.20 -6.95 -25.60
CA GLY C 39 -0.15 -7.06 -26.11
C GLY C 39 -0.82 -5.70 -26.27
N ARG C 40 -2.08 -5.75 -26.73
CA ARG C 40 -2.87 -4.53 -26.90
C ARG C 40 -4.30 -4.72 -26.43
N CYS C 41 -4.90 -3.62 -25.97
CA CYS C 41 -6.33 -3.57 -25.72
C CYS C 41 -7.05 -3.46 -27.05
N GLU C 42 -8.01 -4.35 -27.30
CA GLU C 42 -8.72 -4.38 -28.57
C GLU C 42 -10.15 -4.83 -28.32
N ALA C 43 -11.00 -4.59 -29.31
CA ALA C 43 -12.36 -5.09 -29.27
C ALA C 43 -12.38 -6.61 -29.17
N VAL C 44 -13.36 -7.15 -28.44
CA VAL C 44 -13.47 -8.60 -28.31
C VAL C 44 -14.13 -9.18 -29.55
N THR C 45 -13.65 -10.35 -29.96
CA THR C 45 -14.31 -11.14 -30.99
C THR C 45 -15.17 -12.20 -30.31
N ALA C 46 -16.45 -12.22 -30.66
CA ALA C 46 -17.37 -13.20 -30.12
C ALA C 46 -18.20 -13.83 -31.25
N ASP C 47 -18.35 -15.15 -31.17
CA ASP C 47 -19.15 -15.88 -32.15
C ASP C 47 -20.56 -15.32 -32.20
N SER C 48 -21.03 -15.06 -33.42
CA SER C 48 -22.39 -14.59 -33.63
C SER C 48 -23.24 -15.59 -34.41
N ARG C 49 -22.74 -16.81 -34.62
CA ARG C 49 -23.47 -17.79 -35.40
C ARG C 49 -24.65 -18.37 -34.62
N PRO C 50 -25.66 -18.89 -35.32
CA PRO C 50 -26.87 -19.35 -34.64
C PRO C 50 -26.62 -20.59 -33.79
N HIS C 51 -27.45 -20.74 -32.79
CA HIS C 51 -27.43 -21.93 -31.97
C HIS C 51 -28.73 -22.70 -32.23
N SER C 52 -28.96 -23.75 -31.47
CA SER C 52 -30.11 -24.61 -31.72
C SER C 52 -31.38 -23.96 -31.17
N PRO C 53 -32.55 -24.33 -31.69
CA PRO C 53 -33.81 -23.78 -31.15
C PRO C 53 -34.10 -24.14 -29.71
N GLN C 54 -33.28 -24.99 -29.07
CA GLN C 54 -33.56 -25.41 -27.70
C GLN C 54 -33.60 -24.24 -26.73
N TYR C 55 -32.84 -23.20 -26.99
CA TYR C 55 -32.82 -22.02 -26.12
C TYR C 55 -33.54 -20.88 -26.81
N PRO C 56 -34.73 -20.47 -26.35
CA PRO C 56 -35.47 -19.38 -27.02
C PRO C 56 -35.26 -17.99 -26.43
N HIS C 57 -34.51 -17.85 -25.34
CA HIS C 57 -34.50 -16.61 -24.57
C HIS C 57 -33.32 -15.72 -24.91
N ASP C 58 -32.86 -15.72 -26.17
CA ASP C 58 -31.84 -14.76 -26.59
C ASP C 58 -32.20 -13.37 -26.10
N GLY C 59 -31.26 -12.72 -25.41
CA GLY C 59 -31.49 -11.43 -24.82
C GLY C 59 -31.74 -11.45 -23.33
N ARG C 60 -31.84 -12.63 -22.71
CA ARG C 60 -32.20 -12.74 -21.32
C ARG C 60 -31.06 -13.17 -20.41
N ASP C 61 -29.96 -13.66 -20.97
CA ASP C 61 -28.93 -14.29 -20.17
C ASP C 61 -27.56 -13.68 -20.46
N ASP C 62 -26.84 -13.35 -19.39
CA ASP C 62 -25.48 -12.82 -19.43
C ASP C 62 -24.47 -13.77 -20.04
N ARG C 63 -24.78 -15.04 -20.22
CA ARG C 63 -23.81 -15.94 -20.82
C ARG C 63 -23.86 -15.90 -22.34
N GLU C 64 -24.97 -15.41 -22.91
CA GLU C 64 -25.07 -15.33 -24.36
C GLU C 64 -23.93 -14.50 -24.92
N VAL C 65 -23.37 -14.97 -26.04
CA VAL C 65 -22.32 -14.30 -26.80
C VAL C 65 -21.24 -13.74 -25.86
N TRP C 66 -20.75 -14.61 -24.96
CA TRP C 66 -19.71 -14.33 -23.94
C TRP C 66 -18.45 -13.79 -24.57
N PRO C 67 -17.90 -12.69 -24.01
CA PRO C 67 -18.35 -11.97 -22.81
C PRO C 67 -19.05 -10.61 -23.07
N LEU C 68 -19.74 -10.44 -24.20
CA LEU C 68 -20.18 -9.13 -24.67
C LEU C 68 -21.13 -8.41 -23.72
N ARG C 69 -21.90 -9.15 -22.93
CA ARG C 69 -22.76 -8.55 -21.92
C ARG C 69 -21.98 -7.80 -20.84
N PHE C 70 -20.67 -8.02 -20.73
CA PHE C 70 -19.87 -7.38 -19.69
C PHE C 70 -18.75 -6.51 -20.23
N PHE C 71 -18.02 -6.97 -21.25
CA PHE C 71 -16.92 -6.19 -21.78
C PHE C 71 -16.85 -6.40 -23.29
N ASN C 72 -16.60 -5.33 -24.02
CA ASN C 72 -16.37 -5.44 -25.46
C ASN C 72 -14.94 -5.08 -25.84
N ARG C 73 -14.07 -4.83 -24.87
CA ARG C 73 -12.64 -4.65 -25.11
C ARG C 73 -11.87 -5.44 -24.07
N THR C 74 -10.87 -6.21 -24.54
CA THR C 74 -10.00 -6.99 -23.68
C THR C 74 -8.58 -6.86 -24.18
N CYS C 75 -7.68 -7.55 -23.47
CA CYS C 75 -6.31 -7.72 -23.91
C CYS C 75 -6.22 -8.91 -24.87
N HIS C 76 -5.51 -8.71 -25.97
CA HIS C 76 -5.08 -9.79 -26.84
C HIS C 76 -3.57 -9.72 -26.87
N CYS C 77 -2.92 -10.84 -26.61
CA CYS C 77 -1.49 -10.82 -26.42
C CYS C 77 -0.79 -11.28 -27.68
N ASN C 78 0.41 -10.73 -27.89
CA ASN C 78 1.26 -11.09 -29.00
C ASN C 78 2.12 -12.31 -28.66
N GLY C 79 2.72 -12.87 -29.72
CA GLY C 79 3.68 -13.96 -29.57
C GLY C 79 3.05 -15.14 -28.86
N ASN C 80 3.74 -15.63 -27.84
CA ASN C 80 3.18 -16.59 -26.91
C ASN C 80 3.01 -15.99 -25.51
N PHE C 81 2.69 -14.71 -25.44
CA PHE C 81 2.30 -14.08 -24.19
C PHE C 81 0.83 -14.37 -23.91
N SER C 82 0.46 -14.28 -22.62
CA SER C 82 -0.88 -14.65 -22.22
C SER C 82 -1.25 -13.95 -20.93
N GLY C 83 -2.51 -14.14 -20.53
CA GLY C 83 -3.06 -13.62 -19.30
C GLY C 83 -3.92 -12.40 -19.54
N HIS C 84 -4.66 -12.03 -18.49
CA HIS C 84 -5.63 -10.95 -18.63
C HIS C 84 -4.95 -9.61 -18.94
N ASN C 85 -3.71 -9.42 -18.50
CA ASN C 85 -2.94 -8.23 -18.86
C ASN C 85 -1.65 -8.60 -19.59
N CYS C 86 -1.61 -9.78 -20.20
CA CYS C 86 -0.51 -10.26 -21.03
C CYS C 86 0.78 -10.43 -20.27
N GLY C 87 0.70 -10.57 -18.95
CA GLY C 87 1.88 -10.70 -18.13
C GLY C 87 2.36 -12.10 -17.84
N THR C 88 1.76 -13.14 -18.41
CA THR C 88 2.28 -14.49 -18.27
C THR C 88 2.43 -15.12 -19.66
N CYS C 89 2.57 -16.44 -19.68
CA CYS C 89 2.83 -17.19 -20.89
C CYS C 89 1.72 -18.20 -21.13
N ARG C 90 1.51 -18.50 -22.41
CA ARG C 90 0.65 -19.57 -22.88
C ARG C 90 1.09 -20.94 -22.32
N PRO C 91 0.16 -21.89 -22.24
CA PRO C 91 0.53 -23.25 -21.80
C PRO C 91 1.68 -23.83 -22.62
N GLY C 92 2.68 -24.33 -21.92
CA GLY C 92 3.87 -24.86 -22.55
C GLY C 92 5.02 -23.88 -22.70
N TRP C 93 4.97 -22.73 -22.04
CA TRP C 93 6.03 -21.73 -22.17
C TRP C 93 6.27 -21.01 -20.85
N ARG C 94 7.53 -20.69 -20.57
CA ARG C 94 7.92 -19.97 -19.37
C ARG C 94 8.92 -18.89 -19.73
N GLY C 95 9.24 -18.07 -18.74
CA GLY C 95 10.28 -17.07 -18.86
C GLY C 95 9.73 -15.68 -19.14
N ALA C 96 10.58 -14.68 -18.89
CA ALA C 96 10.18 -13.30 -19.12
C ALA C 96 9.77 -13.07 -20.58
N ALA C 97 10.42 -13.76 -21.52
CA ALA C 97 10.13 -13.65 -22.95
C ALA C 97 9.27 -14.77 -23.49
N CYS C 98 8.80 -15.68 -22.63
CA CYS C 98 7.97 -16.83 -23.02
C CYS C 98 8.62 -17.63 -24.15
N ASP C 99 9.92 -17.91 -24.00
CA ASP C 99 10.68 -18.65 -24.99
C ASP C 99 11.31 -19.93 -24.43
N GLN C 100 11.11 -20.24 -23.16
CA GLN C 100 11.56 -21.51 -22.58
C GLN C 100 10.40 -22.50 -22.64
N ARG C 101 10.61 -23.60 -23.36
CA ARG C 101 9.56 -24.61 -23.53
C ARG C 101 9.44 -25.53 -22.31
N VAL C 102 8.21 -26.02 -22.05
CA VAL C 102 7.97 -26.94 -20.94
C VAL C 102 6.96 -28.00 -21.33
N LEU C 103 7.00 -29.10 -20.57
CA LEU C 103 6.14 -30.25 -20.82
C LEU C 103 6.02 -31.02 -19.51
N ILE C 104 4.91 -30.81 -18.78
CA ILE C 104 4.69 -31.59 -17.58
C ILE C 104 3.92 -32.87 -17.92
N VAL C 105 3.89 -33.81 -16.98
CA VAL C 105 3.34 -35.14 -17.17
C VAL C 105 2.23 -35.36 -16.14
N ARG C 106 1.04 -35.71 -16.61
CA ARG C 106 -0.05 -36.10 -15.73
C ARG C 106 -0.05 -37.63 -15.60
N ARG C 107 0.14 -38.12 -14.37
CA ARG C 107 0.34 -39.53 -14.08
C ARG C 107 -0.86 -40.08 -13.32
N ASN C 108 -1.00 -41.40 -13.37
CA ASN C 108 -1.99 -42.09 -12.56
C ASN C 108 -1.72 -41.84 -11.09
N LEU C 109 -2.75 -41.43 -10.35
CA LEU C 109 -2.58 -41.07 -8.95
C LEU C 109 -2.04 -42.24 -8.14
N LEU C 110 -2.42 -43.46 -8.50
CA LEU C 110 -1.96 -44.63 -7.78
C LEU C 110 -0.49 -44.92 -8.02
N ASP C 111 0.08 -44.46 -9.14
CA ASP C 111 1.50 -44.64 -9.44
C ASP C 111 2.39 -43.64 -8.76
N LEU C 112 1.83 -42.65 -8.08
CA LEU C 112 2.66 -41.65 -7.43
C LEU C 112 3.31 -42.24 -6.17
N SER C 113 4.44 -41.67 -5.79
CA SER C 113 5.08 -42.05 -4.54
C SER C 113 4.24 -41.53 -3.37
N LYS C 114 4.70 -41.82 -2.15
CA LYS C 114 3.92 -41.46 -0.98
C LYS C 114 4.13 -39.99 -0.60
N GLU C 115 5.33 -39.44 -0.85
CA GLU C 115 5.46 -37.99 -0.73
C GLU C 115 4.62 -37.27 -1.79
N GLU C 116 4.59 -37.81 -3.01
CA GLU C 116 3.82 -37.16 -4.06
C GLU C 116 2.32 -37.26 -3.80
N LYS C 117 1.85 -38.43 -3.36
CA LYS C 117 0.45 -38.53 -2.94
C LYS C 117 0.12 -37.50 -1.88
N ASN C 118 0.96 -37.42 -0.83
CA ASN C 118 0.68 -36.51 0.27
C ASN C 118 0.76 -35.06 -0.18
N HIS C 119 1.74 -34.73 -1.02
CA HIS C 119 1.90 -33.36 -1.51
C HIS C 119 0.69 -32.93 -2.33
N PHE C 120 0.11 -33.85 -3.10
CA PHE C 120 -1.06 -33.55 -3.90
C PHE C 120 -2.29 -33.27 -3.05
N VAL C 121 -2.54 -34.09 -2.02
CA VAL C 121 -3.69 -33.85 -1.14
C VAL C 121 -3.54 -32.51 -0.41
N ARG C 122 -2.32 -32.22 0.07
CA ARG C 122 -2.09 -30.96 0.77
C ARG C 122 -2.22 -29.76 -0.16
N ALA C 123 -1.77 -29.88 -1.41
CA ALA C 123 -1.93 -28.77 -2.35
C ALA C 123 -3.41 -28.51 -2.63
N LEU C 124 -4.20 -29.56 -2.88
CA LEU C 124 -5.64 -29.39 -3.06
C LEU C 124 -6.26 -28.68 -1.87
N ASP C 125 -5.89 -29.09 -0.65
CA ASP C 125 -6.41 -28.42 0.54
C ASP C 125 -5.92 -26.99 0.59
N MET C 126 -4.68 -26.76 0.18
CA MET C 126 -4.19 -25.39 0.13
C MET C 126 -5.01 -24.57 -0.87
N ALA C 127 -5.34 -25.16 -2.02
CA ALA C 127 -6.12 -24.40 -3.00
C ALA C 127 -7.53 -24.11 -2.48
N LYS C 128 -8.06 -24.99 -1.63
CA LYS C 128 -9.39 -24.80 -1.05
C LYS C 128 -9.42 -23.63 -0.10
N ARG C 129 -8.31 -23.34 0.59
CA ARG C 129 -8.25 -22.27 1.58
C ARG C 129 -7.71 -20.95 1.06
N THR C 130 -6.97 -20.95 -0.06
CA THR C 130 -6.23 -19.76 -0.52
C THR C 130 -7.04 -18.93 -1.50
N THR C 131 -7.18 -17.64 -1.20
CA THR C 131 -7.89 -16.69 -2.07
C THR C 131 -7.28 -16.68 -3.47
N HIS C 132 -8.14 -16.63 -4.49
CA HIS C 132 -7.66 -16.49 -5.86
C HIS C 132 -7.01 -15.13 -6.01
N PRO C 133 -5.71 -15.06 -6.33
CA PRO C 133 -5.05 -13.75 -6.43
C PRO C 133 -5.59 -12.89 -7.57
N LEU C 134 -6.18 -13.50 -8.60
CA LEU C 134 -6.54 -12.79 -9.82
C LEU C 134 -8.04 -12.52 -9.94
N PHE C 135 -8.88 -13.56 -9.81
CA PHE C 135 -10.31 -13.47 -10.13
C PHE C 135 -11.19 -13.26 -8.90
N VAL C 136 -12.23 -12.44 -9.07
CA VAL C 136 -13.35 -12.38 -8.13
C VAL C 136 -14.58 -12.87 -8.88
N ILE C 137 -15.61 -13.27 -8.13
CA ILE C 137 -16.83 -13.80 -8.75
C ILE C 137 -18.02 -12.89 -8.47
N ALA C 138 -18.90 -12.78 -9.46
CA ALA C 138 -20.15 -12.04 -9.30
C ALA C 138 -21.16 -12.83 -8.48
N THR C 139 -21.88 -12.14 -7.60
CA THR C 139 -22.98 -12.74 -6.87
C THR C 139 -24.33 -12.35 -7.41
N ARG C 140 -24.39 -11.42 -8.36
CA ARG C 140 -25.62 -10.94 -8.95
C ARG C 140 -25.46 -10.88 -10.47
N ARG C 141 -26.59 -11.00 -11.18
CA ARG C 141 -26.57 -10.85 -12.63
C ARG C 141 -26.27 -9.39 -13.01
N SER C 142 -26.06 -9.16 -14.31
CA SER C 142 -25.51 -7.88 -14.77
C SER C 142 -26.44 -6.72 -14.44
N GLU C 143 -27.74 -6.90 -14.57
CA GLU C 143 -28.67 -5.83 -14.21
C GLU C 143 -28.44 -5.33 -12.80
N GLU C 144 -28.07 -6.22 -11.86
CA GLU C 144 -27.88 -5.86 -10.47
C GLU C 144 -26.42 -5.84 -10.04
N ILE C 145 -25.49 -5.85 -10.99
CA ILE C 145 -24.08 -6.07 -10.67
C ILE C 145 -23.45 -4.87 -9.98
N LEU C 146 -24.07 -3.69 -10.03
CA LEU C 146 -23.47 -2.50 -9.44
C LEU C 146 -24.08 -2.16 -8.08
N GLY C 147 -24.94 -3.01 -7.54
CA GLY C 147 -25.41 -2.84 -6.18
C GLY C 147 -26.71 -2.08 -6.12
N PRO C 148 -27.28 -1.97 -4.92
CA PRO C 148 -28.52 -1.20 -4.80
C PRO C 148 -28.30 0.29 -4.97
N ASP C 149 -27.19 0.83 -4.46
CA ASP C 149 -26.85 2.23 -4.69
C ASP C 149 -26.13 2.46 -6.03
N GLY C 150 -26.16 1.49 -6.95
CA GLY C 150 -25.53 1.65 -8.26
C GLY C 150 -24.03 1.86 -8.24
N ASN C 151 -23.42 1.82 -7.06
CA ASN C 151 -22.00 2.14 -6.95
C ASN C 151 -21.22 1.07 -6.20
N THR C 152 -21.80 -0.09 -5.96
CA THR C 152 -21.15 -1.15 -5.20
C THR C 152 -21.09 -2.41 -6.05
N PRO C 153 -19.95 -2.74 -6.63
CA PRO C 153 -19.88 -3.96 -7.47
C PRO C 153 -20.12 -5.19 -6.62
N GLN C 154 -20.91 -6.13 -7.16
CA GLN C 154 -21.37 -7.32 -6.42
C GLN C 154 -20.45 -8.52 -6.69
N PHE C 155 -19.17 -8.34 -6.41
CA PHE C 155 -18.19 -9.40 -6.60
C PHE C 155 -17.62 -9.76 -5.24
N GLU C 156 -17.19 -11.02 -5.10
CA GLU C 156 -16.53 -11.47 -3.89
C GLU C 156 -15.23 -12.16 -4.26
N ASN C 157 -14.25 -12.03 -3.37
CA ASN C 157 -13.09 -12.90 -3.36
C ASN C 157 -13.51 -14.34 -3.19
N ILE C 158 -12.69 -15.25 -3.69
CA ILE C 158 -12.99 -16.67 -3.63
C ILE C 158 -11.68 -17.41 -3.68
N SER C 159 -11.65 -18.61 -3.09
CA SER C 159 -10.40 -19.37 -3.08
C SER C 159 -10.18 -20.01 -4.45
N ILE C 160 -8.95 -20.46 -4.65
CA ILE C 160 -8.55 -21.04 -5.93
C ILE C 160 -9.48 -22.18 -6.29
N TYR C 161 -9.72 -23.10 -5.34
CA TYR C 161 -10.52 -24.27 -5.66
C TYR C 161 -11.98 -23.90 -5.76
N ASN C 162 -12.46 -22.99 -4.91
CA ASN C 162 -13.88 -22.66 -5.00
C ASN C 162 -14.18 -21.89 -6.28
N TYR C 163 -13.19 -21.19 -6.86
CA TYR C 163 -13.36 -20.59 -8.18
C TYR C 163 -13.55 -21.66 -9.24
N PHE C 164 -12.86 -22.78 -9.09
CA PHE C 164 -13.03 -23.94 -9.96
C PHE C 164 -14.45 -24.51 -9.85
N VAL C 165 -15.01 -24.54 -8.63
CA VAL C 165 -16.41 -24.96 -8.48
C VAL C 165 -17.34 -23.93 -9.12
N TRP C 166 -17.08 -22.64 -8.88
CA TRP C 166 -18.01 -21.59 -9.29
C TRP C 166 -18.14 -21.49 -10.82
N THR C 167 -17.04 -21.59 -11.57
CA THR C 167 -17.15 -21.48 -13.03
C THR C 167 -17.93 -22.64 -13.61
N HIS C 168 -17.81 -23.82 -12.99
CA HIS C 168 -18.59 -24.98 -13.42
C HIS C 168 -20.06 -24.76 -13.12
N TYR C 169 -20.37 -24.16 -11.96
CA TYR C 169 -21.75 -23.86 -11.63
C TYR C 169 -22.33 -22.81 -12.60
N TYR C 170 -21.57 -21.77 -12.90
CA TYR C 170 -22.08 -20.68 -13.71
C TYR C 170 -22.40 -21.16 -15.12
N SER C 171 -21.60 -22.10 -15.64
CA SER C 171 -21.83 -22.65 -16.96
C SER C 171 -23.12 -23.48 -17.05
N VAL C 172 -23.59 -24.07 -15.95
CA VAL C 172 -24.75 -24.96 -16.01
C VAL C 172 -26.01 -24.38 -15.37
N LYS C 173 -25.93 -23.22 -14.73
CA LYS C 173 -27.07 -22.69 -13.98
C LYS C 173 -28.25 -22.37 -14.91
N LYS C 174 -29.44 -22.25 -14.32
CA LYS C 174 -30.64 -21.96 -15.08
C LYS C 174 -30.72 -20.48 -15.47
N THR C 175 -31.29 -20.22 -16.64
CA THR C 175 -31.57 -18.83 -17.05
C THR C 175 -32.69 -18.25 -16.19
N PHE C 176 -32.41 -17.17 -15.48
CA PHE C 176 -33.42 -16.53 -14.66
C PHE C 176 -34.31 -15.63 -15.54
N LEU C 177 -35.62 -15.90 -15.52
CA LEU C 177 -36.54 -15.16 -16.35
C LEU C 177 -37.27 -14.04 -15.64
N GLY C 178 -37.26 -14.02 -14.32
CA GLY C 178 -37.94 -13.00 -13.54
C GLY C 178 -38.58 -13.62 -12.32
N VAL C 179 -38.74 -12.81 -11.27
CA VAL C 179 -39.34 -13.30 -10.03
C VAL C 179 -40.75 -13.81 -10.30
N GLY C 180 -41.10 -14.91 -9.63
CA GLY C 180 -42.38 -15.55 -9.83
C GLY C 180 -42.42 -16.50 -11.00
N GLN C 181 -41.51 -16.35 -11.94
CA GLN C 181 -41.45 -17.22 -13.11
C GLN C 181 -40.52 -18.41 -12.88
N GLU C 182 -40.69 -19.42 -13.72
CA GLU C 182 -39.90 -20.63 -13.68
C GLU C 182 -38.62 -20.41 -14.46
N SER C 183 -37.47 -20.58 -13.80
CA SER C 183 -36.19 -20.44 -14.49
C SER C 183 -36.04 -21.54 -15.54
N PHE C 184 -35.44 -21.17 -16.67
CA PHE C 184 -35.32 -22.06 -17.83
C PHE C 184 -34.08 -22.94 -17.71
N GLY C 185 -34.26 -24.24 -17.89
CA GLY C 185 -33.22 -25.20 -17.56
C GLY C 185 -32.70 -26.01 -18.73
N GLU C 186 -33.27 -25.83 -19.93
CA GLU C 186 -32.81 -26.53 -21.14
C GLU C 186 -31.62 -25.81 -21.76
N VAL C 187 -30.60 -25.61 -20.92
CA VAL C 187 -29.42 -24.86 -21.28
C VAL C 187 -28.27 -25.39 -20.44
N ASP C 188 -27.11 -25.51 -21.06
CA ASP C 188 -25.88 -25.92 -20.39
C ASP C 188 -24.67 -25.61 -21.26
N PHE C 189 -23.86 -24.64 -20.84
CA PHE C 189 -22.75 -24.17 -21.67
C PHE C 189 -21.53 -25.10 -21.65
N SER C 190 -21.59 -26.21 -20.93
CA SER C 190 -20.41 -27.04 -20.74
C SER C 190 -20.70 -28.54 -20.76
N HIS C 191 -21.96 -28.96 -20.84
CA HIS C 191 -22.29 -30.37 -20.98
C HIS C 191 -23.34 -30.53 -22.07
N GLU C 192 -23.53 -31.79 -22.49
CA GLU C 192 -24.62 -32.18 -23.39
C GLU C 192 -24.48 -31.53 -24.76
N GLY C 193 -23.25 -31.36 -25.21
CA GLY C 193 -22.96 -30.76 -26.49
C GLY C 193 -21.48 -30.83 -26.80
N PRO C 194 -21.09 -30.35 -27.97
CA PRO C 194 -19.69 -30.52 -28.42
C PRO C 194 -18.65 -29.89 -27.53
N ALA C 195 -18.97 -28.81 -26.79
CA ALA C 195 -17.97 -28.14 -25.97
C ALA C 195 -17.61 -28.90 -24.72
N PHE C 196 -18.30 -30.02 -24.42
CA PHE C 196 -18.08 -30.75 -23.18
C PHE C 196 -16.60 -31.00 -22.90
N LEU C 197 -15.88 -31.57 -23.87
CA LEU C 197 -14.48 -31.91 -23.64
C LEU C 197 -13.58 -30.68 -23.63
N THR C 198 -13.82 -29.72 -24.53
CA THR C 198 -12.94 -28.56 -24.60
C THR C 198 -13.14 -27.66 -23.39
N TRP C 199 -14.38 -27.55 -22.92
CA TRP C 199 -14.67 -26.83 -21.70
C TRP C 199 -13.93 -27.44 -20.50
N HIS C 200 -14.09 -28.74 -20.29
CA HIS C 200 -13.51 -29.34 -19.10
C HIS C 200 -11.99 -29.43 -19.20
N ARG C 201 -11.44 -29.44 -20.42
CA ARG C 201 -10.01 -29.37 -20.57
C ARG C 201 -9.46 -27.99 -20.15
N TYR C 202 -10.12 -26.90 -20.56
CA TYR C 202 -9.61 -25.60 -20.13
C TYR C 202 -9.81 -25.41 -18.63
N HIS C 203 -10.96 -25.83 -18.11
CA HIS C 203 -11.22 -25.87 -16.68
C HIS C 203 -10.05 -26.46 -15.89
N LEU C 204 -9.52 -27.61 -16.31
CA LEU C 204 -8.39 -28.22 -15.59
C LEU C 204 -7.12 -27.40 -15.75
N LEU C 205 -6.83 -26.98 -16.98
CA LEU C 205 -5.64 -26.16 -17.25
C LEU C 205 -5.61 -24.92 -16.37
N ARG C 206 -6.77 -24.27 -16.20
CA ARG C 206 -6.84 -23.12 -15.30
C ARG C 206 -6.50 -23.52 -13.88
N LEU C 207 -7.02 -24.65 -13.41
CA LEU C 207 -6.75 -25.06 -12.03
C LEU C 207 -5.30 -25.51 -11.87
N GLU C 208 -4.76 -26.22 -12.87
CA GLU C 208 -3.35 -26.60 -12.86
C GLU C 208 -2.46 -25.38 -12.74
N LYS C 209 -2.69 -24.38 -13.60
CA LYS C 209 -1.89 -23.17 -13.60
C LYS C 209 -2.01 -22.44 -12.28
N ASP C 210 -3.23 -22.34 -11.74
CA ASP C 210 -3.40 -21.60 -10.49
C ASP C 210 -2.67 -22.29 -9.34
N MET C 211 -2.68 -23.62 -9.34
CA MET C 211 -1.95 -24.36 -8.30
C MET C 211 -0.45 -24.24 -8.49
N GLN C 212 0.04 -24.26 -9.74
CA GLN C 212 1.45 -24.03 -9.99
C GLN C 212 1.90 -22.69 -9.42
N GLU C 213 1.09 -21.64 -9.59
CA GLU C 213 1.47 -20.35 -9.02
C GLU C 213 1.38 -20.36 -7.49
N MET C 214 0.35 -21.01 -6.95
CA MET C 214 0.15 -21.05 -5.51
C MET C 214 1.31 -21.75 -4.82
N LEU C 215 1.80 -22.84 -5.41
CA LEU C 215 2.86 -23.66 -4.84
C LEU C 215 4.26 -23.20 -5.21
N GLN C 216 4.39 -22.20 -6.08
CA GLN C 216 5.69 -21.82 -6.66
C GLN C 216 6.38 -23.02 -7.29
N GLU C 217 5.60 -23.90 -7.91
CA GLU C 217 6.09 -25.17 -8.41
C GLU C 217 5.68 -25.27 -9.87
N PRO C 218 6.54 -24.81 -10.79
CA PRO C 218 6.13 -24.71 -12.19
C PRO C 218 5.84 -26.03 -12.87
N SER C 219 6.36 -27.13 -12.35
CA SER C 219 6.20 -28.45 -12.94
C SER C 219 5.01 -29.22 -12.38
N PHE C 220 4.36 -28.71 -11.34
CA PHE C 220 3.26 -29.40 -10.69
C PHE C 220 2.17 -29.75 -11.69
N SER C 221 1.70 -30.99 -11.64
CA SER C 221 0.69 -31.47 -12.55
C SER C 221 -0.47 -32.10 -11.78
N LEU C 222 -1.64 -32.14 -12.44
CA LEU C 222 -2.79 -32.84 -11.91
C LEU C 222 -2.74 -34.30 -12.32
N PRO C 223 -2.79 -35.23 -11.38
CA PRO C 223 -2.82 -36.66 -11.73
C PRO C 223 -4.23 -37.04 -12.15
N TYR C 224 -4.40 -38.33 -12.48
CA TYR C 224 -5.68 -38.81 -12.95
C TYR C 224 -6.05 -40.11 -12.27
N TRP C 225 -7.35 -40.36 -12.25
CA TRP C 225 -7.93 -41.56 -11.70
C TRP C 225 -8.41 -42.44 -12.83
N ASN C 226 -7.85 -43.64 -12.95
CA ASN C 226 -8.39 -44.59 -13.93
C ASN C 226 -9.67 -45.19 -13.39
N PHE C 227 -10.80 -44.55 -13.67
CA PHE C 227 -12.08 -45.08 -13.17
C PHE C 227 -12.63 -46.22 -14.02
N ALA C 228 -11.99 -46.57 -15.13
CA ALA C 228 -12.48 -47.66 -16.00
C ALA C 228 -11.82 -48.99 -15.64
N THR C 229 -12.03 -49.43 -14.39
CA THR C 229 -11.58 -50.75 -13.95
C THR C 229 -12.72 -51.73 -13.74
N GLY C 230 -13.97 -51.33 -13.94
CA GLY C 230 -15.09 -52.20 -13.62
C GLY C 230 -15.27 -52.49 -12.14
N LYS C 231 -14.60 -51.74 -11.27
CA LYS C 231 -14.65 -52.05 -9.86
C LYS C 231 -15.99 -51.67 -9.22
N ASN C 232 -16.24 -52.34 -8.10
CA ASN C 232 -17.35 -52.19 -7.15
C ASN C 232 -17.10 -51.08 -6.14
N VAL C 233 -15.84 -50.65 -6.00
CA VAL C 233 -15.40 -49.74 -4.95
C VAL C 233 -14.61 -48.64 -5.63
N CYS C 234 -14.36 -47.57 -4.87
CA CYS C 234 -13.56 -46.44 -5.35
C CYS C 234 -12.16 -46.65 -4.80
N ASP C 235 -11.22 -47.01 -5.69
CA ASP C 235 -9.86 -47.39 -5.30
C ASP C 235 -8.98 -46.18 -4.99
N ILE C 236 -9.53 -44.97 -5.07
CA ILE C 236 -8.82 -43.80 -4.58
C ILE C 236 -9.47 -43.24 -3.35
N CYS C 237 -10.54 -43.85 -2.84
CA CYS C 237 -11.17 -43.39 -1.60
C CYS C 237 -10.49 -44.03 -0.38
N THR C 238 -9.21 -43.67 -0.18
CA THR C 238 -8.46 -44.02 1.02
C THR C 238 -8.02 -42.74 1.72
N ASP C 239 -7.54 -42.90 2.95
CA ASP C 239 -7.30 -41.71 3.75
C ASP C 239 -5.97 -41.04 3.45
N ASP C 240 -5.07 -41.68 2.70
CA ASP C 240 -3.90 -41.01 2.18
C ASP C 240 -4.13 -40.36 0.80
N LEU C 241 -5.29 -40.57 0.19
CA LEU C 241 -5.63 -39.80 -1.01
C LEU C 241 -7.13 -39.81 -1.22
N MET C 242 -7.81 -38.70 -0.91
CA MET C 242 -9.21 -38.46 -1.31
C MET C 242 -10.23 -38.90 -0.26
N GLY C 243 -9.91 -39.89 0.55
CA GLY C 243 -10.70 -40.09 1.77
C GLY C 243 -11.68 -41.24 1.71
N SER C 244 -11.59 -42.14 2.68
CA SER C 244 -12.54 -43.24 2.71
C SER C 244 -13.79 -42.83 3.47
N ARG C 245 -14.72 -43.77 3.56
CA ARG C 245 -16.02 -43.53 4.16
C ARG C 245 -15.91 -43.38 5.68
N SER C 246 -16.58 -42.37 6.22
CA SER C 246 -16.67 -42.21 7.67
C SER C 246 -17.34 -43.42 8.34
N ASN C 247 -16.76 -43.86 9.46
CA ASN C 247 -17.38 -44.91 10.28
C ASN C 247 -18.55 -44.39 11.11
N PHE C 248 -18.81 -43.09 11.10
CA PHE C 248 -19.94 -42.52 11.84
C PHE C 248 -21.09 -42.07 10.96
N ASP C 249 -20.89 -41.93 9.64
CA ASP C 249 -21.95 -41.60 8.69
C ASP C 249 -21.51 -42.14 7.35
N SER C 250 -22.28 -43.09 6.79
CA SER C 250 -21.86 -43.74 5.55
C SER C 250 -21.76 -42.78 4.36
N THR C 251 -22.37 -41.60 4.45
CA THR C 251 -22.36 -40.65 3.34
C THR C 251 -21.37 -39.48 3.54
N LEU C 252 -20.59 -39.48 4.62
CA LEU C 252 -19.52 -38.52 4.85
C LEU C 252 -18.16 -39.15 4.62
N ILE C 253 -17.17 -38.27 4.49
CA ILE C 253 -15.77 -38.63 4.35
C ILE C 253 -15.18 -38.79 5.73
N SER C 254 -14.34 -39.81 5.89
CA SER C 254 -13.57 -40.12 7.08
C SER C 254 -12.98 -38.87 7.71
N PRO C 255 -13.24 -38.60 8.99
CA PRO C 255 -12.56 -37.49 9.69
C PRO C 255 -11.04 -37.58 9.71
N ASN C 256 -10.43 -38.68 9.29
CA ASN C 256 -8.97 -38.72 9.17
C ASN C 256 -8.48 -38.20 7.83
N SER C 257 -9.36 -37.63 7.00
CA SER C 257 -9.01 -37.01 5.74
C SER C 257 -9.29 -35.53 5.82
N VAL C 258 -8.42 -34.71 5.23
CA VAL C 258 -8.71 -33.26 5.21
C VAL C 258 -10.02 -32.97 4.48
N PHE C 259 -10.39 -33.79 3.50
CA PHE C 259 -11.57 -33.42 2.71
C PHE C 259 -12.87 -33.53 3.49
N SER C 260 -12.86 -34.25 4.63
CA SER C 260 -13.96 -34.21 5.60
C SER C 260 -14.20 -32.82 6.18
N GLN C 261 -13.22 -31.92 6.08
CA GLN C 261 -13.37 -30.56 6.58
C GLN C 261 -13.85 -29.57 5.52
N TRP C 262 -13.84 -29.97 4.26
CA TRP C 262 -14.28 -29.08 3.18
C TRP C 262 -15.76 -28.77 3.34
N ARG C 263 -16.14 -27.54 3.03
CA ARG C 263 -17.55 -27.18 2.95
C ARG C 263 -17.86 -26.68 1.55
N VAL C 264 -19.06 -26.98 1.07
CA VAL C 264 -19.37 -26.86 -0.35
C VAL C 264 -19.88 -25.47 -0.65
N VAL C 265 -19.60 -25.00 -1.87
CA VAL C 265 -20.20 -23.78 -2.43
C VAL C 265 -21.24 -24.16 -3.47
N CYS C 266 -22.21 -23.26 -3.68
CA CYS C 266 -23.19 -23.28 -4.77
C CYS C 266 -24.32 -24.28 -4.56
N ASP C 267 -24.63 -24.67 -3.32
CA ASP C 267 -25.66 -25.65 -3.03
C ASP C 267 -26.98 -25.00 -2.63
N SER C 268 -27.25 -23.79 -3.09
CA SER C 268 -28.54 -23.17 -2.81
C SER C 268 -29.25 -22.80 -4.10
N LEU C 269 -29.50 -23.81 -4.97
CA LEU C 269 -30.13 -23.56 -6.26
C LEU C 269 -31.51 -22.94 -6.12
N GLU C 270 -32.22 -23.30 -5.04
CA GLU C 270 -33.55 -22.76 -4.82
C GLU C 270 -33.51 -21.25 -4.58
N ASP C 271 -32.45 -20.76 -3.92
CA ASP C 271 -32.27 -19.31 -3.82
C ASP C 271 -31.99 -18.69 -5.18
N TYR C 272 -30.97 -19.19 -5.89
CA TYR C 272 -30.53 -18.50 -7.08
C TYR C 272 -31.62 -18.47 -8.15
N ASP C 273 -32.37 -19.56 -8.27
CA ASP C 273 -33.36 -19.73 -9.33
C ASP C 273 -34.73 -19.14 -8.99
N THR C 274 -34.94 -18.68 -7.76
CA THR C 274 -36.16 -17.97 -7.43
C THR C 274 -35.96 -16.48 -7.18
N LEU C 275 -34.79 -16.08 -6.65
CA LEU C 275 -34.46 -14.66 -6.51
C LEU C 275 -33.62 -14.10 -7.64
N GLY C 276 -33.01 -14.94 -8.47
CA GLY C 276 -32.17 -14.43 -9.55
C GLY C 276 -30.77 -14.07 -9.16
N THR C 277 -30.30 -14.50 -8.00
CA THR C 277 -28.92 -14.31 -7.58
C THR C 277 -28.03 -15.40 -8.17
N LEU C 278 -26.76 -15.35 -7.80
CA LEU C 278 -25.78 -16.32 -8.23
C LEU C 278 -25.14 -16.95 -6.99
N CYS C 279 -24.62 -18.16 -7.16
CA CYS C 279 -23.73 -18.73 -6.16
C CYS C 279 -22.71 -17.69 -5.71
N ASN C 280 -22.59 -17.53 -4.41
CA ASN C 280 -21.53 -16.69 -3.87
C ASN C 280 -20.50 -17.57 -3.15
N SER C 281 -19.56 -16.93 -2.46
CA SER C 281 -18.40 -17.64 -1.94
C SER C 281 -18.58 -18.16 -0.53
N THR C 282 -19.80 -18.12 0.03
CA THR C 282 -20.03 -18.63 1.38
C THR C 282 -20.24 -20.14 1.33
N GLU C 283 -19.42 -20.88 2.04
CA GLU C 283 -19.57 -22.32 2.13
C GLU C 283 -20.72 -22.71 3.06
N ASP C 284 -21.20 -23.95 2.90
CA ASP C 284 -22.32 -24.49 3.68
C ASP C 284 -22.02 -25.90 4.22
N GLY C 285 -22.64 -26.93 3.63
CA GLY C 285 -22.55 -28.28 4.17
C GLY C 285 -21.31 -29.02 3.73
N PRO C 286 -21.15 -30.24 4.25
CA PRO C 286 -20.00 -31.07 3.88
C PRO C 286 -20.22 -31.79 2.56
N ILE C 287 -19.16 -32.42 2.08
CA ILE C 287 -19.21 -33.27 0.90
C ILE C 287 -19.96 -34.54 1.24
N ARG C 288 -20.91 -34.93 0.38
CA ARG C 288 -21.55 -36.24 0.47
C ARG C 288 -20.93 -37.19 -0.54
N ARG C 289 -20.58 -38.38 -0.09
CA ARG C 289 -19.96 -39.36 -0.96
C ARG C 289 -20.25 -40.75 -0.43
N ASN C 290 -20.87 -41.58 -1.25
CA ASN C 290 -21.26 -42.94 -0.90
C ASN C 290 -21.05 -43.82 -2.12
N PRO C 291 -19.80 -44.12 -2.46
CA PRO C 291 -19.54 -44.87 -3.70
C PRO C 291 -20.30 -46.19 -3.73
N ALA C 292 -20.91 -46.48 -4.87
CA ALA C 292 -21.70 -47.67 -5.13
C ALA C 292 -22.92 -47.78 -4.21
N GLY C 293 -23.26 -46.70 -3.49
CA GLY C 293 -24.37 -46.70 -2.56
C GLY C 293 -25.74 -46.45 -3.15
N ASN C 294 -25.86 -46.29 -4.47
CA ASN C 294 -27.17 -46.01 -5.06
C ASN C 294 -27.89 -47.33 -5.26
N VAL C 295 -28.60 -47.76 -4.21
CA VAL C 295 -29.31 -49.04 -4.26
C VAL C 295 -30.49 -48.97 -5.23
N ALA C 296 -31.23 -47.87 -5.18
CA ALA C 296 -32.39 -47.70 -6.04
C ALA C 296 -32.04 -47.73 -7.53
N ARG C 297 -30.76 -47.90 -7.88
CA ARG C 297 -30.30 -47.75 -9.25
C ARG C 297 -29.05 -48.61 -9.47
N PRO C 298 -29.23 -49.90 -9.69
CA PRO C 298 -28.08 -50.82 -9.69
C PRO C 298 -27.05 -50.57 -10.79
N MET C 299 -27.43 -49.94 -11.90
CA MET C 299 -26.46 -49.77 -12.99
C MET C 299 -25.39 -48.73 -12.66
N VAL C 300 -25.62 -47.86 -11.67
CA VAL C 300 -24.60 -46.90 -11.26
C VAL C 300 -23.88 -47.36 -9.99
N GLN C 301 -23.98 -48.64 -9.64
CA GLN C 301 -23.22 -49.22 -8.54
C GLN C 301 -21.92 -49.88 -9.00
N ARG C 302 -21.59 -49.79 -10.28
CA ARG C 302 -20.34 -50.31 -10.78
C ARG C 302 -19.76 -49.32 -11.79
N LEU C 303 -18.44 -49.18 -11.76
CA LEU C 303 -17.72 -48.28 -12.64
C LEU C 303 -17.59 -48.86 -14.04
N PRO C 304 -17.19 -48.04 -15.01
CA PRO C 304 -16.94 -48.54 -16.36
C PRO C 304 -15.88 -49.64 -16.42
N GLU C 305 -16.05 -50.55 -17.38
CA GLU C 305 -15.09 -51.60 -17.65
C GLU C 305 -13.93 -51.09 -18.52
N PRO C 306 -12.78 -51.77 -18.48
CA PRO C 306 -11.64 -51.35 -19.33
C PRO C 306 -11.94 -51.35 -20.81
N GLN C 307 -12.79 -52.27 -21.28
CA GLN C 307 -13.09 -52.29 -22.71
C GLN C 307 -13.97 -51.11 -23.13
N ASP C 308 -14.74 -50.55 -22.19
CA ASP C 308 -15.53 -49.36 -22.48
C ASP C 308 -14.68 -48.23 -23.05
N VAL C 309 -13.46 -48.08 -22.53
CA VAL C 309 -12.59 -47.03 -23.05
C VAL C 309 -12.03 -47.43 -24.41
N ALA C 310 -11.68 -48.72 -24.56
CA ALA C 310 -11.19 -49.21 -25.84
C ALA C 310 -12.24 -49.00 -26.94
N GLN C 311 -13.52 -49.22 -26.63
CA GLN C 311 -14.54 -49.14 -27.67
C GLN C 311 -14.92 -47.70 -28.01
N CYS C 312 -15.04 -46.84 -27.00
CA CYS C 312 -15.36 -45.44 -27.29
C CYS C 312 -14.27 -44.78 -28.14
N LEU C 313 -13.03 -45.27 -28.05
CA LEU C 313 -11.96 -44.78 -28.90
C LEU C 313 -12.10 -45.25 -30.34
N GLU C 314 -13.03 -46.18 -30.62
CA GLU C 314 -13.34 -46.60 -31.98
C GLU C 314 -14.36 -45.70 -32.66
N VAL C 315 -15.07 -44.87 -31.90
CA VAL C 315 -16.02 -43.92 -32.50
C VAL C 315 -15.23 -42.79 -33.14
N GLY C 316 -15.39 -42.62 -34.46
CA GLY C 316 -14.45 -41.85 -35.26
C GLY C 316 -14.90 -40.47 -35.69
N LEU C 317 -16.17 -40.17 -35.53
CA LEU C 317 -16.68 -38.82 -35.69
C LEU C 317 -16.70 -38.16 -34.30
N PHE C 318 -16.04 -36.99 -34.19
CA PHE C 318 -16.02 -36.30 -32.90
C PHE C 318 -17.44 -36.04 -32.38
N ASP C 319 -18.32 -35.51 -33.23
CA ASP C 319 -19.70 -35.33 -32.81
C ASP C 319 -20.63 -35.39 -34.03
N THR C 320 -21.90 -35.62 -33.76
CA THR C 320 -22.93 -35.81 -34.77
C THR C 320 -24.16 -34.99 -34.43
N PRO C 321 -24.90 -34.51 -35.44
CA PRO C 321 -26.17 -33.81 -35.18
C PRO C 321 -27.10 -34.75 -34.43
N PRO C 322 -27.97 -34.21 -33.57
CA PRO C 322 -28.17 -32.79 -33.30
C PRO C 322 -27.18 -32.16 -32.28
N PHE C 323 -26.04 -32.81 -32.03
CA PHE C 323 -24.99 -32.27 -31.14
C PHE C 323 -25.53 -32.07 -29.73
N TYR C 324 -26.08 -33.14 -29.18
CA TYR C 324 -26.78 -33.06 -27.91
C TYR C 324 -26.57 -34.37 -27.19
N SER C 325 -27.27 -34.55 -26.06
CA SER C 325 -27.11 -35.76 -25.26
C SER C 325 -27.80 -36.98 -25.85
N ASN C 326 -28.59 -36.84 -26.92
CA ASN C 326 -29.11 -38.03 -27.59
C ASN C 326 -28.43 -38.32 -28.93
N SER C 327 -27.21 -37.82 -29.13
CA SER C 327 -26.48 -38.14 -30.35
C SER C 327 -25.99 -39.59 -30.34
N THR C 328 -26.00 -40.21 -31.52
CA THR C 328 -25.46 -41.55 -31.73
C THR C 328 -24.20 -41.44 -32.57
N ASN C 329 -23.31 -42.43 -32.42
CA ASN C 329 -22.03 -42.50 -33.13
C ASN C 329 -21.18 -41.24 -32.93
N SER C 330 -21.32 -40.63 -31.76
CA SER C 330 -20.67 -39.37 -31.42
C SER C 330 -19.61 -39.67 -30.37
N PHE C 331 -18.33 -39.46 -30.71
CA PHE C 331 -17.30 -39.73 -29.72
C PHE C 331 -17.53 -38.89 -28.46
N ARG C 332 -17.75 -37.59 -28.64
CA ARG C 332 -18.00 -36.69 -27.51
C ARG C 332 -19.11 -37.22 -26.61
N ASN C 333 -20.27 -37.54 -27.18
CA ASN C 333 -21.41 -38.03 -26.41
C ASN C 333 -21.12 -39.38 -25.76
N THR C 334 -20.18 -40.14 -26.31
CA THR C 334 -19.90 -41.46 -25.78
C THR C 334 -18.98 -41.37 -24.57
N VAL C 335 -17.88 -40.61 -24.69
CA VAL C 335 -17.06 -40.46 -23.49
C VAL C 335 -17.79 -39.63 -22.45
N GLU C 336 -18.65 -38.68 -22.86
CA GLU C 336 -19.46 -37.98 -21.88
C GLU C 336 -20.31 -38.95 -21.09
N GLY C 337 -20.90 -39.94 -21.78
CA GLY C 337 -21.60 -41.02 -21.10
C GLY C 337 -23.08 -41.16 -21.42
N PHE C 338 -23.60 -40.36 -22.34
CA PHE C 338 -25.02 -40.49 -22.65
C PHE C 338 -25.30 -41.62 -23.65
N SER C 339 -24.37 -41.89 -24.55
CA SER C 339 -24.48 -43.08 -25.36
C SER C 339 -23.50 -44.12 -24.82
N ASP C 340 -23.75 -45.38 -25.17
CA ASP C 340 -22.99 -46.47 -24.58
C ASP C 340 -21.65 -46.56 -25.31
N PRO C 341 -20.69 -47.35 -24.80
CA PRO C 341 -19.33 -47.31 -25.36
C PRO C 341 -19.20 -47.48 -26.87
N THR C 342 -20.17 -48.14 -27.51
CA THR C 342 -20.10 -48.36 -28.95
C THR C 342 -20.62 -47.20 -29.77
N GLY C 343 -21.32 -46.24 -29.16
CA GLY C 343 -21.88 -45.11 -29.87
C GLY C 343 -23.38 -45.16 -29.99
N LYS C 344 -24.02 -46.16 -29.40
CA LYS C 344 -25.46 -46.31 -29.51
C LYS C 344 -26.11 -45.54 -28.36
N TYR C 345 -27.03 -44.63 -28.69
CA TYR C 345 -27.77 -43.92 -27.67
C TYR C 345 -28.87 -44.82 -27.11
N ASP C 346 -29.11 -44.69 -25.82
CA ASP C 346 -30.18 -45.41 -25.12
C ASP C 346 -30.49 -44.59 -23.88
N PRO C 347 -31.70 -44.06 -23.76
CA PRO C 347 -32.00 -43.15 -22.63
C PRO C 347 -31.84 -43.80 -21.27
N ALA C 348 -31.65 -45.11 -21.20
CA ALA C 348 -31.53 -45.80 -19.93
C ALA C 348 -30.09 -46.14 -19.55
N VAL C 349 -29.10 -45.69 -20.32
CA VAL C 349 -27.71 -46.07 -20.10
C VAL C 349 -26.89 -44.88 -19.61
N SER C 350 -26.09 -45.11 -18.58
CA SER C 350 -25.04 -44.18 -18.15
C SER C 350 -23.71 -44.89 -18.28
N SER C 351 -22.79 -44.32 -19.04
CA SER C 351 -21.49 -44.94 -19.18
C SER C 351 -20.37 -43.91 -19.00
N LEU C 352 -19.13 -44.43 -18.98
CA LEU C 352 -17.91 -43.65 -18.88
C LEU C 352 -17.99 -42.48 -17.90
N HIS C 353 -17.81 -41.24 -18.39
CA HIS C 353 -17.66 -40.10 -17.49
C HIS C 353 -18.90 -39.85 -16.65
N ASN C 354 -20.09 -39.99 -17.22
CA ASN C 354 -21.31 -39.80 -16.40
C ASN C 354 -21.45 -40.91 -15.37
N LEU C 355 -21.09 -42.14 -15.75
CA LEU C 355 -21.20 -43.27 -14.83
C LEU C 355 -20.26 -43.08 -13.64
N ALA C 356 -19.03 -42.61 -13.90
CA ALA C 356 -18.11 -42.35 -12.79
C ALA C 356 -18.72 -41.33 -11.83
N HIS C 357 -19.36 -40.29 -12.36
CA HIS C 357 -20.00 -39.28 -11.52
C HIS C 357 -21.11 -39.90 -10.66
N LEU C 358 -21.99 -40.68 -11.28
CA LEU C 358 -23.16 -41.21 -10.59
C LEU C 358 -22.79 -42.34 -9.65
N PHE C 359 -21.68 -43.03 -9.93
CA PHE C 359 -21.14 -44.05 -9.02
C PHE C 359 -20.88 -43.50 -7.61
N LEU C 360 -20.57 -42.21 -7.49
CA LEU C 360 -20.24 -41.65 -6.18
C LEU C 360 -21.47 -41.40 -5.31
N ASN C 361 -22.66 -41.39 -5.91
CA ASN C 361 -23.95 -41.27 -5.20
C ASN C 361 -23.88 -40.20 -4.11
N GLY C 362 -23.68 -38.96 -4.56
CA GLY C 362 -23.48 -37.86 -3.64
C GLY C 362 -23.19 -36.56 -4.36
N THR C 363 -22.45 -35.66 -3.69
CA THR C 363 -22.02 -34.37 -4.25
C THR C 363 -21.52 -34.47 -5.69
N GLY C 364 -20.64 -35.44 -5.94
CA GLY C 364 -19.99 -35.61 -7.21
C GLY C 364 -20.90 -36.11 -8.29
N GLY C 365 -22.17 -36.38 -7.97
CA GLY C 365 -23.15 -36.80 -8.94
C GLY C 365 -24.19 -35.76 -9.29
N GLN C 366 -24.02 -34.51 -8.85
CA GLN C 366 -24.90 -33.41 -9.24
C GLN C 366 -24.12 -32.38 -10.03
N VAL C 367 -24.56 -32.11 -11.27
CA VAL C 367 -23.75 -31.30 -12.19
C VAL C 367 -23.47 -29.91 -11.62
N HIS C 368 -24.43 -29.32 -10.88
CA HIS C 368 -24.17 -27.98 -10.34
C HIS C 368 -23.19 -27.99 -9.18
N LEU C 369 -22.97 -29.15 -8.56
CA LEU C 369 -22.13 -29.23 -7.38
C LEU C 369 -20.86 -30.05 -7.55
N SER C 370 -20.74 -30.85 -8.61
CA SER C 370 -19.80 -31.97 -8.54
C SER C 370 -18.33 -31.56 -8.34
N PRO C 371 -17.83 -30.42 -8.82
CA PRO C 371 -16.44 -30.05 -8.48
C PRO C 371 -16.19 -29.91 -6.98
N ASN C 372 -17.22 -29.80 -6.15
CA ASN C 372 -17.01 -29.69 -4.71
C ASN C 372 -16.32 -30.93 -4.16
N ASP C 373 -16.57 -32.09 -4.76
CA ASP C 373 -15.84 -33.29 -4.42
C ASP C 373 -14.57 -33.34 -5.26
N PRO C 374 -13.38 -33.33 -4.65
CA PRO C 374 -12.15 -33.18 -5.44
C PRO C 374 -11.83 -34.38 -6.30
N ILE C 375 -12.48 -35.53 -6.08
CA ILE C 375 -12.44 -36.59 -7.07
C ILE C 375 -12.73 -36.03 -8.47
N PHE C 376 -13.57 -34.98 -8.57
CA PHE C 376 -13.85 -34.31 -9.84
C PHE C 376 -12.59 -34.04 -10.65
N VAL C 377 -11.55 -33.52 -10.01
CA VAL C 377 -10.29 -33.26 -10.70
C VAL C 377 -9.82 -34.51 -11.42
N LEU C 378 -9.68 -35.61 -10.66
CA LEU C 378 -9.10 -36.85 -11.18
C LEU C 378 -10.03 -37.51 -12.18
N LEU C 379 -11.33 -37.43 -11.93
CA LEU C 379 -12.30 -37.91 -12.89
C LEU C 379 -12.14 -37.22 -14.23
N HIS C 380 -11.83 -35.90 -14.21
CA HIS C 380 -11.76 -35.18 -15.48
C HIS C 380 -10.40 -35.14 -16.12
N THR C 381 -9.30 -35.25 -15.36
CA THR C 381 -8.02 -35.46 -16.04
C THR C 381 -8.02 -36.78 -16.82
N PHE C 382 -8.61 -37.83 -16.26
CA PHE C 382 -8.70 -39.08 -17.01
C PHE C 382 -9.58 -38.91 -18.24
N THR C 383 -10.77 -38.34 -18.06
CA THR C 383 -11.62 -38.00 -19.19
C THR C 383 -10.87 -37.18 -20.25
N ASP C 384 -10.02 -36.24 -19.81
CA ASP C 384 -9.19 -35.46 -20.73
C ASP C 384 -8.09 -36.31 -21.36
N ALA C 385 -7.56 -37.29 -20.64
CA ALA C 385 -6.64 -38.27 -21.24
C ALA C 385 -7.30 -38.98 -22.42
N VAL C 386 -8.53 -39.45 -22.23
CA VAL C 386 -9.22 -40.17 -23.30
C VAL C 386 -9.41 -39.25 -24.49
N PHE C 387 -9.85 -38.02 -24.24
CA PHE C 387 -9.95 -37.01 -25.29
C PHE C 387 -8.63 -36.87 -26.03
N ASP C 388 -7.53 -36.76 -25.27
CA ASP C 388 -6.25 -36.49 -25.90
C ASP C 388 -5.83 -37.64 -26.80
N GLU C 389 -6.05 -38.87 -26.36
CA GLU C 389 -5.78 -40.04 -27.19
C GLU C 389 -6.61 -40.01 -28.47
N TRP C 390 -7.87 -39.58 -28.38
CA TRP C 390 -8.69 -39.43 -29.58
C TRP C 390 -8.08 -38.41 -30.54
N LEU C 391 -7.58 -37.30 -30.03
CA LEU C 391 -7.01 -36.26 -30.89
C LEU C 391 -5.74 -36.77 -31.60
N ARG C 392 -4.87 -37.45 -30.86
CA ARG C 392 -3.69 -38.03 -31.49
C ARG C 392 -4.07 -39.09 -32.51
N ARG C 393 -5.15 -39.81 -32.24
CA ARG C 393 -5.51 -40.98 -33.03
C ARG C 393 -6.35 -40.64 -34.25
N TYR C 394 -7.03 -39.50 -34.28
CA TYR C 394 -7.76 -39.04 -35.45
C TYR C 394 -7.22 -37.71 -35.94
N ASN C 395 -5.96 -37.44 -35.62
CA ASN C 395 -5.24 -36.28 -36.12
C ASN C 395 -6.02 -35.00 -35.88
N ALA C 396 -6.66 -34.88 -34.70
CA ALA C 396 -7.36 -33.67 -34.29
C ALA C 396 -8.34 -33.22 -35.38
N ASP C 397 -9.18 -34.15 -35.83
CA ASP C 397 -10.13 -33.88 -36.91
C ASP C 397 -11.30 -33.09 -36.33
N ILE C 398 -11.27 -31.77 -36.54
CA ILE C 398 -12.27 -30.89 -35.94
C ILE C 398 -13.46 -30.64 -36.86
N SER C 399 -13.52 -31.32 -38.02
CA SER C 399 -14.54 -31.03 -39.04
C SER C 399 -15.95 -31.22 -38.49
N THR C 400 -16.15 -32.24 -37.66
CA THR C 400 -17.47 -32.51 -37.10
C THR C 400 -17.84 -31.61 -35.91
N PHE C 401 -16.90 -30.83 -35.36
CA PHE C 401 -17.28 -29.85 -34.35
C PHE C 401 -18.05 -28.73 -35.04
N PRO C 402 -19.34 -28.55 -34.76
CA PRO C 402 -20.16 -27.65 -35.59
C PRO C 402 -19.86 -26.18 -35.31
N LEU C 403 -19.83 -25.39 -36.39
CA LEU C 403 -19.73 -23.95 -36.25
C LEU C 403 -21.06 -23.28 -35.95
N GLU C 404 -22.18 -23.95 -36.20
CA GLU C 404 -23.49 -23.38 -35.93
C GLU C 404 -24.46 -24.50 -35.53
N ASN C 405 -25.57 -24.12 -34.91
CA ASN C 405 -26.71 -24.97 -34.60
C ASN C 405 -26.42 -25.98 -33.47
N ALA C 406 -25.25 -25.93 -32.86
CA ALA C 406 -25.02 -26.55 -31.57
C ALA C 406 -25.93 -25.91 -30.51
N PRO C 407 -26.19 -26.63 -29.40
CA PRO C 407 -26.77 -25.96 -28.22
C PRO C 407 -25.97 -24.72 -27.87
N ILE C 408 -26.63 -23.75 -27.24
CA ILE C 408 -25.99 -22.47 -27.00
C ILE C 408 -24.76 -22.69 -26.10
N GLY C 409 -23.64 -22.11 -26.52
CA GLY C 409 -22.36 -22.28 -25.88
C GLY C 409 -21.46 -23.32 -26.52
N HIS C 410 -22.00 -24.17 -27.39
CA HIS C 410 -21.26 -25.29 -27.94
C HIS C 410 -20.86 -25.12 -29.41
N ASN C 411 -21.18 -23.97 -30.02
CA ASN C 411 -20.60 -23.64 -31.31
C ASN C 411 -19.08 -23.57 -31.19
N ARG C 412 -18.41 -23.95 -32.28
CA ARG C 412 -16.97 -24.16 -32.24
C ARG C 412 -16.23 -22.87 -31.85
N GLN C 413 -16.72 -21.72 -32.30
CA GLN C 413 -16.05 -20.46 -32.03
C GLN C 413 -16.63 -19.73 -30.82
N TYR C 414 -17.50 -20.39 -30.07
CA TYR C 414 -18.02 -19.80 -28.83
C TYR C 414 -16.90 -19.68 -27.80
N ASN C 415 -16.84 -18.53 -27.13
CA ASN C 415 -15.95 -18.39 -25.98
C ASN C 415 -16.49 -19.22 -24.83
N MET C 416 -15.67 -20.16 -24.34
CA MET C 416 -16.12 -21.09 -23.31
C MET C 416 -16.44 -20.34 -22.02
N VAL C 417 -17.72 -20.38 -21.62
CA VAL C 417 -18.27 -19.55 -20.54
C VAL C 417 -17.97 -20.14 -19.18
N PRO C 418 -17.48 -19.32 -18.24
CA PRO C 418 -17.17 -17.89 -18.25
C PRO C 418 -15.69 -17.68 -18.10
N PHE C 419 -14.90 -18.37 -18.91
CA PHE C 419 -13.46 -18.27 -18.77
C PHE C 419 -12.95 -16.90 -19.24
N TRP C 420 -11.86 -16.48 -18.61
CA TRP C 420 -11.27 -15.19 -18.85
C TRP C 420 -9.74 -15.29 -18.90
N PRO C 421 -9.11 -14.60 -19.88
CA PRO C 421 -9.69 -13.88 -21.02
C PRO C 421 -10.42 -14.82 -21.98
N PRO C 422 -11.25 -14.28 -22.88
CA PRO C 422 -12.01 -15.17 -23.79
C PRO C 422 -11.14 -16.24 -24.44
N VAL C 423 -11.66 -17.47 -24.47
CA VAL C 423 -10.94 -18.61 -25.04
C VAL C 423 -11.95 -19.53 -25.71
N THR C 424 -11.81 -19.74 -27.01
CA THR C 424 -12.80 -20.48 -27.78
C THR C 424 -12.57 -21.98 -27.67
N ASN C 425 -13.59 -22.75 -28.04
CA ASN C 425 -13.50 -24.20 -28.08
C ASN C 425 -12.35 -24.65 -28.97
N THR C 426 -12.09 -23.90 -30.05
CA THR C 426 -11.09 -24.30 -31.03
C THR C 426 -9.70 -24.36 -30.41
N GLU C 427 -9.37 -23.37 -29.58
CA GLU C 427 -8.03 -23.31 -28.99
C GLU C 427 -7.74 -24.52 -28.11
N MET C 428 -8.76 -25.21 -27.62
CA MET C 428 -8.53 -26.42 -26.85
C MET C 428 -8.56 -27.69 -27.72
N PHE C 429 -8.95 -27.61 -28.99
CA PHE C 429 -9.08 -28.81 -29.82
C PHE C 429 -7.76 -29.11 -30.54
N VAL C 430 -6.72 -29.29 -29.72
CA VAL C 430 -5.35 -29.54 -30.16
C VAL C 430 -4.75 -30.61 -29.26
N THR C 431 -3.74 -31.31 -29.78
CA THR C 431 -3.10 -32.36 -28.98
C THR C 431 -2.25 -31.72 -27.88
N ALA C 432 -2.48 -32.16 -26.65
CA ALA C 432 -1.88 -31.45 -25.51
C ALA C 432 -0.36 -31.42 -25.51
N PRO C 433 0.37 -32.49 -25.85
CA PRO C 433 1.84 -32.44 -25.66
C PRO C 433 2.53 -31.36 -26.49
N ASP C 434 2.18 -31.23 -27.76
CA ASP C 434 2.86 -30.26 -28.60
C ASP C 434 2.21 -28.89 -28.60
N ASN C 435 1.01 -28.73 -28.02
CA ASN C 435 0.28 -27.47 -28.05
C ASN C 435 -0.10 -26.88 -26.70
N LEU C 436 -0.05 -27.65 -25.63
CA LEU C 436 -0.52 -27.15 -24.35
C LEU C 436 0.41 -27.48 -23.19
N GLY C 437 1.57 -28.10 -23.44
CA GLY C 437 2.56 -28.30 -22.41
C GLY C 437 2.30 -29.43 -21.43
N TYR C 438 1.43 -30.37 -21.76
CA TYR C 438 1.25 -31.49 -20.86
C TYR C 438 0.92 -32.74 -21.66
N THR C 439 1.17 -33.89 -21.03
CA THR C 439 0.99 -35.19 -21.65
C THR C 439 0.64 -36.17 -20.54
N TYR C 440 0.02 -37.27 -20.92
CA TYR C 440 -0.42 -38.28 -19.97
C TYR C 440 0.49 -39.49 -20.06
N GLU C 441 1.03 -39.89 -18.92
CA GLU C 441 1.68 -41.19 -18.76
C GLU C 441 0.55 -42.19 -18.59
N ILE C 442 0.23 -42.93 -19.66
CA ILE C 442 -0.91 -43.84 -19.63
C ILE C 442 -0.75 -44.81 -20.80
N GLN C 443 -1.40 -45.97 -20.70
CA GLN C 443 -1.47 -46.86 -21.84
C GLN C 443 -2.89 -47.39 -21.97
N TRP C 444 -3.26 -47.73 -23.20
CA TRP C 444 -4.66 -47.98 -23.47
C TRP C 444 -4.91 -49.46 -23.71
N PRO C 445 -6.07 -49.96 -23.30
CA PRO C 445 -6.34 -51.40 -23.45
C PRO C 445 -6.49 -51.77 -24.92
N SER C 446 -5.96 -52.94 -25.28
CA SER C 446 -6.06 -53.51 -26.62
C SER C 446 -5.49 -54.92 -26.64
N GLN D 1 -23.08 14.15 26.03
CA GLN D 1 -24.15 15.08 26.43
C GLN D 1 -23.59 16.48 26.46
N PHE D 2 -24.18 17.42 27.22
CA PHE D 2 -23.79 18.77 26.84
C PHE D 2 -22.98 19.46 27.93
N PRO D 3 -22.00 20.26 27.56
CA PRO D 3 -21.31 21.12 28.53
C PRO D 3 -22.31 21.93 29.35
N ARG D 4 -21.95 22.16 30.62
CA ARG D 4 -22.86 22.85 31.53
C ARG D 4 -23.17 24.26 31.04
N GLN D 5 -22.17 24.98 30.52
CA GLN D 5 -22.44 26.33 30.03
C GLN D 5 -23.37 26.35 28.82
N CYS D 6 -23.45 25.26 28.04
CA CYS D 6 -24.42 25.14 26.96
C CYS D 6 -25.77 24.58 27.39
N ALA D 7 -25.92 24.15 28.65
CA ALA D 7 -27.21 23.66 29.15
C ALA D 7 -28.07 24.79 29.73
N THR D 8 -28.07 25.94 29.08
CA THR D 8 -28.78 27.12 29.50
C THR D 8 -29.96 27.38 28.56
N VAL D 9 -30.87 28.24 29.02
CA VAL D 9 -31.99 28.67 28.18
C VAL D 9 -31.47 29.38 26.93
N GLU D 10 -30.59 30.36 27.11
CA GLU D 10 -30.07 31.13 25.99
C GLU D 10 -29.40 30.22 24.96
N ALA D 11 -28.56 29.30 25.43
CA ALA D 11 -27.80 28.44 24.52
C ALA D 11 -28.73 27.55 23.69
N LEU D 12 -29.73 26.93 24.31
CA LEU D 12 -30.63 26.06 23.56
C LEU D 12 -31.50 26.87 22.59
N ARG D 13 -31.75 28.13 22.90
CA ARG D 13 -32.44 29.02 21.95
C ARG D 13 -31.59 29.25 20.72
N SER D 14 -30.34 29.65 20.91
CA SER D 14 -29.49 29.98 19.79
C SER D 14 -29.14 28.75 18.95
N GLY D 15 -29.32 27.55 19.50
CA GLY D 15 -28.93 26.33 18.82
C GLY D 15 -27.42 26.24 18.68
N MET D 16 -26.71 27.11 19.39
CA MET D 16 -25.26 27.21 19.31
C MET D 16 -24.63 26.80 20.64
N CYS D 17 -23.77 25.79 20.60
CA CYS D 17 -22.97 25.38 21.76
C CYS D 17 -21.49 25.63 21.45
N CYS D 18 -21.03 26.82 21.83
CA CYS D 18 -19.68 27.28 21.49
C CYS D 18 -19.14 28.05 22.68
N PRO D 19 -18.85 27.36 23.79
CA PRO D 19 -18.42 28.06 25.00
C PRO D 19 -17.11 28.80 24.81
N ASP D 20 -16.91 29.80 25.66
CA ASP D 20 -15.66 30.53 25.63
C ASP D 20 -14.54 29.69 26.22
N LEU D 21 -13.31 30.05 25.87
CA LEU D 21 -12.17 29.40 26.47
C LEU D 21 -11.54 30.26 27.55
N SER D 22 -10.86 31.32 27.16
CA SER D 22 -10.29 32.29 28.10
C SER D 22 -10.78 33.66 27.67
N PRO D 23 -12.01 34.03 28.03
CA PRO D 23 -12.57 35.32 27.59
C PRO D 23 -12.05 36.46 28.45
N VAL D 24 -11.38 37.42 27.81
CA VAL D 24 -10.87 38.59 28.50
C VAL D 24 -11.50 39.88 28.00
N SER D 25 -12.56 39.77 27.21
CA SER D 25 -13.33 40.93 26.82
C SER D 25 -14.82 40.75 27.10
N GLY D 26 -15.19 39.64 27.75
CA GLY D 26 -16.58 39.31 28.01
C GLY D 26 -16.94 37.97 27.43
N PRO D 27 -18.20 37.57 27.56
CA PRO D 27 -18.67 36.36 26.88
C PRO D 27 -18.68 36.54 25.37
N GLY D 28 -18.57 35.41 24.66
CA GLY D 28 -18.40 35.43 23.22
C GLY D 28 -17.10 36.02 22.74
N THR D 29 -16.16 36.33 23.65
CA THR D 29 -14.86 36.91 23.29
C THR D 29 -13.90 35.86 22.74
N ASP D 30 -13.91 34.65 23.31
CA ASP D 30 -12.98 33.57 22.98
C ASP D 30 -13.75 32.28 22.72
N ARG D 31 -14.79 32.36 21.90
CA ARG D 31 -15.52 31.17 21.51
C ARG D 31 -14.56 30.16 20.93
N CYS D 32 -14.54 28.96 21.51
CA CYS D 32 -13.74 27.85 21.01
C CYS D 32 -12.27 28.22 20.96
N GLY D 33 -11.85 29.15 21.80
CA GLY D 33 -10.46 29.55 21.83
C GLY D 33 -9.99 30.27 20.59
N SER D 34 -10.90 30.92 19.86
CA SER D 34 -10.52 31.61 18.64
C SER D 34 -9.53 32.75 18.87
N SER D 35 -9.40 33.28 20.08
CA SER D 35 -8.42 34.36 20.27
C SER D 35 -6.98 33.83 20.23
N SER D 36 -6.76 32.61 20.68
CA SER D 36 -5.55 31.90 20.29
C SER D 36 -5.88 31.20 18.97
N GLY D 37 -5.05 30.28 18.50
CA GLY D 37 -5.43 29.68 17.23
C GLY D 37 -6.20 28.38 17.40
N ARG D 38 -6.84 28.19 18.56
CA ARG D 38 -7.17 26.83 18.98
C ARG D 38 -8.38 26.26 18.23
N GLY D 39 -9.34 27.09 17.83
CA GLY D 39 -10.47 26.59 17.07
C GLY D 39 -11.48 27.68 16.83
N ARG D 40 -12.57 27.31 16.17
CA ARG D 40 -13.63 28.28 15.97
C ARG D 40 -15.00 27.61 16.04
N CYS D 41 -16.00 28.45 16.33
CA CYS D 41 -17.38 28.05 16.22
C CYS D 41 -17.78 27.94 14.75
N GLU D 42 -18.48 26.86 14.39
CA GLU D 42 -18.95 26.71 13.02
C GLU D 42 -20.09 25.70 12.97
N ALA D 43 -20.66 25.56 11.78
CA ALA D 43 -21.87 24.76 11.60
C ALA D 43 -21.56 23.28 11.82
N VAL D 44 -22.56 22.56 12.31
CA VAL D 44 -22.42 21.14 12.55
C VAL D 44 -22.53 20.39 11.23
N THR D 45 -21.58 19.51 10.97
CA THR D 45 -21.72 18.50 9.93
C THR D 45 -22.46 17.30 10.53
N ALA D 46 -23.59 16.94 9.95
CA ALA D 46 -24.32 15.78 10.43
C ALA D 46 -24.67 14.89 9.25
N ASP D 47 -24.65 13.59 9.50
CA ASP D 47 -25.04 12.63 8.49
C ASP D 47 -26.50 12.83 8.12
N SER D 48 -26.76 12.97 6.83
CA SER D 48 -28.11 13.10 6.32
C SER D 48 -28.53 11.88 5.50
N ARG D 49 -27.63 10.93 5.28
CA ARG D 49 -27.88 9.82 4.39
C ARG D 49 -28.96 8.91 4.96
N PRO D 50 -29.60 8.09 4.12
CA PRO D 50 -30.67 7.23 4.61
C PRO D 50 -30.13 6.08 5.46
N HIS D 51 -31.03 5.52 6.28
CA HIS D 51 -30.74 4.37 7.11
C HIS D 51 -31.64 3.21 6.71
N SER D 52 -31.46 2.09 7.39
CA SER D 52 -32.30 0.92 7.16
C SER D 52 -33.76 1.27 7.44
N PRO D 53 -34.71 0.61 6.75
CA PRO D 53 -36.13 0.88 7.00
C PRO D 53 -36.60 0.41 8.36
N GLN D 54 -35.75 -0.30 9.12
CA GLN D 54 -36.13 -0.82 10.43
C GLN D 54 -36.51 0.29 11.41
N TYR D 55 -35.99 1.50 11.21
CA TYR D 55 -36.42 2.60 12.08
C TYR D 55 -37.51 3.41 11.39
N PRO D 56 -38.73 3.40 11.91
CA PRO D 56 -39.86 4.03 11.22
C PRO D 56 -40.21 5.44 11.64
N HIS D 57 -39.70 5.93 12.76
CA HIS D 57 -40.28 7.10 13.43
C HIS D 57 -39.48 8.37 13.22
N ASP D 58 -38.92 8.55 12.02
CA ASP D 58 -38.14 9.74 11.73
C ASP D 58 -38.97 10.99 11.95
N GLY D 59 -38.39 11.93 12.69
CA GLY D 59 -39.09 13.11 13.13
C GLY D 59 -39.54 13.07 14.57
N ARG D 60 -39.46 11.93 15.24
CA ARG D 60 -40.00 11.78 16.58
C ARG D 60 -38.95 11.71 17.69
N ASP D 61 -37.69 11.45 17.39
CA ASP D 61 -36.69 11.13 18.40
C ASP D 61 -35.55 12.13 18.37
N ASP D 62 -35.18 12.65 19.54
CA ASP D 62 -34.13 13.66 19.60
C ASP D 62 -32.77 13.13 19.16
N ARG D 63 -32.64 11.83 18.92
CA ARG D 63 -31.33 11.27 18.65
C ARG D 63 -30.99 11.21 17.17
N GLU D 64 -31.96 11.34 16.28
CA GLU D 64 -31.67 11.28 14.86
C GLU D 64 -30.89 12.50 14.42
N VAL D 65 -30.02 12.28 13.42
CA VAL D 65 -29.21 13.35 12.83
C VAL D 65 -28.51 14.08 13.98
N TRP D 66 -27.95 13.31 14.91
CA TRP D 66 -27.24 13.85 16.06
C TRP D 66 -26.15 14.83 15.65
N PRO D 67 -26.11 16.02 16.28
CA PRO D 67 -26.96 16.48 17.38
C PRO D 67 -27.95 17.56 16.96
N LEU D 68 -28.44 17.52 15.72
CA LEU D 68 -29.07 18.71 15.15
C LEU D 68 -30.32 19.14 15.92
N ARG D 69 -31.02 18.21 16.59
CA ARG D 69 -32.21 18.60 17.33
C ARG D 69 -31.91 19.54 18.50
N PHE D 70 -30.67 19.56 18.98
CA PHE D 70 -30.29 20.47 20.06
C PHE D 70 -29.36 21.58 19.63
N PHE D 71 -28.41 21.33 18.72
CA PHE D 71 -27.52 22.42 18.31
C PHE D 71 -27.15 22.22 16.86
N ASN D 72 -26.93 23.33 16.16
CA ASN D 72 -26.46 23.28 14.79
C ASN D 72 -25.13 24.02 14.64
N ARG D 73 -24.57 24.53 15.73
CA ARG D 73 -23.23 25.11 15.76
C ARG D 73 -22.46 24.54 16.95
N THR D 74 -21.30 23.92 16.67
CA THR D 74 -20.37 23.39 17.65
C THR D 74 -19.01 24.09 17.55
N CYS D 75 -18.15 23.85 18.53
CA CYS D 75 -16.75 24.23 18.40
C CYS D 75 -16.04 23.22 17.52
N HIS D 76 -15.26 23.71 16.56
CA HIS D 76 -14.41 22.84 15.74
C HIS D 76 -12.97 23.30 15.97
N CYS D 77 -12.13 22.37 16.42
CA CYS D 77 -10.78 22.69 16.88
C CYS D 77 -9.74 22.45 15.79
N ASN D 78 -8.61 23.15 15.92
CA ASN D 78 -7.55 23.10 14.92
C ASN D 78 -6.47 22.12 15.34
N GLY D 79 -5.85 21.51 14.33
CA GLY D 79 -4.70 20.64 14.59
C GLY D 79 -4.97 19.60 15.66
N ASN D 80 -4.10 19.55 16.66
CA ASN D 80 -4.20 18.56 17.73
C ASN D 80 -4.84 19.13 19.00
N PHE D 81 -5.44 20.31 18.92
CA PHE D 81 -6.36 20.81 19.93
C PHE D 81 -7.67 20.04 19.86
N SER D 82 -8.42 20.07 20.97
CA SER D 82 -9.62 19.27 21.14
C SER D 82 -10.44 19.84 22.30
N GLY D 83 -11.67 19.38 22.40
CA GLY D 83 -12.52 19.69 23.54
C GLY D 83 -13.75 20.48 23.13
N HIS D 84 -14.65 20.62 24.10
CA HIS D 84 -15.91 21.30 23.90
C HIS D 84 -15.70 22.78 23.53
N ASN D 85 -14.66 23.41 24.09
CA ASN D 85 -14.27 24.77 23.73
C ASN D 85 -12.83 24.83 23.26
N CYS D 86 -12.27 23.69 22.84
CA CYS D 86 -10.96 23.58 22.23
C CYS D 86 -9.83 23.85 23.21
N GLY D 87 -10.13 23.81 24.51
CA GLY D 87 -9.10 24.05 25.49
C GLY D 87 -8.26 22.88 25.92
N THR D 88 -8.37 21.72 25.27
CA THR D 88 -7.51 20.60 25.64
C THR D 88 -6.92 20.03 24.35
N CYS D 89 -6.46 18.77 24.38
CA CYS D 89 -5.75 18.17 23.26
C CYS D 89 -6.44 16.89 22.78
N ARG D 90 -6.17 16.52 21.52
CA ARG D 90 -6.58 15.23 21.01
C ARG D 90 -5.87 14.15 21.81
N PRO D 91 -6.38 12.92 21.81
CA PRO D 91 -5.72 11.85 22.58
C PRO D 91 -4.32 11.59 22.07
N GLY D 92 -3.39 11.41 22.99
CA GLY D 92 -2.00 11.20 22.68
C GLY D 92 -1.16 12.45 22.74
N TRP D 93 -1.77 13.62 22.97
CA TRP D 93 -1.07 14.90 22.98
C TRP D 93 -1.30 15.63 24.30
N ARG D 94 -0.28 16.34 24.74
CA ARG D 94 -0.34 17.14 25.95
C ARG D 94 0.39 18.46 25.72
N GLY D 95 0.19 19.39 26.63
CA GLY D 95 0.89 20.66 26.59
C GLY D 95 -0.03 21.80 26.17
N ALA D 96 0.39 23.01 26.52
CA ALA D 96 -0.35 24.21 26.12
C ALA D 96 -0.59 24.22 24.62
N ALA D 97 0.44 23.90 23.84
CA ALA D 97 0.34 23.84 22.38
C ALA D 97 0.06 22.42 21.85
N CYS D 98 -0.23 21.46 22.72
CA CYS D 98 -0.62 20.11 22.34
C CYS D 98 0.41 19.48 21.41
N ASP D 99 1.68 19.77 21.65
CA ASP D 99 2.77 19.28 20.81
C ASP D 99 3.66 18.29 21.55
N GLN D 100 3.23 17.80 22.70
CA GLN D 100 3.97 16.82 23.49
C GLN D 100 3.22 15.51 23.46
N ARG D 101 3.82 14.51 22.83
CA ARG D 101 3.16 13.25 22.61
C ARG D 101 3.27 12.39 23.86
N VAL D 102 2.15 11.78 24.23
CA VAL D 102 2.08 10.78 25.29
C VAL D 102 1.54 9.52 24.65
N LEU D 103 1.99 8.37 25.13
CA LEU D 103 1.49 7.09 24.64
C LEU D 103 1.18 6.26 25.87
N ILE D 104 -0.07 5.97 26.10
CA ILE D 104 -0.42 5.22 27.29
C ILE D 104 -0.56 3.75 26.90
N VAL D 105 -0.36 2.87 27.87
CA VAL D 105 -0.42 1.43 27.66
C VAL D 105 -1.54 0.88 28.50
N ARG D 106 -2.50 0.23 27.85
CA ARG D 106 -3.57 -0.48 28.53
C ARG D 106 -3.15 -1.94 28.68
N ARG D 107 -3.07 -2.42 29.91
CA ARG D 107 -2.48 -3.72 30.20
C ARG D 107 -3.52 -4.66 30.78
N ASN D 108 -3.17 -5.95 30.79
CA ASN D 108 -3.98 -6.93 31.50
C ASN D 108 -4.08 -6.55 32.98
N LEU D 109 -5.31 -6.45 33.48
CA LEU D 109 -5.50 -6.04 34.86
C LEU D 109 -4.78 -6.97 35.84
N LEU D 110 -4.70 -8.27 35.50
CA LEU D 110 -4.05 -9.25 36.37
C LEU D 110 -2.54 -9.17 36.34
N ASP D 111 -1.96 -8.40 35.41
CA ASP D 111 -0.53 -8.15 35.40
C ASP D 111 -0.14 -6.91 36.20
N LEU D 112 -1.10 -6.13 36.70
CA LEU D 112 -0.76 -4.94 37.45
C LEU D 112 -0.18 -5.32 38.81
N SER D 113 0.68 -4.45 39.34
CA SER D 113 1.18 -4.68 40.68
C SER D 113 0.05 -4.60 41.70
N LYS D 114 0.37 -4.96 42.93
CA LYS D 114 -0.55 -4.80 44.06
C LYS D 114 -1.06 -3.36 44.19
N GLU D 115 -0.14 -2.39 44.16
CA GLU D 115 -0.52 -0.99 44.34
C GLU D 115 -1.26 -0.46 43.12
N GLU D 116 -0.90 -0.93 41.93
CA GLU D 116 -1.59 -0.55 40.70
C GLU D 116 -3.03 -1.07 40.71
N LYS D 117 -3.23 -2.31 41.17
CA LYS D 117 -4.59 -2.84 41.28
C LYS D 117 -5.42 -1.99 42.23
N ASN D 118 -4.84 -1.62 43.36
CA ASN D 118 -5.59 -0.89 44.35
C ASN D 118 -5.84 0.54 43.89
N HIS D 119 -4.84 1.14 43.21
CA HIS D 119 -4.99 2.49 42.69
C HIS D 119 -6.09 2.56 41.64
N PHE D 120 -6.21 1.51 40.81
CA PHE D 120 -7.27 1.45 39.80
C PHE D 120 -8.64 1.30 40.45
N VAL D 121 -8.76 0.40 41.44
CA VAL D 121 -10.05 0.19 42.10
C VAL D 121 -10.53 1.49 42.75
N ARG D 122 -9.59 2.21 43.37
CA ARG D 122 -9.91 3.47 44.05
C ARG D 122 -10.26 4.57 43.05
N ALA D 123 -9.54 4.63 41.93
CA ALA D 123 -9.87 5.62 40.91
C ALA D 123 -11.28 5.40 40.37
N LEU D 124 -11.67 4.13 40.18
CA LEU D 124 -13.02 3.84 39.74
C LEU D 124 -14.03 4.34 40.75
N ASP D 125 -13.78 4.05 42.02
CA ASP D 125 -14.71 4.44 43.07
C ASP D 125 -14.78 5.95 43.20
N MET D 126 -13.66 6.63 42.98
CA MET D 126 -13.64 8.08 43.01
C MET D 126 -14.42 8.69 41.84
N ALA D 127 -14.28 8.12 40.64
CA ALA D 127 -15.10 8.55 39.50
C ALA D 127 -16.58 8.33 39.74
N LYS D 128 -16.92 7.30 40.51
CA LYS D 128 -18.32 7.01 40.81
C LYS D 128 -18.93 8.07 41.72
N ARG D 129 -18.12 8.75 42.50
CA ARG D 129 -18.62 9.74 43.45
C ARG D 129 -18.29 11.18 43.06
N THR D 130 -17.36 11.42 42.13
CA THR D 130 -16.97 12.78 41.77
C THR D 130 -17.86 13.33 40.65
N THR D 131 -18.36 14.55 40.85
CA THR D 131 -19.20 15.18 39.83
C THR D 131 -18.43 15.41 38.53
N HIS D 132 -19.07 15.12 37.41
CA HIS D 132 -18.44 15.44 36.13
C HIS D 132 -18.26 16.95 36.04
N PRO D 133 -17.05 17.45 35.86
CA PRO D 133 -16.85 18.90 35.86
C PRO D 133 -17.43 19.59 34.65
N LEU D 134 -17.61 18.88 33.54
CA LEU D 134 -18.04 19.49 32.28
C LEU D 134 -19.48 19.15 31.89
N PHE D 135 -19.88 17.90 31.98
CA PHE D 135 -21.13 17.45 31.39
C PHE D 135 -22.26 17.42 32.42
N VAL D 136 -23.46 17.78 31.97
CA VAL D 136 -24.71 17.61 32.70
C VAL D 136 -25.61 16.83 31.77
N ILE D 137 -26.49 16.00 32.34
CA ILE D 137 -27.34 15.14 31.51
C ILE D 137 -28.78 15.62 31.59
N ALA D 138 -29.49 15.47 30.47
CA ALA D 138 -30.91 15.85 30.40
C ALA D 138 -31.76 14.78 31.07
N THR D 139 -32.76 15.23 31.83
CA THR D 139 -33.73 14.31 32.43
C THR D 139 -35.01 14.20 31.60
N ARG D 140 -35.24 15.12 30.66
CA ARG D 140 -36.42 15.13 29.80
C ARG D 140 -36.00 15.20 28.34
N ARG D 141 -36.91 14.73 27.47
CA ARG D 141 -36.77 14.88 26.03
C ARG D 141 -36.86 16.35 25.62
N SER D 142 -36.52 16.63 24.36
CA SER D 142 -36.32 18.02 23.94
C SER D 142 -37.58 18.85 24.10
N GLU D 143 -38.74 18.25 23.80
CA GLU D 143 -40.01 18.96 23.89
C GLU D 143 -40.23 19.59 25.27
N GLU D 144 -39.73 18.97 26.34
CA GLU D 144 -39.91 19.45 27.70
C GLU D 144 -38.63 19.97 28.34
N ILE D 145 -37.57 20.15 27.55
CA ILE D 145 -36.22 20.33 28.08
C ILE D 145 -36.06 21.65 28.83
N LEU D 146 -36.92 22.64 28.58
CA LEU D 146 -36.78 23.92 29.24
C LEU D 146 -37.66 24.05 30.46
N GLY D 147 -38.38 22.97 30.82
CA GLY D 147 -39.16 22.94 32.04
C GLY D 147 -40.60 23.38 31.84
N PRO D 148 -41.42 23.23 32.87
CA PRO D 148 -42.81 23.69 32.74
C PRO D 148 -42.88 25.20 32.57
N ASP D 149 -42.20 25.96 33.43
CA ASP D 149 -42.19 27.40 33.21
C ASP D 149 -41.39 27.82 31.99
N GLY D 150 -40.86 26.87 31.22
CA GLY D 150 -40.06 27.16 30.04
C GLY D 150 -38.81 27.95 30.29
N ASN D 151 -38.38 28.06 31.55
CA ASN D 151 -37.20 28.83 31.91
C ASN D 151 -36.33 28.07 32.92
N THR D 152 -36.49 26.75 33.00
CA THR D 152 -35.72 25.91 33.93
C THR D 152 -35.20 24.70 33.18
N PRO D 153 -33.97 24.74 32.66
CA PRO D 153 -33.46 23.62 31.87
C PRO D 153 -33.42 22.34 32.69
N GLN D 154 -33.85 21.24 32.05
CA GLN D 154 -34.02 19.95 32.72
C GLN D 154 -32.74 19.10 32.64
N PHE D 155 -31.69 19.64 33.23
CA PHE D 155 -30.40 19.00 33.26
C PHE D 155 -29.95 18.81 34.71
N GLU D 156 -29.33 17.66 34.97
CA GLU D 156 -28.75 17.38 36.29
C GLU D 156 -27.25 17.14 36.18
N ASN D 157 -26.53 17.60 37.19
CA ASN D 157 -25.19 17.11 37.46
C ASN D 157 -25.18 15.59 37.63
N ILE D 158 -23.99 14.99 37.42
CA ILE D 158 -23.85 13.54 37.42
C ILE D 158 -22.37 13.22 37.56
N SER D 159 -22.08 12.05 38.13
CA SER D 159 -20.69 11.72 38.39
C SER D 159 -19.99 11.29 37.10
N ILE D 160 -18.66 11.39 37.13
CA ILE D 160 -17.85 10.92 36.01
C ILE D 160 -18.29 9.54 35.58
N TYR D 161 -18.38 8.61 36.52
CA TYR D 161 -18.71 7.24 36.12
C TYR D 161 -20.18 7.07 35.75
N ASN D 162 -21.10 7.80 36.41
CA ASN D 162 -22.49 7.65 36.03
C ASN D 162 -22.77 8.28 34.66
N TYR D 163 -22.01 9.31 34.28
CA TYR D 163 -22.11 9.86 32.93
C TYR D 163 -21.75 8.80 31.89
N PHE D 164 -20.66 8.07 32.14
CA PHE D 164 -20.29 6.89 31.37
C PHE D 164 -21.46 5.91 31.23
N VAL D 165 -22.23 5.68 32.32
CA VAL D 165 -23.41 4.82 32.23
C VAL D 165 -24.51 5.51 31.45
N TRP D 166 -24.70 6.79 31.70
CA TRP D 166 -25.82 7.52 31.14
C TRP D 166 -25.74 7.57 29.61
N THR D 167 -24.52 7.76 29.05
CA THR D 167 -24.43 7.86 27.60
C THR D 167 -24.76 6.52 26.95
N HIS D 168 -24.29 5.42 27.53
CA HIS D 168 -24.65 4.10 27.02
C HIS D 168 -26.17 3.90 27.04
N TYR D 169 -26.81 4.22 28.16
CA TYR D 169 -28.26 4.11 28.27
C TYR D 169 -28.98 4.92 27.17
N TYR D 170 -28.61 6.19 27.01
CA TYR D 170 -29.26 7.06 26.05
C TYR D 170 -29.10 6.55 24.62
N SER D 171 -28.04 5.78 24.36
CA SER D 171 -27.81 5.24 23.04
C SER D 171 -28.65 3.99 22.76
N VAL D 172 -29.17 3.32 23.78
CA VAL D 172 -30.03 2.15 23.56
C VAL D 172 -31.46 2.36 24.02
N LYS D 173 -31.78 3.49 24.64
CA LYS D 173 -33.13 3.69 25.14
C LYS D 173 -34.15 3.62 24.00
N LYS D 174 -35.38 3.27 24.35
CA LYS D 174 -36.45 3.17 23.36
C LYS D 174 -36.90 4.55 22.91
N THR D 175 -37.47 4.60 21.69
CA THR D 175 -38.05 5.84 21.18
C THR D 175 -39.45 6.03 21.76
N PHE D 176 -39.71 7.22 22.30
CA PHE D 176 -40.97 7.51 22.96
C PHE D 176 -41.97 8.05 21.94
N LEU D 177 -43.08 7.32 21.76
CA LEU D 177 -44.11 7.70 20.80
C LEU D 177 -45.18 8.61 21.39
N GLY D 178 -45.43 8.56 22.69
CA GLY D 178 -46.44 9.37 23.34
C GLY D 178 -47.06 8.58 24.47
N VAL D 179 -47.68 9.30 25.42
CA VAL D 179 -48.29 8.63 26.55
C VAL D 179 -49.39 7.71 26.05
N GLY D 180 -49.48 6.52 26.64
CA GLY D 180 -50.41 5.52 26.15
C GLY D 180 -49.91 4.66 25.01
N GLN D 181 -48.87 5.08 24.30
CA GLN D 181 -48.32 4.28 23.22
C GLN D 181 -47.19 3.37 23.73
N GLU D 182 -47.01 2.24 23.04
CA GLU D 182 -45.90 1.32 23.29
C GLU D 182 -44.61 1.87 22.68
N SER D 183 -43.64 2.22 23.52
CA SER D 183 -42.38 2.79 23.02
C SER D 183 -41.71 1.85 22.03
N PHE D 184 -41.03 2.44 21.05
CA PHE D 184 -40.38 1.68 19.99
C PHE D 184 -38.98 1.26 20.41
N GLY D 185 -38.68 -0.02 20.28
CA GLY D 185 -37.43 -0.56 20.79
C GLY D 185 -36.57 -1.32 19.81
N GLU D 186 -36.91 -1.29 18.53
CA GLU D 186 -36.05 -1.91 17.52
C GLU D 186 -35.04 -0.90 16.98
N VAL D 187 -34.38 -0.20 17.91
CA VAL D 187 -33.42 0.85 17.61
C VAL D 187 -32.32 0.81 18.66
N ASP D 188 -31.08 1.06 18.22
CA ASP D 188 -29.92 0.95 19.11
C ASP D 188 -28.76 1.64 18.41
N PHE D 189 -28.48 2.87 18.84
CA PHE D 189 -27.45 3.68 18.20
C PHE D 189 -26.03 3.15 18.44
N SER D 190 -25.83 2.10 19.25
CA SER D 190 -24.49 1.69 19.62
C SER D 190 -24.26 0.18 19.63
N HIS D 191 -25.25 -0.64 19.26
CA HIS D 191 -25.06 -2.08 19.14
C HIS D 191 -25.83 -2.58 17.93
N GLU D 192 -25.63 -3.85 17.61
CA GLU D 192 -26.32 -4.50 16.51
C GLU D 192 -26.20 -3.68 15.23
N GLY D 193 -24.93 -3.35 14.88
CA GLY D 193 -24.62 -2.52 13.74
C GLY D 193 -23.17 -2.07 13.72
N PRO D 194 -22.70 -1.60 12.55
CA PRO D 194 -21.26 -1.31 12.38
C PRO D 194 -20.65 -0.36 13.42
N ALA D 195 -21.45 0.51 14.03
CA ALA D 195 -20.91 1.46 14.99
C ALA D 195 -20.65 0.84 16.38
N PHE D 196 -20.82 -0.47 16.56
CA PHE D 196 -20.61 -1.09 17.86
C PHE D 196 -19.19 -0.83 18.37
N LEU D 197 -18.19 -1.12 17.54
CA LEU D 197 -16.80 -1.05 17.99
C LEU D 197 -16.31 0.39 18.12
N THR D 198 -16.67 1.26 17.17
CA THR D 198 -16.22 2.65 17.24
C THR D 198 -16.95 3.41 18.35
N TRP D 199 -18.25 3.16 18.52
CA TRP D 199 -18.96 3.83 19.60
C TRP D 199 -18.34 3.45 20.94
N HIS D 200 -18.13 2.16 21.17
CA HIS D 200 -17.56 1.75 22.46
C HIS D 200 -16.11 2.20 22.60
N ARG D 201 -15.39 2.38 21.48
CA ARG D 201 -14.03 2.88 21.57
C ARG D 201 -14.01 4.32 22.07
N TYR D 202 -14.89 5.18 21.56
CA TYR D 202 -14.93 6.56 22.04
C TYR D 202 -15.37 6.61 23.51
N HIS D 203 -16.43 5.89 23.86
CA HIS D 203 -16.88 5.71 25.23
C HIS D 203 -15.71 5.47 26.21
N LEU D 204 -14.91 4.44 25.93
CA LEU D 204 -13.76 4.15 26.77
C LEU D 204 -12.78 5.33 26.79
N LEU D 205 -12.52 5.93 25.63
CA LEU D 205 -11.57 7.04 25.54
C LEU D 205 -12.07 8.27 26.32
N ARG D 206 -13.38 8.46 26.38
CA ARG D 206 -13.97 9.54 27.15
C ARG D 206 -13.80 9.30 28.66
N LEU D 207 -14.00 8.07 29.12
CA LEU D 207 -13.83 7.79 30.54
C LEU D 207 -12.35 7.83 30.95
N GLU D 208 -11.45 7.37 30.09
CA GLU D 208 -10.02 7.41 30.40
C GLU D 208 -9.56 8.85 30.57
N LYS D 209 -10.01 9.74 29.68
CA LYS D 209 -9.64 11.14 29.75
C LYS D 209 -10.22 11.79 31.00
N ASP D 210 -11.48 11.50 31.32
CA ASP D 210 -12.07 12.08 32.52
C ASP D 210 -11.33 11.62 33.76
N MET D 211 -10.88 10.37 33.78
CA MET D 211 -10.17 9.92 34.96
C MET D 211 -8.73 10.43 34.99
N GLN D 212 -8.11 10.63 33.83
CA GLN D 212 -6.78 11.24 33.83
C GLN D 212 -6.85 12.64 34.43
N GLU D 213 -7.92 13.37 34.13
CA GLU D 213 -8.06 14.73 34.66
C GLU D 213 -8.52 14.70 36.12
N MET D 214 -9.42 13.78 36.47
CA MET D 214 -9.85 13.67 37.86
C MET D 214 -8.69 13.31 38.78
N LEU D 215 -7.79 12.44 38.34
CA LEU D 215 -6.64 12.03 39.15
C LEU D 215 -5.44 12.94 38.97
N GLN D 216 -5.47 13.79 37.95
CA GLN D 216 -4.31 14.57 37.54
C GLN D 216 -3.10 13.69 37.24
N GLU D 217 -3.37 12.56 36.60
CA GLU D 217 -2.33 11.63 36.13
C GLU D 217 -2.49 11.45 34.63
N PRO D 218 -1.74 12.18 33.82
CA PRO D 218 -1.95 12.08 32.36
C PRO D 218 -1.70 10.69 31.81
N SER D 219 -0.86 9.91 32.48
CA SER D 219 -0.49 8.59 32.00
C SER D 219 -1.45 7.50 32.45
N PHE D 220 -2.43 7.83 33.29
CA PHE D 220 -3.40 6.83 33.74
C PHE D 220 -4.05 6.14 32.54
N SER D 221 -4.28 4.85 32.66
CA SER D 221 -4.82 4.06 31.55
C SER D 221 -5.72 2.97 32.09
N LEU D 222 -6.75 2.64 31.31
CA LEU D 222 -7.71 1.62 31.70
C LEU D 222 -7.14 0.24 31.40
N PRO D 223 -7.09 -0.68 32.38
CA PRO D 223 -6.69 -2.07 32.10
C PRO D 223 -7.75 -2.82 31.33
N TYR D 224 -7.47 -4.08 30.96
CA TYR D 224 -8.44 -4.93 30.28
C TYR D 224 -8.50 -6.27 30.99
N TRP D 225 -9.61 -6.98 30.72
CA TRP D 225 -9.92 -8.29 31.27
C TRP D 225 -9.94 -9.27 30.12
N ASN D 226 -8.93 -10.13 30.04
CA ASN D 226 -8.95 -11.24 29.09
C ASN D 226 -10.04 -12.21 29.46
N PHE D 227 -11.26 -12.01 28.95
CA PHE D 227 -12.35 -12.94 29.22
C PHE D 227 -12.32 -14.15 28.30
N ALA D 228 -11.35 -14.25 27.40
CA ALA D 228 -11.23 -15.41 26.50
C ALA D 228 -10.29 -16.46 27.10
N THR D 229 -10.74 -17.03 28.21
CA THR D 229 -10.03 -18.11 28.87
C THR D 229 -10.88 -19.37 28.97
N GLY D 230 -12.12 -19.33 28.48
CA GLY D 230 -13.02 -20.46 28.60
C GLY D 230 -13.31 -20.89 30.01
N LYS D 231 -13.11 -20.00 30.99
CA LYS D 231 -13.20 -20.41 32.37
C LYS D 231 -14.64 -20.47 32.85
N ASN D 232 -14.82 -21.26 33.91
CA ASN D 232 -16.08 -21.41 34.62
C ASN D 232 -16.33 -20.24 35.58
N VAL D 233 -15.29 -19.48 35.91
CA VAL D 233 -15.34 -18.46 36.96
C VAL D 233 -14.81 -17.14 36.43
N CYS D 234 -15.26 -16.05 37.06
CA CYS D 234 -14.73 -14.72 36.79
C CYS D 234 -13.44 -14.53 37.59
N ASP D 235 -12.28 -14.57 36.91
CA ASP D 235 -10.98 -14.46 37.56
C ASP D 235 -10.58 -13.03 37.94
N ILE D 236 -11.43 -12.05 37.70
CA ILE D 236 -11.23 -10.72 38.24
C ILE D 236 -12.31 -10.38 39.25
N CYS D 237 -13.03 -11.40 39.75
CA CYS D 237 -13.99 -11.19 40.81
C CYS D 237 -13.35 -11.58 42.15
N THR D 238 -12.38 -10.77 42.54
CA THR D 238 -11.76 -10.88 43.87
C THR D 238 -11.83 -9.54 44.55
N ASP D 239 -11.63 -9.55 45.86
CA ASP D 239 -11.91 -8.34 46.62
C ASP D 239 -10.80 -7.32 46.53
N ASP D 240 -9.66 -7.70 45.98
CA ASP D 240 -8.67 -6.71 45.59
C ASP D 240 -8.89 -6.17 44.17
N LEU D 241 -9.92 -6.67 43.44
CA LEU D 241 -10.21 -6.27 42.05
C LEU D 241 -11.66 -6.58 41.72
N MET D 242 -12.54 -5.60 41.76
CA MET D 242 -13.88 -5.76 41.15
C MET D 242 -14.84 -6.58 42.00
N GLY D 243 -14.39 -7.25 43.05
CA GLY D 243 -15.30 -7.82 44.02
C GLY D 243 -15.69 -9.27 43.79
N SER D 244 -15.64 -10.09 44.85
CA SER D 244 -16.10 -11.46 44.72
C SER D 244 -17.57 -11.54 45.16
N ARG D 245 -18.10 -12.77 45.09
CA ARG D 245 -19.50 -13.02 45.41
C ARG D 245 -19.76 -12.72 46.88
N SER D 246 -20.90 -12.11 47.15
CA SER D 246 -21.29 -11.88 48.53
C SER D 246 -21.66 -13.21 49.17
N ASN D 247 -21.21 -13.42 50.42
CA ASN D 247 -21.57 -14.62 51.17
C ASN D 247 -22.97 -14.54 51.78
N PHE D 248 -23.62 -13.38 51.74
CA PHE D 248 -24.99 -13.23 52.24
C PHE D 248 -26.03 -13.18 51.14
N ASP D 249 -25.63 -13.05 49.88
CA ASP D 249 -26.56 -13.05 48.75
C ASP D 249 -25.71 -13.36 47.52
N SER D 250 -25.94 -14.52 46.91
CA SER D 250 -25.08 -14.97 45.83
C SER D 250 -25.17 -14.09 44.58
N THR D 251 -26.08 -13.11 44.55
CA THR D 251 -26.21 -12.19 43.42
C THR D 251 -25.75 -10.77 43.76
N LEU D 252 -25.12 -10.58 44.92
CA LEU D 252 -24.56 -9.31 45.33
C LEU D 252 -23.05 -9.40 45.34
N ILE D 253 -22.40 -8.24 45.35
CA ILE D 253 -20.95 -8.19 45.44
C ILE D 253 -20.57 -8.19 46.91
N SER D 254 -19.41 -8.78 47.20
CA SER D 254 -18.91 -8.90 48.57
C SER D 254 -18.83 -7.54 49.25
N PRO D 255 -19.37 -7.40 50.46
CA PRO D 255 -19.24 -6.14 51.21
C PRO D 255 -17.79 -5.76 51.56
N ASN D 256 -16.82 -6.66 51.35
CA ASN D 256 -15.43 -6.27 51.49
C ASN D 256 -14.87 -5.57 50.23
N SER D 257 -15.72 -5.29 49.22
CA SER D 257 -15.34 -4.52 48.04
C SER D 257 -16.12 -3.23 47.97
N VAL D 258 -15.46 -2.16 47.52
CA VAL D 258 -16.14 -0.88 47.39
C VAL D 258 -17.28 -0.98 46.40
N PHE D 259 -17.20 -1.89 45.44
CA PHE D 259 -18.26 -1.99 44.44
C PHE D 259 -19.57 -2.52 45.02
N SER D 260 -19.53 -3.13 46.23
CA SER D 260 -20.79 -3.44 46.91
C SER D 260 -21.55 -2.19 47.34
N GLN D 261 -20.87 -1.08 47.48
CA GLN D 261 -21.53 0.15 47.89
C GLN D 261 -22.13 0.94 46.75
N TRP D 262 -21.82 0.57 45.50
CA TRP D 262 -22.30 1.32 44.34
C TRP D 262 -23.81 1.19 44.23
N ARG D 263 -24.47 2.26 43.79
CA ARG D 263 -25.88 2.21 43.49
C ARG D 263 -26.11 2.66 42.06
N VAL D 264 -26.96 1.94 41.32
CA VAL D 264 -27.04 2.08 39.87
C VAL D 264 -27.94 3.23 39.46
N VAL D 265 -27.66 3.76 38.27
CA VAL D 265 -28.55 4.69 37.59
C VAL D 265 -29.19 3.96 36.40
N CYS D 266 -30.35 4.48 35.98
CA CYS D 266 -31.05 4.13 34.75
C CYS D 266 -31.81 2.83 34.84
N ASP D 267 -32.25 2.44 36.02
CA ASP D 267 -32.94 1.18 36.18
C ASP D 267 -34.46 1.31 36.18
N SER D 268 -35.00 2.50 35.90
CA SER D 268 -36.45 2.70 35.87
C SER D 268 -36.97 2.81 34.45
N LEU D 269 -36.80 1.73 33.67
CA LEU D 269 -37.22 1.76 32.27
C LEU D 269 -38.72 2.00 32.13
N GLU D 270 -39.52 1.38 32.98
CA GLU D 270 -40.96 1.55 32.81
C GLU D 270 -41.39 2.98 33.06
N ASP D 271 -40.66 3.71 33.91
CA ASP D 271 -40.97 5.12 34.11
C ASP D 271 -40.53 5.97 32.91
N TYR D 272 -39.36 5.68 32.34
CA TYR D 272 -38.93 6.42 31.16
C TYR D 272 -39.81 6.07 29.96
N ASP D 273 -40.09 4.77 29.77
CA ASP D 273 -40.83 4.27 28.61
C ASP D 273 -42.33 4.49 28.68
N THR D 274 -42.86 5.08 29.75
CA THR D 274 -44.29 5.38 29.84
C THR D 274 -44.59 6.84 30.14
N LEU D 275 -43.65 7.59 30.71
CA LEU D 275 -43.87 9.01 30.92
C LEU D 275 -43.08 9.86 29.93
N GLY D 276 -42.19 9.26 29.14
CA GLY D 276 -41.39 10.01 28.21
C GLY D 276 -40.25 10.78 28.84
N THR D 277 -39.84 10.39 30.04
CA THR D 277 -38.69 10.98 30.71
C THR D 277 -37.41 10.22 30.33
N LEU D 278 -36.30 10.68 30.87
CA LEU D 278 -34.99 10.08 30.65
C LEU D 278 -34.40 9.69 31.99
N CYS D 279 -33.47 8.74 31.96
CA CYS D 279 -32.74 8.37 33.16
C CYS D 279 -32.09 9.61 33.77
N ASN D 280 -32.23 9.77 35.09
CA ASN D 280 -31.63 10.92 35.72
C ASN D 280 -30.47 10.46 36.60
N SER D 281 -29.96 11.37 37.42
CA SER D 281 -28.79 11.08 38.24
C SER D 281 -29.15 10.42 39.58
N THR D 282 -30.43 10.24 39.89
CA THR D 282 -30.76 9.61 41.17
C THR D 282 -30.43 8.13 41.11
N GLU D 283 -29.62 7.65 42.04
CA GLU D 283 -29.23 6.25 42.07
C GLU D 283 -30.27 5.45 42.85
N ASP D 284 -30.27 4.13 42.61
CA ASP D 284 -31.27 3.28 43.23
C ASP D 284 -30.65 2.05 43.89
N GLY D 285 -30.77 0.88 43.26
CA GLY D 285 -30.37 -0.35 43.88
C GLY D 285 -28.91 -0.69 43.69
N PRO D 286 -28.49 -1.86 44.17
CA PRO D 286 -27.10 -2.27 44.07
C PRO D 286 -26.79 -3.04 42.80
N ILE D 287 -25.50 -3.14 42.51
CA ILE D 287 -25.07 -4.01 41.43
C ILE D 287 -25.47 -5.45 41.73
N ARG D 288 -26.07 -6.10 40.74
CA ARG D 288 -26.31 -7.54 40.75
C ARG D 288 -25.25 -8.23 39.89
N ARG D 289 -24.60 -9.25 40.43
CA ARG D 289 -23.65 -10.03 39.66
C ARG D 289 -23.65 -11.46 40.17
N ASN D 290 -23.67 -12.41 39.23
CA ASN D 290 -23.75 -13.83 39.56
C ASN D 290 -23.01 -14.62 38.49
N PRO D 291 -21.69 -14.50 38.46
CA PRO D 291 -20.92 -15.14 37.38
C PRO D 291 -21.21 -16.62 37.23
N ALA D 292 -21.49 -17.04 36.00
CA ALA D 292 -21.84 -18.42 35.63
C ALA D 292 -23.15 -18.87 36.29
N GLY D 293 -24.01 -17.93 36.66
CA GLY D 293 -25.20 -18.24 37.42
C GLY D 293 -26.47 -18.49 36.64
N ASN D 294 -26.42 -18.51 35.30
CA ASN D 294 -27.64 -18.68 34.51
C ASN D 294 -27.83 -20.17 34.22
N VAL D 295 -28.39 -20.86 35.23
CA VAL D 295 -28.57 -22.31 35.14
C VAL D 295 -29.62 -22.67 34.09
N ALA D 296 -30.60 -21.80 33.88
CA ALA D 296 -31.64 -21.97 32.88
C ALA D 296 -31.13 -21.85 31.45
N ARG D 297 -29.83 -21.60 31.27
CA ARG D 297 -29.25 -21.30 29.96
C ARG D 297 -27.76 -21.64 29.97
N PRO D 298 -27.42 -22.94 29.98
CA PRO D 298 -26.00 -23.34 30.16
C PRO D 298 -25.03 -22.77 29.13
N MET D 299 -25.50 -22.26 27.98
CA MET D 299 -24.55 -21.75 26.99
C MET D 299 -23.78 -20.54 27.52
N VAL D 300 -24.42 -19.69 28.32
CA VAL D 300 -23.79 -18.51 28.91
C VAL D 300 -23.21 -18.80 30.29
N GLN D 301 -22.96 -20.07 30.63
CA GLN D 301 -22.34 -20.41 31.90
C GLN D 301 -20.86 -20.71 31.77
N ARG D 302 -20.29 -20.45 30.60
CA ARG D 302 -18.86 -20.57 30.38
C ARG D 302 -18.44 -19.44 29.46
N LEU D 303 -17.22 -18.95 29.65
CA LEU D 303 -16.72 -17.79 28.95
C LEU D 303 -16.15 -18.20 27.59
N PRO D 304 -15.97 -17.23 26.69
CA PRO D 304 -15.40 -17.54 25.36
C PRO D 304 -14.08 -18.28 25.46
N GLU D 305 -13.85 -19.18 24.49
CA GLU D 305 -12.63 -19.97 24.42
C GLU D 305 -11.49 -19.13 23.83
N PRO D 306 -10.24 -19.36 24.25
CA PRO D 306 -9.12 -18.57 23.67
C PRO D 306 -9.04 -18.64 22.14
N GLN D 307 -9.53 -19.73 21.53
CA GLN D 307 -9.55 -19.87 20.08
C GLN D 307 -10.68 -19.09 19.41
N ASP D 308 -11.71 -18.71 20.17
CA ASP D 308 -12.73 -17.84 19.62
C ASP D 308 -12.15 -16.50 19.21
N VAL D 309 -11.05 -16.07 19.84
CA VAL D 309 -10.47 -14.80 19.46
C VAL D 309 -9.59 -14.97 18.23
N ALA D 310 -8.82 -16.07 18.17
CA ALA D 310 -7.98 -16.30 17.01
C ALA D 310 -8.83 -16.39 15.74
N GLN D 311 -9.99 -17.05 15.83
CA GLN D 311 -10.83 -17.26 14.66
C GLN D 311 -11.55 -16.00 14.24
N CYS D 312 -12.02 -15.21 15.20
CA CYS D 312 -12.75 -14.01 14.81
C CYS D 312 -11.83 -13.02 14.13
N LEU D 313 -10.53 -13.06 14.44
CA LEU D 313 -9.57 -12.21 13.76
C LEU D 313 -9.27 -12.69 12.35
N GLU D 314 -9.90 -13.78 11.90
CA GLU D 314 -9.77 -14.31 10.55
C GLU D 314 -10.91 -13.87 9.63
N VAL D 315 -11.96 -13.27 10.19
CA VAL D 315 -13.06 -12.73 9.40
C VAL D 315 -12.61 -11.39 8.79
N GLY D 316 -12.34 -11.39 7.49
CA GLY D 316 -11.64 -10.30 6.84
C GLY D 316 -12.50 -9.10 6.49
N LEU D 317 -13.82 -9.26 6.40
CA LEU D 317 -14.72 -8.15 6.12
C LEU D 317 -15.15 -7.52 7.44
N PHE D 318 -14.94 -6.20 7.58
CA PHE D 318 -15.36 -5.57 8.83
C PHE D 318 -16.83 -5.83 9.09
N ASP D 319 -17.68 -5.55 8.11
CA ASP D 319 -19.11 -5.77 8.25
C ASP D 319 -19.70 -6.11 6.89
N THR D 320 -20.88 -6.72 6.93
CA THR D 320 -21.58 -7.23 5.76
C THR D 320 -23.05 -6.85 5.88
N PRO D 321 -23.75 -6.68 4.75
CA PRO D 321 -25.21 -6.44 4.79
C PRO D 321 -25.96 -7.60 5.44
N PRO D 322 -27.09 -7.30 6.10
CA PRO D 322 -27.68 -5.96 6.19
C PRO D 322 -27.15 -5.09 7.34
N PHE D 323 -25.93 -5.37 7.81
CA PHE D 323 -25.28 -4.53 8.83
C PHE D 323 -26.07 -4.54 10.13
N TYR D 324 -26.33 -5.73 10.64
CA TYR D 324 -27.23 -5.93 11.77
C TYR D 324 -26.77 -7.13 12.58
N SER D 325 -27.57 -7.48 13.59
CA SER D 325 -27.21 -8.58 14.46
C SER D 325 -27.40 -9.94 13.81
N ASN D 326 -27.93 -10.01 12.58
CA ASN D 326 -27.98 -11.28 11.86
C ASN D 326 -27.05 -11.29 10.63
N SER D 327 -26.06 -10.40 10.58
CA SER D 327 -25.07 -10.44 9.51
C SER D 327 -24.24 -11.72 9.59
N THR D 328 -23.75 -12.16 8.43
CA THR D 328 -22.86 -13.31 8.32
C THR D 328 -21.53 -12.86 7.73
N ASN D 329 -20.45 -13.51 8.18
CA ASN D 329 -19.08 -13.21 7.76
C ASN D 329 -18.67 -11.77 8.07
N SER D 330 -19.30 -11.18 9.10
CA SER D 330 -19.03 -9.83 9.57
C SER D 330 -18.13 -9.90 10.80
N PHE D 331 -16.93 -9.31 10.71
CA PHE D 331 -16.07 -9.22 11.89
C PHE D 331 -16.78 -8.48 13.02
N ARG D 332 -17.40 -7.35 12.69
CA ARG D 332 -18.16 -6.57 13.67
C ARG D 332 -19.18 -7.44 14.40
N ASN D 333 -19.98 -8.22 13.64
CA ASN D 333 -21.01 -9.03 14.28
C ASN D 333 -20.43 -10.23 15.00
N THR D 334 -19.28 -10.72 14.56
CA THR D 334 -18.65 -11.85 15.22
C THR D 334 -18.10 -11.44 16.59
N VAL D 335 -17.31 -10.36 16.63
CA VAL D 335 -16.75 -9.94 17.90
C VAL D 335 -17.82 -9.34 18.81
N GLU D 336 -18.87 -8.70 18.25
CA GLU D 336 -20.00 -8.33 19.10
C GLU D 336 -20.58 -9.56 19.77
N GLY D 337 -20.68 -10.66 19.05
CA GLY D 337 -21.02 -11.95 19.62
C GLY D 337 -22.30 -12.58 19.10
N PHE D 338 -23.01 -11.96 18.15
CA PHE D 338 -24.22 -12.54 17.58
C PHE D 338 -23.93 -13.64 16.57
N SER D 339 -22.73 -13.69 16.01
CA SER D 339 -22.30 -14.79 15.15
C SER D 339 -21.24 -15.60 15.90
N ASP D 340 -21.07 -16.85 15.48
CA ASP D 340 -20.08 -17.69 16.11
C ASP D 340 -18.68 -17.24 15.69
N PRO D 341 -17.64 -17.65 16.45
CA PRO D 341 -16.26 -17.20 16.19
C PRO D 341 -15.74 -17.23 14.76
N THR D 342 -16.37 -18.00 13.87
CA THR D 342 -15.90 -18.11 12.49
C THR D 342 -16.68 -17.22 11.54
N GLY D 343 -17.75 -16.60 12.01
CA GLY D 343 -18.51 -15.68 11.19
C GLY D 343 -19.89 -16.15 10.80
N LYS D 344 -20.29 -17.39 11.12
CA LYS D 344 -21.62 -17.82 10.72
C LYS D 344 -22.62 -17.38 11.77
N TYR D 345 -23.64 -16.64 11.33
CA TYR D 345 -24.75 -16.29 12.19
C TYR D 345 -25.52 -17.53 12.62
N ASP D 346 -26.00 -17.53 13.86
CA ASP D 346 -26.89 -18.54 14.41
C ASP D 346 -27.72 -17.86 15.50
N PRO D 347 -29.03 -17.70 15.32
CA PRO D 347 -29.82 -16.91 16.27
C PRO D 347 -29.83 -17.47 17.68
N ALA D 348 -29.31 -18.68 17.87
CA ALA D 348 -29.29 -19.30 19.19
C ALA D 348 -27.93 -19.24 19.87
N VAL D 349 -26.89 -18.77 19.20
CA VAL D 349 -25.56 -18.77 19.80
C VAL D 349 -25.22 -17.35 20.25
N SER D 350 -24.66 -17.25 21.46
CA SER D 350 -24.10 -16.04 22.02
C SER D 350 -22.61 -16.28 22.20
N SER D 351 -21.79 -15.36 21.71
CA SER D 351 -20.35 -15.58 21.77
C SER D 351 -19.63 -14.29 22.16
N LEU D 352 -18.32 -14.44 22.38
CA LEU D 352 -17.38 -13.36 22.64
C LEU D 352 -17.98 -12.27 23.53
N HIS D 353 -17.95 -11.02 23.04
CA HIS D 353 -18.37 -9.88 23.85
C HIS D 353 -19.73 -10.09 24.50
N ASN D 354 -20.74 -10.48 23.71
CA ASN D 354 -22.08 -10.71 24.25
C ASN D 354 -22.06 -11.83 25.30
N LEU D 355 -21.24 -12.86 25.08
CA LEU D 355 -21.16 -13.98 26.01
C LEU D 355 -20.52 -13.55 27.32
N ALA D 356 -19.48 -12.72 27.25
CA ALA D 356 -18.88 -12.19 28.46
C ALA D 356 -19.91 -11.39 29.26
N HIS D 357 -20.73 -10.58 28.59
CA HIS D 357 -21.83 -9.89 29.28
C HIS D 357 -22.78 -10.88 29.94
N LEU D 358 -23.25 -11.88 29.19
CA LEU D 358 -24.31 -12.76 29.68
C LEU D 358 -23.78 -13.72 30.73
N PHE D 359 -22.48 -14.02 30.66
CA PHE D 359 -21.85 -14.85 31.69
C PHE D 359 -22.01 -14.26 33.07
N LEU D 360 -22.14 -12.93 33.17
CA LEU D 360 -22.26 -12.27 34.47
C LEU D 360 -23.62 -12.52 35.12
N ASN D 361 -24.68 -12.78 34.33
CA ASN D 361 -26.03 -13.08 34.83
C ASN D 361 -26.43 -12.08 35.92
N GLY D 362 -26.58 -10.84 35.48
CA GLY D 362 -26.89 -9.75 36.39
C GLY D 362 -26.94 -8.41 35.71
N THR D 363 -26.59 -7.35 36.46
CA THR D 363 -26.57 -6.00 35.91
C THR D 363 -25.75 -5.92 34.64
N GLY D 364 -24.56 -6.55 34.64
CA GLY D 364 -23.69 -6.55 33.49
C GLY D 364 -24.24 -7.28 32.29
N GLY D 365 -25.40 -7.88 32.41
CA GLY D 365 -25.97 -8.57 31.28
C GLY D 365 -27.08 -7.84 30.60
N GLN D 366 -27.41 -6.62 31.02
CA GLN D 366 -28.54 -5.88 30.47
C GLN D 366 -28.06 -4.61 29.78
N VAL D 367 -28.41 -4.45 28.50
CA VAL D 367 -27.75 -3.46 27.65
C VAL D 367 -27.95 -2.05 28.20
N HIS D 368 -29.15 -1.73 28.71
CA HIS D 368 -29.37 -0.38 29.20
C HIS D 368 -28.66 -0.12 30.52
N LEU D 369 -28.20 -1.17 31.21
CA LEU D 369 -27.65 -1.06 32.56
C LEU D 369 -26.20 -1.51 32.69
N SER D 370 -25.65 -2.17 31.67
CA SER D 370 -24.44 -2.95 31.90
C SER D 370 -23.22 -2.13 32.33
N PRO D 371 -23.03 -0.86 31.94
CA PRO D 371 -21.90 -0.11 32.52
C PRO D 371 -21.99 0.10 34.03
N ASN D 372 -23.16 -0.07 34.65
CA ASN D 372 -23.23 0.10 36.10
C ASN D 372 -22.26 -0.83 36.81
N ASP D 373 -22.07 -2.02 36.25
CA ASP D 373 -21.11 -2.97 36.77
C ASP D 373 -19.77 -2.65 36.17
N PRO D 374 -18.76 -2.28 36.98
CA PRO D 374 -17.52 -1.72 36.41
C PRO D 374 -16.68 -2.74 35.65
N ILE D 375 -17.03 -4.03 35.70
CA ILE D 375 -16.42 -5.00 34.80
C ILE D 375 -16.61 -4.58 33.35
N PHE D 376 -17.70 -3.88 33.06
CA PHE D 376 -17.95 -3.38 31.72
C PHE D 376 -16.73 -2.70 31.13
N VAL D 377 -16.04 -1.88 31.95
CA VAL D 377 -14.88 -1.14 31.45
C VAL D 377 -13.84 -2.13 30.94
N LEU D 378 -13.59 -3.17 31.71
CA LEU D 378 -12.54 -4.10 31.37
C LEU D 378 -12.98 -5.03 30.26
N LEU D 379 -14.26 -5.37 30.21
CA LEU D 379 -14.77 -6.19 29.12
C LEU D 379 -14.61 -5.46 27.79
N HIS D 380 -14.70 -4.14 27.79
CA HIS D 380 -14.72 -3.42 26.54
C HIS D 380 -13.34 -2.98 26.07
N THR D 381 -12.41 -2.69 26.99
CA THR D 381 -11.03 -2.46 26.59
C THR D 381 -10.45 -3.72 25.94
N PHE D 382 -10.80 -4.91 26.47
CA PHE D 382 -10.41 -6.14 25.79
C PHE D 382 -11.04 -6.24 24.41
N THR D 383 -12.35 -5.97 24.31
CA THR D 383 -13.03 -5.90 23.03
C THR D 383 -12.36 -4.88 22.12
N ASP D 384 -12.02 -3.71 22.67
CA ASP D 384 -11.30 -2.72 21.89
C ASP D 384 -9.92 -3.21 21.47
N ALA D 385 -9.26 -4.04 22.28
CA ALA D 385 -7.98 -4.58 21.86
C ALA D 385 -8.13 -5.51 20.66
N VAL D 386 -9.23 -6.27 20.60
CA VAL D 386 -9.48 -7.13 19.44
C VAL D 386 -9.73 -6.27 18.22
N PHE D 387 -10.57 -5.24 18.37
CA PHE D 387 -10.76 -4.26 17.31
C PHE D 387 -9.43 -3.74 16.79
N ASP D 388 -8.55 -3.33 17.70
CA ASP D 388 -7.29 -2.71 17.28
C ASP D 388 -6.40 -3.70 16.52
N GLU D 389 -6.31 -4.94 17.01
CA GLU D 389 -5.57 -5.97 16.29
C GLU D 389 -6.16 -6.20 14.90
N TRP D 390 -7.48 -6.14 14.76
CA TRP D 390 -8.09 -6.25 13.44
C TRP D 390 -7.64 -5.10 12.55
N LEU D 391 -7.70 -3.87 13.06
CA LEU D 391 -7.28 -2.72 12.26
C LEU D 391 -5.81 -2.81 11.87
N ARG D 392 -4.96 -3.31 12.76
CA ARG D 392 -3.56 -3.52 12.40
C ARG D 392 -3.44 -4.55 11.28
N ARG D 393 -4.14 -5.68 11.43
CA ARG D 393 -3.99 -6.82 10.54
C ARG D 393 -4.62 -6.59 9.16
N TYR D 394 -5.72 -5.85 9.08
CA TYR D 394 -6.38 -5.57 7.81
C TYR D 394 -6.21 -4.12 7.38
N ASN D 395 -5.19 -3.45 7.92
CA ASN D 395 -4.75 -2.15 7.43
C ASN D 395 -5.89 -1.12 7.48
N ALA D 396 -6.67 -1.15 8.57
CA ALA D 396 -7.70 -0.14 8.80
C ALA D 396 -8.61 0.04 7.58
N ASP D 397 -8.97 -1.09 6.96
CA ASP D 397 -9.85 -1.12 5.78
C ASP D 397 -11.28 -0.77 6.19
N ILE D 398 -11.72 0.44 5.86
CA ILE D 398 -13.04 0.93 6.23
C ILE D 398 -14.07 0.71 5.12
N SER D 399 -13.71 -0.05 4.07
CA SER D 399 -14.53 -0.07 2.86
C SER D 399 -15.85 -0.79 3.04
N THR D 400 -15.93 -1.76 3.96
CA THR D 400 -17.22 -2.38 4.21
C THR D 400 -18.04 -1.64 5.25
N PHE D 401 -17.51 -0.56 5.83
CA PHE D 401 -18.29 0.23 6.77
C PHE D 401 -19.21 1.14 5.97
N PRO D 402 -20.50 0.86 5.94
CA PRO D 402 -21.39 1.51 4.96
C PRO D 402 -21.63 2.98 5.27
N LEU D 403 -21.66 3.80 4.20
CA LEU D 403 -22.03 5.20 4.31
C LEU D 403 -23.53 5.41 4.41
N GLU D 404 -24.33 4.41 4.04
CA GLU D 404 -25.78 4.52 4.06
C GLU D 404 -26.39 3.13 4.13
N ASN D 405 -27.64 3.07 4.62
CA ASN D 405 -28.49 1.89 4.78
C ASN D 405 -28.23 1.11 6.06
N ALA D 406 -27.23 1.48 6.88
CA ALA D 406 -27.05 0.83 8.16
C ALA D 406 -28.18 1.27 9.10
N PRO D 407 -28.44 0.51 10.17
CA PRO D 407 -29.45 0.94 11.14
C PRO D 407 -29.18 2.35 11.62
N ILE D 408 -30.23 3.09 11.96
CA ILE D 408 -30.06 4.49 12.28
C ILE D 408 -29.05 4.59 13.44
N GLY D 409 -28.06 5.47 13.26
CA GLY D 409 -26.95 5.61 14.18
C GLY D 409 -25.65 4.98 13.70
N HIS D 410 -25.69 4.08 12.72
CA HIS D 410 -24.53 3.30 12.33
C HIS D 410 -23.98 3.61 10.94
N ASN D 411 -24.53 4.58 10.22
CA ASN D 411 -23.85 5.04 9.01
C ASN D 411 -22.50 5.61 9.39
N ARG D 412 -21.53 5.40 8.49
CA ARG D 412 -20.13 5.71 8.79
C ARG D 412 -19.95 7.15 9.25
N GLN D 413 -20.71 8.08 8.69
CA GLN D 413 -20.58 9.49 9.02
C GLN D 413 -21.57 9.97 10.07
N TYR D 414 -22.37 9.06 10.65
CA TYR D 414 -23.18 9.38 11.83
C TYR D 414 -22.31 9.89 12.99
N ASN D 415 -22.73 10.99 13.61
CA ASN D 415 -22.12 11.41 14.87
C ASN D 415 -22.59 10.51 15.99
N MET D 416 -21.66 9.81 16.66
CA MET D 416 -22.03 8.79 17.63
C MET D 416 -22.79 9.39 18.82
N VAL D 417 -23.97 8.85 19.06
CA VAL D 417 -24.94 9.32 20.05
C VAL D 417 -24.66 8.79 21.47
N PRO D 418 -24.60 9.69 22.45
CA PRO D 418 -24.76 11.14 22.40
C PRO D 418 -23.48 11.95 22.63
N PHE D 419 -22.42 11.65 21.92
CA PHE D 419 -21.15 12.21 22.30
C PHE D 419 -21.05 13.68 21.86
N TRP D 420 -20.25 14.43 22.60
CA TRP D 420 -20.12 15.86 22.35
C TRP D 420 -18.72 16.36 22.71
N PRO D 421 -18.09 17.17 21.84
CA PRO D 421 -18.61 17.62 20.54
C PRO D 421 -18.71 16.48 19.51
N PRO D 422 -19.48 16.67 18.43
CA PRO D 422 -19.77 15.55 17.53
C PRO D 422 -18.52 14.82 17.05
N VAL D 423 -18.61 13.51 16.99
CA VAL D 423 -17.52 12.62 16.59
C VAL D 423 -18.12 11.48 15.78
N THR D 424 -17.66 11.33 14.54
CA THR D 424 -18.20 10.31 13.64
C THR D 424 -17.58 8.96 13.95
N ASN D 425 -18.16 7.91 13.38
CA ASN D 425 -17.55 6.60 13.50
C ASN D 425 -16.19 6.57 12.79
N THR D 426 -16.09 7.26 11.65
CA THR D 426 -14.83 7.32 10.89
C THR D 426 -13.63 7.74 11.75
N GLU D 427 -13.82 8.71 12.63
CA GLU D 427 -12.70 9.17 13.46
C GLU D 427 -12.18 8.09 14.39
N MET D 428 -12.98 7.06 14.70
CA MET D 428 -12.54 6.01 15.59
C MET D 428 -12.01 4.80 14.85
N PHE D 429 -12.19 4.76 13.52
CA PHE D 429 -11.74 3.65 12.69
C PHE D 429 -10.28 3.85 12.28
N VAL D 430 -9.39 3.84 13.29
CA VAL D 430 -7.96 4.09 13.11
C VAL D 430 -7.19 3.22 14.10
N THR D 431 -5.96 2.86 13.74
CA THR D 431 -5.14 2.13 14.68
C THR D 431 -4.79 3.02 15.87
N ALA D 432 -5.02 2.50 17.08
CA ALA D 432 -4.85 3.30 18.29
C ALA D 432 -3.43 3.84 18.49
N PRO D 433 -2.36 3.03 18.39
CA PRO D 433 -1.04 3.51 18.86
C PRO D 433 -0.57 4.77 18.17
N ASP D 434 -0.77 4.87 16.86
CA ASP D 434 -0.30 5.99 16.06
C ASP D 434 -1.38 7.03 15.78
N ASN D 435 -2.61 6.84 16.27
CA ASN D 435 -3.66 7.82 16.02
C ASN D 435 -4.38 8.26 17.27
N LEU D 436 -4.47 7.41 18.27
CA LEU D 436 -5.27 7.68 19.45
C LEU D 436 -4.46 7.78 20.73
N GLY D 437 -3.14 7.62 20.65
CA GLY D 437 -2.30 7.79 21.81
C GLY D 437 -2.37 6.67 22.81
N TYR D 438 -2.80 5.47 22.41
CA TYR D 438 -2.75 4.34 23.33
C TYR D 438 -2.48 3.06 22.55
N THR D 439 -1.96 2.07 23.28
CA THR D 439 -1.72 0.76 22.72
C THR D 439 -2.02 -0.27 23.81
N TYR D 440 -2.18 -1.52 23.39
CA TYR D 440 -2.45 -2.64 24.30
C TYR D 440 -1.19 -3.48 24.49
N GLU D 441 -0.84 -3.74 25.74
CA GLU D 441 0.16 -4.74 26.06
C GLU D 441 -0.55 -6.08 26.11
N ILE D 442 -0.50 -6.82 25.00
CA ILE D 442 -1.30 -8.02 24.86
C ILE D 442 -0.61 -8.94 23.86
N GLN D 443 -0.87 -10.24 23.99
CA GLN D 443 -0.41 -11.23 23.03
C GLN D 443 -1.59 -12.06 22.57
N TRP D 444 -1.64 -12.33 21.27
CA TRP D 444 -2.79 -13.01 20.71
C TRP D 444 -2.50 -14.48 20.46
N PRO D 445 -3.48 -15.36 20.65
CA PRO D 445 -3.24 -16.80 20.42
C PRO D 445 -3.05 -17.12 18.94
N SER D 446 -2.14 -18.07 18.68
CA SER D 446 -1.86 -18.57 17.33
C SER D 446 -0.93 -19.76 17.40
C1 NAG E . 13.28 6.24 -18.02
C2 NAG E . 12.62 4.86 -18.10
C3 NAG E . 13.33 4.00 -19.13
C4 NAG E . 13.34 4.71 -20.48
C5 NAG E . 13.94 6.11 -20.34
C6 NAG E . 13.77 6.94 -21.59
C7 NAG E . 11.59 4.23 -15.93
C8 NAG E . 10.35 4.96 -16.39
N2 NAG E . 12.62 4.22 -16.79
O3 NAG E . 12.68 2.73 -19.22
O4 NAG E . 14.05 3.95 -21.46
O5 NAG E . 13.25 6.84 -19.32
O6 NAG E . 12.43 6.80 -22.05
O7 NAG E . 11.63 3.67 -14.84
C1 NAG E . 13.26 3.70 -22.66
C2 NAG E . 14.16 2.92 -23.64
C3 NAG E . 13.38 2.44 -24.89
C4 NAG E . 12.02 1.84 -24.53
C5 NAG E . 11.27 2.78 -23.60
C6 NAG E . 9.94 2.21 -23.15
C7 NAG E . 16.45 3.79 -23.41
C8 NAG E . 17.47 4.74 -23.96
N2 NAG E . 15.27 3.76 -24.04
O3 NAG E . 14.17 1.47 -25.56
O4 NAG E . 11.23 1.65 -25.70
O5 NAG E . 12.05 2.95 -22.41
O6 NAG E . 9.68 2.57 -21.81
O7 NAG E . 16.66 3.08 -22.43
C1 FUC E . 11.75 8.06 -22.21
C2 FUC E . 10.78 7.75 -23.35
C3 FUC E . 9.39 7.31 -22.81
C4 FUC E . 8.75 8.35 -21.87
C5 FUC E . 9.80 9.18 -21.11
C6 FUC E . 9.99 10.59 -21.77
O2 FUC E . 11.32 6.74 -24.20
O3 FUC E . 8.46 7.16 -23.91
O4 FUC E . 7.87 9.21 -22.61
O5 FUC E . 11.11 8.52 -21.01
C1 NAG F . 6.49 2.03 -4.86
C2 NAG F . 5.72 1.89 -6.16
C3 NAG F . 4.22 1.95 -5.90
C4 NAG F . 3.83 0.83 -4.94
C5 NAG F . 4.66 0.96 -3.64
C6 NAG F . 4.49 -0.19 -2.69
C7 NAG F . 6.93 2.64 -8.16
C8 NAG F . 7.38 1.22 -8.30
N2 NAG F . 6.13 2.92 -7.13
O3 NAG F . 3.52 1.82 -7.14
O4 NAG F . 2.42 0.87 -4.71
O5 NAG F . 6.06 1.01 -3.95
O6 NAG F . 4.64 -1.41 -3.41
O7 NAG F . 7.27 3.51 -8.95
C1 NAG F . 1.77 -0.44 -4.87
C2 NAG F . 0.32 -0.33 -4.34
C3 NAG F . -0.43 -1.67 -4.51
C4 NAG F . -0.31 -2.18 -5.94
C5 NAG F . 1.16 -2.26 -6.32
C6 NAG F . 1.40 -2.77 -7.73
C7 NAG F . 0.58 1.32 -2.55
C8 NAG F . 0.57 1.57 -1.07
N2 NAG F . 0.33 0.07 -2.94
O3 NAG F . -1.80 -1.50 -4.17
O4 NAG F . -0.95 -3.44 -6.08
O5 NAG F . 1.75 -0.95 -6.25
O6 NAG F . 2.65 -2.32 -8.23
O7 NAG F . 0.79 2.23 -3.36
C1 FUC F . 5.53 -2.38 -2.82
C2 FUC F . 4.97 -3.67 -3.37
C3 FUC F . 5.69 -4.05 -4.66
C4 FUC F . 7.16 -4.35 -4.40
C5 FUC F . 7.76 -3.37 -3.40
C6 FUC F . 8.08 -4.06 -2.05
O2 FUC F . 3.59 -3.54 -3.64
O3 FUC F . 5.11 -5.25 -5.16
O4 FUC F . 7.35 -5.71 -3.91
O5 FUC F . 6.92 -2.17 -3.15
C1 NAG G . 17.26 -22.37 9.52
C2 NAG G . 15.83 -22.87 9.56
C3 NAG G . 15.81 -24.36 9.88
C4 NAG G . 16.73 -25.13 8.94
C5 NAG G . 18.11 -24.49 8.89
C6 NAG G . 19.04 -25.08 7.85
C7 NAG G . 14.02 -21.34 10.24
C8 NAG G . 13.38 -20.61 11.38
N2 NAG G . 15.07 -22.12 10.53
O3 NAG G . 14.47 -24.84 9.71
O4 NAG G . 16.83 -26.48 9.40
O5 NAG G . 17.98 -23.11 8.55
O6 NAG G . 18.45 -25.07 6.56
O7 NAG G . 13.60 -21.23 9.09
C1 NAG G . 16.69 -27.45 8.34
C2 NAG G . 17.29 -28.75 8.90
C3 NAG G . 17.14 -29.88 7.90
C4 NAG G . 15.70 -30.00 7.40
C5 NAG G . 15.23 -28.64 6.90
C6 NAG G . 13.77 -28.66 6.46
C7 NAG G . 19.05 -28.23 10.51
C8 NAG G . 20.52 -28.03 10.73
N2 NAG G . 18.68 -28.57 9.27
O3 NAG G . 17.49 -31.10 8.55
O4 NAG G . 15.62 -30.95 6.35
O5 NAG G . 15.34 -27.67 7.95
O6 NAG G . 12.96 -27.97 7.39
O7 NAG G . 18.23 -28.08 11.43
C1 NAG H . 33.81 -17.13 -21.14
C2 NAG H . 33.87 -17.79 -22.50
C3 NAG H . 32.54 -17.65 -23.21
C4 NAG H . 31.40 -18.18 -22.35
C5 NAG H . 31.43 -17.54 -20.96
C6 NAG H . 30.42 -18.13 -19.99
C7 NAG H . 35.99 -17.91 -23.73
C8 NAG H . 36.10 -19.32 -23.24
N2 NAG H . 34.92 -17.23 -23.32
O3 NAG H . 32.59 -18.39 -24.42
O4 NAG H . 30.19 -17.82 -23.01
O5 NAG H . 32.73 -17.69 -20.36
O6 NAG H . 30.69 -19.47 -19.61
O7 NAG H . 36.84 -17.41 -24.45
C1 NAG H . 29.51 -18.96 -23.53
C2 NAG H . 28.16 -18.39 -23.90
C3 NAG H . 27.26 -19.48 -24.48
C4 NAG H . 27.99 -20.19 -25.63
C5 NAG H . 29.42 -20.59 -25.24
C6 NAG H . 30.23 -21.08 -26.40
C7 NAG H . 27.47 -16.42 -22.68
C8 NAG H . 26.84 -15.87 -21.44
N2 NAG H . 27.55 -17.75 -22.76
O3 NAG H . 26.08 -18.85 -24.97
O4 NAG H . 27.34 -21.40 -25.99
O5 NAG H . 30.12 -19.47 -24.68
O6 NAG H . 30.50 -20.05 -27.34
O7 NAG H . 27.89 -15.69 -23.57
C1 MAN H . 25.99 -21.42 -26.49
C2 MAN H . 25.95 -22.89 -27.00
C3 MAN H . 25.27 -23.01 -28.33
C4 MAN H . 24.00 -22.13 -28.37
C5 MAN H . 24.32 -20.64 -28.17
C6 MAN H . 23.20 -19.96 -27.36
O2 MAN H . 25.19 -23.70 -26.10
O3 MAN H . 24.93 -24.37 -28.57
O4 MAN H . 23.34 -22.29 -29.59
O5 MAN H . 25.63 -20.45 -27.50
O6 MAN H . 23.33 -18.60 -27.49
C1 MAN H . 26.08 -25.10 -29.10
C2 MAN H . 25.65 -25.53 -30.47
C3 MAN H . 24.33 -26.30 -30.28
C4 MAN H . 24.57 -27.54 -29.37
C5 MAN H . 25.23 -27.07 -28.05
C6 MAN H . 25.63 -28.21 -27.12
O2 MAN H . 26.61 -26.48 -30.99
O3 MAN H . 23.67 -26.65 -31.50
O4 MAN H . 23.33 -28.16 -29.09
O5 MAN H . 26.40 -26.23 -28.34
O6 MAN H . 25.08 -27.93 -25.81
C1 NAG I . -18.89 -1.12 -25.78
C2 NAG I . -19.95 -0.65 -26.78
C3 NAG I . -20.33 0.81 -26.53
C4 NAG I . -20.71 1.02 -25.07
C5 NAG I . -19.60 0.49 -24.15
C6 NAG I . -19.96 0.54 -22.69
C7 NAG I . -19.89 -1.81 -28.95
C8 NAG I . -20.94 -2.73 -28.40
N2 NAG I . -19.47 -0.83 -28.15
O3 NAG I . -21.42 1.15 -27.36
O4 NAG I . -20.93 2.41 -24.85
O5 NAG I . -19.35 -0.89 -24.46
O6 NAG I . -21.19 -0.13 -22.45
O7 NAG I . -19.46 -1.94 -30.09
C1 NAG I . -22.18 2.73 -24.17
C2 NAG I . -22.17 4.25 -23.90
C3 NAG I . -23.51 4.73 -23.33
C4 NAG I . -24.69 4.19 -24.12
C5 NAG I . -24.56 2.67 -24.23
C6 NAG I . -25.68 2.02 -25.00
C7 NAG I . -19.81 4.70 -23.38
C8 NAG I . -18.82 5.03 -22.29
N2 NAG I . -21.08 4.58 -22.99
O3 NAG I . -23.53 6.16 -23.38
O4 NAG I . -25.91 4.54 -23.49
O5 NAG I . -23.34 2.38 -24.93
O6 NAG I . -25.20 0.89 -25.72
O7 NAG I . -19.46 4.55 -24.54
C1 FUC I . -21.09 -1.09 -21.39
C2 FUC I . -22.48 -1.11 -20.75
C3 FUC I . -23.45 -1.89 -21.68
C4 FUC I . -23.05 -3.37 -21.76
C5 FUC I . -21.52 -3.59 -21.58
C6 FUC I . -21.18 -4.10 -20.17
O2 FUC I . -22.95 0.19 -20.49
O3 FUC I . -24.76 -1.88 -21.14
O4 FUC I . -23.75 -4.13 -20.75
O5 FUC I . -20.67 -2.40 -21.86
C1 NAG J . -10.66 -9.21 -1.57
C2 NAG J . -11.44 -7.87 -1.65
C3 NAG J . -10.47 -6.66 -1.49
C4 NAG J . -9.50 -6.87 -0.32
C5 NAG J . -8.84 -8.21 -0.54
C6 NAG J . -7.74 -8.57 0.43
C7 NAG J . -13.39 -8.20 -3.11
C8 NAG J . -13.96 -7.99 -4.50
N2 NAG J . -12.13 -7.77 -2.92
O3 NAG J . -11.21 -5.46 -1.35
O4 NAG J . -8.47 -5.87 -0.31
O5 NAG J . -9.84 -9.22 -0.44
O6 NAG J . -6.50 -8.21 -0.18
O7 NAG J . -14.04 -8.73 -2.22
C1 NAG J . -8.78 -4.60 0.31
C2 NAG J . -7.62 -4.09 1.22
C3 NAG J . -7.78 -2.59 1.58
C4 NAG J . -8.13 -1.75 0.36
C5 NAG J . -9.36 -2.33 -0.29
C6 NAG J . -9.79 -1.56 -1.53
C7 NAG J . -6.65 -5.82 2.69
C8 NAG J . -6.75 -6.51 4.02
N2 NAG J . -7.56 -4.87 2.45
O3 NAG J . -6.58 -2.12 2.19
O4 NAG J . -8.38 -0.39 0.74
O5 NAG J . -9.06 -3.66 -0.72
O6 NAG J . -11.00 -2.07 -2.07
O7 NAG J . -5.80 -6.12 1.86
C1 FUC J . -5.58 -9.26 -0.64
C2 FUC J . -4.98 -9.86 0.67
C3 FUC J . -5.53 -11.23 0.94
C4 FUC J . -4.99 -12.12 -0.13
C5 FUC J . -5.42 -11.59 -1.54
C6 FUC J . -4.26 -11.47 -2.54
O2 FUC J . -5.15 -9.02 1.81
O3 FUC J . -5.03 -11.67 2.18
O4 FUC J . -3.58 -12.14 -0.01
O5 FUC J . -6.16 -10.29 -1.50
C1 NAG K . -24.97 -16.15 -0.55
C2 NAG K . -25.80 -14.97 -0.06
C3 NAG K . -26.68 -15.39 1.12
C4 NAG K . -27.47 -16.64 0.77
C5 NAG K . -26.55 -17.73 0.21
C6 NAG K . -27.30 -18.93 -0.31
C7 NAG K . -24.85 -12.71 -0.38
C8 NAG K . -23.90 -11.68 0.17
N2 NAG K . -24.94 -13.85 0.32
O3 NAG K . -27.57 -14.33 1.46
O4 NAG K . -28.12 -17.11 1.95
O5 NAG K . -25.81 -17.21 -0.90
O6 NAG K . -28.23 -18.52 -1.31
O7 NAG K . -25.51 -12.51 -1.39
C1 NAG K . -29.53 -17.27 1.82
C2 NAG K . -29.98 -18.29 2.91
C3 NAG K . -31.51 -18.40 2.98
C4 NAG K . -32.17 -17.03 3.05
C5 NAG K . -31.67 -16.17 1.89
C6 NAG K . -32.26 -14.77 1.92
C7 NAG K . -28.52 -20.21 3.48
C8 NAG K . -28.04 -21.56 3.04
N2 NAG K . -29.40 -19.61 2.67
O3 NAG K . -31.84 -19.14 4.15
O4 NAG K . -33.58 -17.16 3.01
O5 NAG K . -30.25 -16.04 1.99
O6 NAG K . -31.32 -13.80 2.35
O7 NAG K . -28.10 -19.67 4.51
C1 NAG L . -33.05 -35.25 -28.95
C2 NAG L . -34.28 -35.78 -29.67
C3 NAG L . -35.06 -34.63 -30.28
C4 NAG L . -35.45 -33.63 -29.21
C5 NAG L . -34.21 -33.16 -28.43
C6 NAG L . -34.53 -32.30 -27.22
C7 NAG L . -34.37 -38.00 -30.73
C8 NAG L . -35.32 -38.40 -29.65
N2 NAG L . -33.92 -36.74 -30.69
O3 NAG L . -36.22 -35.19 -30.87
O4 NAG L . -36.05 -32.51 -29.86
O5 NAG L . -33.43 -34.27 -27.96
O6 NAG L . -35.02 -33.04 -26.11
O7 NAG L . -34.02 -38.77 -31.62
C1 NAG L . -37.33 -32.16 -29.33
C2 NAG L . -37.67 -30.78 -29.84
C3 NAG L . -39.06 -30.38 -29.41
C4 NAG L . -40.08 -31.42 -29.88
C5 NAG L . -39.65 -32.81 -29.42
C6 NAG L . -40.48 -33.91 -30.04
C7 NAG L . -35.69 -29.37 -30.20
C8 NAG L . -34.76 -28.36 -29.59
N2 NAG L . -36.68 -29.80 -29.41
O3 NAG L . -39.33 -29.10 -29.96
O4 NAG L . -41.36 -31.24 -29.32
O5 NAG L . -38.29 -33.07 -29.78
O6 NAG L . -40.34 -33.98 -31.46
O7 NAG L . -35.56 -29.76 -31.36
C1 MAN L . -42.13 -30.08 -29.67
C2 MAN L . -43.57 -30.53 -29.40
C3 MAN L . -44.35 -30.20 -30.62
C4 MAN L . -44.19 -28.68 -30.96
C5 MAN L . -42.77 -28.47 -31.54
C6 MAN L . -42.07 -27.09 -31.19
O2 MAN L . -44.10 -29.73 -28.37
O3 MAN L . -45.75 -30.71 -30.73
O4 MAN L . -45.14 -28.31 -31.90
O5 MAN L . -41.92 -29.61 -31.04
O6 MAN L . -42.61 -25.94 -31.95
C1 MAN L . -46.54 -31.13 -29.60
C2 MAN L . -46.48 -32.68 -29.28
C3 MAN L . -47.26 -32.97 -27.97
C4 MAN L . -48.08 -31.72 -27.61
C5 MAN L . -48.87 -31.37 -28.90
C6 MAN L . -50.02 -30.40 -28.69
O2 MAN L . -45.15 -33.21 -29.09
O3 MAN L . -46.42 -33.36 -26.90
O4 MAN L . -48.91 -31.94 -26.49
O5 MAN L . -47.91 -30.78 -29.86
O6 MAN L . -49.88 -29.88 -27.37
C1 NAG M . -29.94 26.86 13.88
C2 NAG M . -30.77 27.21 12.64
C3 NAG M . -31.46 28.56 12.82
C4 NAG M . -32.24 28.62 14.13
C5 NAG M . -31.37 28.19 15.31
C6 NAG M . -32.15 28.02 16.58
C7 NAG M . -29.95 26.19 10.56
C8 NAG M . -30.80 24.99 10.92
N2 NAG M . -29.97 27.20 11.43
O3 NAG M . -32.37 28.76 11.74
O4 NAG M . -32.77 29.94 14.31
O5 NAG M . -30.77 26.90 15.05
O6 NAG M . -33.23 27.13 16.38
O7 NAG M . -29.27 26.22 9.54
C1 FUC M . -33.07 25.93 17.14
C2 FUC M . -34.50 25.58 17.55
C3 FUC M . -35.05 24.35 16.82
C4 FUC M . -34.11 23.12 16.96
C5 FUC M . -32.64 23.51 16.74
C6 FUC M . -31.79 23.28 17.97
O2 FUC M . -35.34 26.71 17.33
O3 FUC M . -36.33 24.00 17.39
O4 FUC M . -34.28 22.48 18.25
O5 FUC M . -32.44 24.91 16.36
C1 NAG N . 16.56 30.09 -27.94
C2 NAG N . 16.57 29.49 -29.39
C3 NAG N . 17.67 30.07 -30.35
C4 NAG N . 18.63 31.11 -29.78
C5 NAG N . 18.64 31.12 -28.28
C6 NAG N . 19.43 32.25 -27.64
C7 NAG N . 15.67 27.19 -29.15
C8 NAG N . 16.01 25.72 -29.15
N2 NAG N . 16.70 28.04 -29.34
O3 NAG N . 17.05 30.62 -31.50
O4 NAG N . 19.94 30.83 -30.25
O5 NAG N . 17.28 31.31 -27.91
O6 NAG N . 19.35 32.18 -26.23
O7 NAG N . 14.52 27.58 -29.02
C1 NAG O . 1.37 29.82 -32.46
C2 NAG O . 1.49 28.96 -33.70
C3 NAG O . 0.64 29.54 -34.84
C4 NAG O . -0.81 29.64 -34.39
C5 NAG O . -0.89 30.50 -33.13
C6 NAG O . -2.28 30.57 -32.55
C7 NAG O . 3.53 27.65 -34.22
C8 NAG O . 4.98 27.73 -34.60
N2 NAG O . 2.89 28.83 -34.10
O3 NAG O . 0.73 28.74 -36.01
O4 NAG O . -1.66 30.13 -35.43
O5 NAG O . -0.05 29.95 -32.10
O6 NAG O . -2.81 29.26 -32.38
O7 NAG O . 2.96 26.57 -34.06
C1 NAG P . -18.83 18.99 -5.49
C2 NAG P . -19.97 18.17 -4.90
C3 NAG P . -19.83 16.69 -5.27
C4 NAG P . -19.74 16.55 -6.78
C5 NAG P . -18.59 17.40 -7.31
C6 NAG P . -18.48 17.37 -8.83
C7 NAG P . -20.95 19.11 -2.84
C8 NAG P . -21.90 19.85 -3.74
N2 NAG P . -20.06 18.32 -3.45
O3 NAG P . -20.95 15.98 -4.78
O4 NAG P . -19.57 15.17 -7.11
O5 NAG P . -18.76 18.77 -6.93
O6 NAG P . -19.49 18.14 -9.46
O7 NAG P . -20.99 19.22 -1.62
C1 NAG Q . -17.35 42.22 -19.00
C2 NAG Q . -17.27 40.78 -19.56
C3 NAG Q . -18.33 40.55 -20.63
C4 NAG Q . -19.71 40.98 -20.18
C5 NAG Q . -19.70 42.41 -19.65
C6 NAG Q . -21.03 42.78 -19.06
C7 NAG Q . -15.02 39.84 -19.36
C8 NAG Q . -13.72 39.55 -20.06
N2 NAG Q . -15.94 40.48 -20.08
O3 NAG Q . -18.36 39.14 -20.88
O4 NAG Q . -20.64 40.93 -21.26
O5 NAG Q . -18.73 42.51 -18.60
O6 NAG Q . -20.96 44.03 -18.37
O7 NAG Q . -15.21 39.52 -18.19
ZN ZN R . -5.52 34.08 -9.48
ZN ZN S . -4.23 31.19 -11.08
ZN ZN T . 18.72 12.62 -3.37
O4 MMS U . -7.77 32.14 -10.53
C1 MMS U . -14.43 32.03 -10.77
O1 MMS U . -14.83 32.84 -9.88
O2 MMS U . -15.26 31.31 -11.39
N1 MMS U . -12.75 31.01 -12.24
C2 MMS U . -12.94 31.90 -11.09
C3 MMS U . -12.44 33.30 -11.41
N2 MMS U . -11.05 33.33 -11.79
C8 MMS U . -10.03 32.68 -10.93
C4 MMS U . -10.65 34.05 -13.03
C7 MMS U . -8.76 32.73 -11.30
C5 MMS U . -9.37 34.11 -13.39
C6 MMS U . -8.33 33.45 -12.54
O3 MMS U . -7.18 33.48 -12.81
C1 NAG V . 15.66 -8.79 17.68
C2 NAG V . 14.16 -9.22 17.60
C3 NAG V . 13.34 -8.94 18.90
C4 NAG V . 13.96 -8.00 19.94
C5 NAG V . 15.27 -7.42 19.45
C6 NAG V . 16.09 -6.77 20.54
C7 NAG V . 13.35 -9.26 15.24
C8 NAG V . 12.68 -8.47 14.16
N2 NAG V . 13.51 -8.63 16.42
O3 NAG V . 13.07 -10.19 19.52
O4 NAG V . 13.07 -6.95 20.31
O5 NAG V . 16.01 -8.51 18.96
O6 NAG V . 17.12 -5.94 20.03
O7 NAG V . 13.70 -10.43 15.07
C1 NAG W . 40.75 -30.44 0.86
C2 NAG W . 39.41 -30.32 0.11
C3 NAG W . 38.88 -31.70 -0.29
C4 NAG W . 39.94 -32.52 -1.01
C5 NAG W . 41.22 -32.55 -0.21
C6 NAG W . 42.35 -33.22 -0.95
C7 NAG W . 38.16 -28.32 0.76
C8 NAG W . 37.11 -27.74 1.64
N2 NAG W . 38.42 -29.62 0.91
O3 NAG W . 37.76 -31.50 -1.17
O4 NAG W . 39.50 -33.86 -1.23
O5 NAG W . 41.66 -31.20 0.10
O6 NAG W . 43.60 -32.89 -0.38
O7 NAG W . 38.77 -27.65 -0.07
ZN ZN X . 33.88 -13.00 -1.82
ZN ZN Y . 37.35 -13.68 -1.45
O4 MMS Z . 35.86 -15.48 -3.55
C1 MMS Z . 37.71 -20.35 -7.55
O1 MMS Z . 36.96 -21.03 -8.30
O2 MMS Z . 38.96 -20.35 -7.72
N1 MMS Z . 35.64 -19.71 -6.43
C2 MMS Z . 37.07 -19.48 -6.46
C3 MMS Z . 37.71 -19.79 -5.09
N2 MMS Z . 37.06 -18.97 -4.07
C8 MMS Z . 36.78 -17.52 -4.34
C4 MMS Z . 36.68 -19.58 -2.79
C7 MMS Z . 36.17 -16.82 -3.39
C5 MMS Z . 36.10 -18.88 -1.84
C6 MMS Z . 35.80 -17.44 -2.09
O3 MMS Z . 35.27 -16.78 -1.27
C1 NAG AA . -28.07 -42.09 -3.60
C2 NAG AA . -28.94 -40.91 -4.09
C3 NAG AA . -30.30 -40.90 -3.39
C4 NAG AA . -31.00 -42.23 -3.56
C5 NAG AA . -30.13 -43.33 -2.98
C6 NAG AA . -30.77 -44.69 -3.14
C7 NAG AA . -27.50 -39.07 -4.81
C8 NAG AA . -26.92 -37.74 -4.45
N2 NAG AA . -28.26 -39.64 -3.89
O3 NAG AA . -31.10 -39.86 -3.95
O4 NAG AA . -32.28 -42.27 -2.93
O5 NAG AA . -28.86 -43.35 -3.67
O6 NAG AA . -29.82 -45.70 -3.46
O7 NAG AA . -27.29 -39.60 -5.89
ZN ZN BA . -17.91 -34.32 -15.17
ZN ZN CA . -18.89 -30.88 -15.74
O4 MMS DA . -21.18 -34.00 -15.84
C1 MMS DA . -26.37 -37.74 -15.95
O1 MMS DA . -27.57 -37.37 -16.12
O2 MMS DA . -26.03 -38.96 -16.02
N1 MMS DA . -25.97 -35.38 -15.61
C2 MMS DA . -25.32 -36.69 -15.66
C3 MMS DA . -24.63 -37.06 -14.34
N2 MMS DA . -23.65 -36.05 -14.01
C8 MMS DA . -22.83 -35.45 -15.09
C4 MMS DA . -23.46 -35.60 -12.60
C7 MMS DA . -21.95 -34.54 -14.79
C5 MMS DA . -22.57 -34.69 -12.30
C6 MMS DA . -21.74 -34.08 -13.37
O3 MMS DA . -20.94 -33.26 -13.07
C1 NAG EA . -24.33 21.45 39.19
C2 NAG EA . -25.51 22.47 39.36
C3 NAG EA . -25.07 23.82 40.02
C4 NAG EA . -23.96 23.67 41.04
C5 NAG EA . -22.86 22.85 40.39
C6 NAG EA . -21.59 22.71 41.19
C7 NAG EA . -26.92 21.95 37.41
C8 NAG EA . -27.33 22.41 36.03
N2 NAG EA . -26.07 22.75 38.05
O3 NAG EA . -26.19 24.45 40.62
O4 NAG EA . -23.48 24.96 41.41
O5 NAG EA . -23.42 21.56 40.25
O6 NAG EA . -20.53 22.21 40.36
O7 NAG EA . -27.36 20.92 37.91
C1 NAG FA . -35.62 10.32 38.36
C2 NAG FA . -36.85 11.18 38.67
C3 NAG FA . -37.66 10.53 39.78
C4 NAG FA . -38.06 9.12 39.35
C5 NAG FA . -36.82 8.30 38.97
C6 NAG FA . -37.17 6.97 38.36
C7 NAG FA . -36.85 13.60 38.26
C8 NAG FA . -36.42 14.94 38.76
N2 NAG FA . -36.50 12.54 39.01
O3 NAG FA . -38.81 11.31 40.04
O4 NAG FA . -38.79 8.46 40.39
O5 NAG FA . -36.04 9.00 37.97
O6 NAG FA . -38.19 7.09 37.38
O7 NAG FA . -37.50 13.46 37.22
C1 NAG GA . -32.25 -9.84 9.70
C2 NAG GA . -32.94 -10.61 8.56
C3 NAG GA . -33.91 -9.70 7.80
C4 NAG GA . -34.89 -9.05 8.76
C5 NAG GA . -34.11 -8.28 9.82
C6 NAG GA . -35.00 -7.59 10.84
C7 NAG GA . -31.56 -12.46 7.70
C8 NAG GA . -32.22 -13.32 8.72
N2 NAG GA . -31.94 -11.17 7.65
O3 NAG GA . -34.61 -10.45 6.82
O4 NAG GA . -35.81 -8.20 8.07
O5 NAG GA . -33.26 -9.19 10.53
O6 NAG GA . -35.71 -8.50 11.66
O7 NAG GA . -30.71 -12.91 6.93
C1 NAG HA . -29.94 -15.09 35.77
C2 NAG HA . -31.05 -14.30 35.05
C3 NAG HA . -32.43 -14.78 35.53
C4 NAG HA . -32.56 -16.29 35.34
C5 NAG HA . -31.43 -17.00 36.06
C6 NAG HA . -31.42 -18.49 35.79
C7 NAG HA . -30.05 -12.12 34.55
C8 NAG HA . -30.07 -10.66 34.87
N2 NAG HA . -30.91 -12.87 35.26
O3 NAG HA . -33.43 -14.12 34.77
O4 NAG HA . -33.81 -16.76 35.81
O5 NAG HA . -30.16 -16.49 35.61
O6 NAG HA . -30.22 -19.08 36.27
O7 NAG HA . -29.31 -12.60 33.71
ZN ZN IA . -22.59 -1.56 24.99
ZN ZN JA . -20.79 -4.45 25.80
O4 MMS KA . -23.75 -5.01 24.52
C1 MMS KA . -27.29 -10.57 23.57
O1 MMS KA . -28.44 -10.74 23.10
O2 MMS KA . -26.57 -11.58 23.80
N1 MMS KA . -27.88 -8.25 24.11
C2 MMS KA . -26.77 -9.16 23.90
C3 MMS KA . -25.95 -9.28 25.17
N2 MMS KA . -25.56 -8.00 25.72
C8 MMS KA . -24.82 -7.04 24.87
C4 MMS KA . -25.87 -7.64 27.14
C7 MMS KA . -24.45 -5.88 25.36
C5 MMS KA . -25.51 -6.46 27.65
C6 MMS KA . -24.75 -5.50 26.78
O3 MMS KA . -24.42 -4.44 27.21
#